data_1JSF
# 
_entry.id   1JSF 
# 
_audit_conform.dict_name       mmcif_pdbx.dic 
_audit_conform.dict_version    5.398 
_audit_conform.dict_location   http://mmcif.pdb.org/dictionaries/ascii/mmcif_pdbx.dic 
# 
loop_
_database_2.database_id 
_database_2.database_code 
_database_2.pdbx_database_accession 
_database_2.pdbx_DOI 
PDB   1JSF         pdb_00001jsf 10.2210/pdb1jsf/pdb 
WWPDB D_1000174366 ?            ?                   
# 
loop_
_pdbx_audit_revision_history.ordinal 
_pdbx_audit_revision_history.data_content_type 
_pdbx_audit_revision_history.major_revision 
_pdbx_audit_revision_history.minor_revision 
_pdbx_audit_revision_history.revision_date 
1 'Structure model' 1 0 1998-04-29 
2 'Structure model' 1 1 2008-03-24 
3 'Structure model' 1 2 2011-07-13 
4 'Structure model' 1 3 2021-03-10 
5 'Structure model' 1 4 2023-08-09 
6 'Structure model' 1 5 2024-11-06 
# 
_pdbx_audit_revision_details.ordinal             1 
_pdbx_audit_revision_details.revision_ordinal    1 
_pdbx_audit_revision_details.data_content_type   'Structure model' 
_pdbx_audit_revision_details.provider            repository 
_pdbx_audit_revision_details.type                'Initial release' 
_pdbx_audit_revision_details.description         ? 
_pdbx_audit_revision_details.details             ? 
# 
loop_
_pdbx_audit_revision_group.ordinal 
_pdbx_audit_revision_group.revision_ordinal 
_pdbx_audit_revision_group.data_content_type 
_pdbx_audit_revision_group.group 
1 2 'Structure model' 'Version format compliance' 
2 3 'Structure model' 'Version format compliance' 
3 4 'Structure model' Advisory                    
4 4 'Structure model' 'Derived calculations'      
5 4 'Structure model' Other                       
6 5 'Structure model' 'Database references'       
7 5 'Structure model' 'Refinement description'    
8 6 'Structure model' 'Data collection'           
9 6 'Structure model' 'Structure summary'         
# 
loop_
_pdbx_audit_revision_category.ordinal 
_pdbx_audit_revision_category.revision_ordinal 
_pdbx_audit_revision_category.data_content_type 
_pdbx_audit_revision_category.category 
1  4 'Structure model' pdbx_database_status          
2  4 'Structure model' pdbx_distant_solvent_atoms    
3  4 'Structure model' struct_conn                   
4  4 'Structure model' struct_conn_type              
5  4 'Structure model' struct_site                   
6  5 'Structure model' database_2                    
7  5 'Structure model' pdbx_initial_refinement_model 
8  6 'Structure model' chem_comp_atom                
9  6 'Structure model' chem_comp_bond                
10 6 'Structure model' pdbx_entry_details            
11 6 'Structure model' pdbx_modification_feature     
# 
loop_
_pdbx_audit_revision_item.ordinal 
_pdbx_audit_revision_item.revision_ordinal 
_pdbx_audit_revision_item.data_content_type 
_pdbx_audit_revision_item.item 
1 4 'Structure model' '_pdbx_database_status.process_site'  
2 4 'Structure model' '_struct_site.pdbx_auth_asym_id'      
3 4 'Structure model' '_struct_site.pdbx_auth_comp_id'      
4 4 'Structure model' '_struct_site.pdbx_auth_seq_id'       
5 5 'Structure model' '_database_2.pdbx_DOI'                
6 5 'Structure model' '_database_2.pdbx_database_accession' 
# 
_pdbx_database_status.status_code                     REL 
_pdbx_database_status.entry_id                        1JSF 
_pdbx_database_status.recvd_initial_deposition_date   1998-01-05 
_pdbx_database_status.deposit_site                    ? 
_pdbx_database_status.process_site                    BNL 
_pdbx_database_status.status_code_sf                  REL 
_pdbx_database_status.status_code_mr                  ? 
_pdbx_database_status.SG_entry                        ? 
_pdbx_database_status.pdb_format_compatible           Y 
_pdbx_database_status.status_code_cs                  ? 
_pdbx_database_status.status_code_nmr_data            ? 
_pdbx_database_status.methods_development_category    ? 
# 
loop_
_audit_author.name 
_audit_author.pdbx_ordinal 
'Harata, K.' 1 
'Abe, Y.'    2 
'Muraki, M.' 3 
# 
_citation.id                        primary 
_citation.title                     'Full-matrix least-squares refinement of lysozymes and analysis of anisotropic thermal motion.' 
_citation.journal_abbrev            Proteins 
_citation.journal_volume            30 
_citation.page_first                232 
_citation.page_last                 243 
_citation.year                      1998 
_citation.journal_id_ASTM           PSFGEY 
_citation.country                   US 
_citation.journal_id_ISSN           0887-3585 
_citation.journal_id_CSD            0867 
_citation.book_publisher            ? 
_citation.pdbx_database_id_PubMed   9517539 
_citation.pdbx_database_id_DOI      '10.1002/(SICI)1097-0134(19980215)30:3<232::AID-PROT3>3.3.CO;2-B' 
# 
loop_
_citation_author.citation_id 
_citation_author.name 
_citation_author.ordinal 
_citation_author.identifier_ORCID 
primary 'Harata, K.' 1 ? 
primary 'Abe, Y.'    2 ? 
primary 'Muraki, M.' 3 ? 
# 
loop_
_entity.id 
_entity.type 
_entity.src_method 
_entity.pdbx_description 
_entity.formula_weight 
_entity.pdbx_number_of_molecules 
_entity.pdbx_ec 
_entity.pdbx_mutation 
_entity.pdbx_fragment 
_entity.details 
1 polymer     nat LYSOZYME      14720.693 1   3.2.1.17 ? ? ? 
2 non-polymer syn 'NITRATE ION' 62.005    7   ?        ? ? ? 
3 water       nat water         18.015    150 ?        ? ? ? 
# 
_entity_poly.entity_id                      1 
_entity_poly.type                           'polypeptide(L)' 
_entity_poly.nstd_linkage                   no 
_entity_poly.nstd_monomer                   no 
_entity_poly.pdbx_seq_one_letter_code       
;KVFERCELARTLKRLGMDGYRGISLANWMCLAKWESGYNTRATNYNAGDRSTDYGIFQINSRYWCNDGKTPGAVNACHLS
CSALLQDNIADAVACAKRVVRDPQGIRAWVAWRNRCQNRDVRQYVQGCGV
;
_entity_poly.pdbx_seq_one_letter_code_can   
;KVFERCELARTLKRLGMDGYRGISLANWMCLAKWESGYNTRATNYNAGDRSTDYGIFQINSRYWCNDGKTPGAVNACHLS
CSALLQDNIADAVACAKRVVRDPQGIRAWVAWRNRCQNRDVRQYVQGCGV
;
_entity_poly.pdbx_strand_id                 A 
_entity_poly.pdbx_target_identifier         ? 
# 
loop_
_pdbx_entity_nonpoly.entity_id 
_pdbx_entity_nonpoly.name 
_pdbx_entity_nonpoly.comp_id 
2 'NITRATE ION' NO3 
3 water         HOH 
# 
loop_
_entity_poly_seq.entity_id 
_entity_poly_seq.num 
_entity_poly_seq.mon_id 
_entity_poly_seq.hetero 
1 1   LYS n 
1 2   VAL n 
1 3   PHE n 
1 4   GLU n 
1 5   ARG n 
1 6   CYS n 
1 7   GLU n 
1 8   LEU n 
1 9   ALA n 
1 10  ARG n 
1 11  THR n 
1 12  LEU n 
1 13  LYS n 
1 14  ARG n 
1 15  LEU n 
1 16  GLY n 
1 17  MET n 
1 18  ASP n 
1 19  GLY n 
1 20  TYR n 
1 21  ARG n 
1 22  GLY n 
1 23  ILE n 
1 24  SER n 
1 25  LEU n 
1 26  ALA n 
1 27  ASN n 
1 28  TRP n 
1 29  MET n 
1 30  CYS n 
1 31  LEU n 
1 32  ALA n 
1 33  LYS n 
1 34  TRP n 
1 35  GLU n 
1 36  SER n 
1 37  GLY n 
1 38  TYR n 
1 39  ASN n 
1 40  THR n 
1 41  ARG n 
1 42  ALA n 
1 43  THR n 
1 44  ASN n 
1 45  TYR n 
1 46  ASN n 
1 47  ALA n 
1 48  GLY n 
1 49  ASP n 
1 50  ARG n 
1 51  SER n 
1 52  THR n 
1 53  ASP n 
1 54  TYR n 
1 55  GLY n 
1 56  ILE n 
1 57  PHE n 
1 58  GLN n 
1 59  ILE n 
1 60  ASN n 
1 61  SER n 
1 62  ARG n 
1 63  TYR n 
1 64  TRP n 
1 65  CYS n 
1 66  ASN n 
1 67  ASP n 
1 68  GLY n 
1 69  LYS n 
1 70  THR n 
1 71  PRO n 
1 72  GLY n 
1 73  ALA n 
1 74  VAL n 
1 75  ASN n 
1 76  ALA n 
1 77  CYS n 
1 78  HIS n 
1 79  LEU n 
1 80  SER n 
1 81  CYS n 
1 82  SER n 
1 83  ALA n 
1 84  LEU n 
1 85  LEU n 
1 86  GLN n 
1 87  ASP n 
1 88  ASN n 
1 89  ILE n 
1 90  ALA n 
1 91  ASP n 
1 92  ALA n 
1 93  VAL n 
1 94  ALA n 
1 95  CYS n 
1 96  ALA n 
1 97  LYS n 
1 98  ARG n 
1 99  VAL n 
1 100 VAL n 
1 101 ARG n 
1 102 ASP n 
1 103 PRO n 
1 104 GLN n 
1 105 GLY n 
1 106 ILE n 
1 107 ARG n 
1 108 ALA n 
1 109 TRP n 
1 110 VAL n 
1 111 ALA n 
1 112 TRP n 
1 113 ARG n 
1 114 ASN n 
1 115 ARG n 
1 116 CYS n 
1 117 GLN n 
1 118 ASN n 
1 119 ARG n 
1 120 ASP n 
1 121 VAL n 
1 122 ARG n 
1 123 GLN n 
1 124 TYR n 
1 125 VAL n 
1 126 GLN n 
1 127 GLY n 
1 128 CYS n 
1 129 GLY n 
1 130 VAL n 
# 
_entity_src_nat.entity_id                  1 
_entity_src_nat.pdbx_src_id                1 
_entity_src_nat.pdbx_alt_source_flag       sample 
_entity_src_nat.pdbx_beg_seq_num           ? 
_entity_src_nat.pdbx_end_seq_num           ? 
_entity_src_nat.common_name                human 
_entity_src_nat.pdbx_organism_scientific   'Homo sapiens' 
_entity_src_nat.pdbx_ncbi_taxonomy_id      9606 
_entity_src_nat.genus                      Homo 
_entity_src_nat.species                    ? 
_entity_src_nat.strain                     ? 
_entity_src_nat.tissue                     ? 
_entity_src_nat.tissue_fraction            ? 
_entity_src_nat.pdbx_secretion             ? 
_entity_src_nat.pdbx_fragment              ? 
_entity_src_nat.pdbx_variant               ? 
_entity_src_nat.pdbx_cell_line             ? 
_entity_src_nat.pdbx_atcc                  ? 
_entity_src_nat.pdbx_cellular_location     ? 
_entity_src_nat.pdbx_organ                 PLACENTA 
_entity_src_nat.pdbx_organelle             ? 
_entity_src_nat.pdbx_cell                  ? 
_entity_src_nat.pdbx_plasmid_name          ? 
_entity_src_nat.pdbx_plasmid_details       ? 
_entity_src_nat.details                    ? 
# 
loop_
_chem_comp.id 
_chem_comp.type 
_chem_comp.mon_nstd_flag 
_chem_comp.name 
_chem_comp.pdbx_synonyms 
_chem_comp.formula 
_chem_comp.formula_weight 
ALA 'L-peptide linking' y ALANINE         ? 'C3 H7 N O2'     89.093  
ARG 'L-peptide linking' y ARGININE        ? 'C6 H15 N4 O2 1' 175.209 
ASN 'L-peptide linking' y ASPARAGINE      ? 'C4 H8 N2 O3'    132.118 
ASP 'L-peptide linking' y 'ASPARTIC ACID' ? 'C4 H7 N O4'     133.103 
CYS 'L-peptide linking' y CYSTEINE        ? 'C3 H7 N O2 S'   121.158 
GLN 'L-peptide linking' y GLUTAMINE       ? 'C5 H10 N2 O3'   146.144 
GLU 'L-peptide linking' y 'GLUTAMIC ACID' ? 'C5 H9 N O4'     147.129 
GLY 'peptide linking'   y GLYCINE         ? 'C2 H5 N O2'     75.067  
HIS 'L-peptide linking' y HISTIDINE       ? 'C6 H10 N3 O2 1' 156.162 
HOH non-polymer         . WATER           ? 'H2 O'           18.015  
ILE 'L-peptide linking' y ISOLEUCINE      ? 'C6 H13 N O2'    131.173 
LEU 'L-peptide linking' y LEUCINE         ? 'C6 H13 N O2'    131.173 
LYS 'L-peptide linking' y LYSINE          ? 'C6 H15 N2 O2 1' 147.195 
MET 'L-peptide linking' y METHIONINE      ? 'C5 H11 N O2 S'  149.211 
NO3 non-polymer         . 'NITRATE ION'   ? 'N O3 -1'        62.005  
PHE 'L-peptide linking' y PHENYLALANINE   ? 'C9 H11 N O2'    165.189 
PRO 'L-peptide linking' y PROLINE         ? 'C5 H9 N O2'     115.130 
SER 'L-peptide linking' y SERINE          ? 'C3 H7 N O3'     105.093 
THR 'L-peptide linking' y THREONINE       ? 'C4 H9 N O3'     119.119 
TRP 'L-peptide linking' y TRYPTOPHAN      ? 'C11 H12 N2 O2'  204.225 
TYR 'L-peptide linking' y TYROSINE        ? 'C9 H11 N O3'    181.189 
VAL 'L-peptide linking' y VALINE          ? 'C5 H11 N O2'    117.146 
# 
loop_
_pdbx_poly_seq_scheme.asym_id 
_pdbx_poly_seq_scheme.entity_id 
_pdbx_poly_seq_scheme.seq_id 
_pdbx_poly_seq_scheme.mon_id 
_pdbx_poly_seq_scheme.ndb_seq_num 
_pdbx_poly_seq_scheme.pdb_seq_num 
_pdbx_poly_seq_scheme.auth_seq_num 
_pdbx_poly_seq_scheme.pdb_mon_id 
_pdbx_poly_seq_scheme.auth_mon_id 
_pdbx_poly_seq_scheme.pdb_strand_id 
_pdbx_poly_seq_scheme.pdb_ins_code 
_pdbx_poly_seq_scheme.hetero 
A 1 1   LYS 1   1   1   LYS LYS A . n 
A 1 2   VAL 2   2   2   VAL VAL A . n 
A 1 3   PHE 3   3   3   PHE PHE A . n 
A 1 4   GLU 4   4   4   GLU GLU A . n 
A 1 5   ARG 5   5   5   ARG ARG A . n 
A 1 6   CYS 6   6   6   CYS CYS A . n 
A 1 7   GLU 7   7   7   GLU GLU A . n 
A 1 8   LEU 8   8   8   LEU LEU A . n 
A 1 9   ALA 9   9   9   ALA ALA A . n 
A 1 10  ARG 10  10  10  ARG ARG A . n 
A 1 11  THR 11  11  11  THR THR A . n 
A 1 12  LEU 12  12  12  LEU LEU A . n 
A 1 13  LYS 13  13  13  LYS LYS A . n 
A 1 14  ARG 14  14  14  ARG ARG A . n 
A 1 15  LEU 15  15  15  LEU LEU A . n 
A 1 16  GLY 16  16  16  GLY GLY A . n 
A 1 17  MET 17  17  17  MET MET A . n 
A 1 18  ASP 18  18  18  ASP ASP A . n 
A 1 19  GLY 19  19  19  GLY GLY A . n 
A 1 20  TYR 20  20  20  TYR TYR A . n 
A 1 21  ARG 21  21  21  ARG ARG A . n 
A 1 22  GLY 22  22  22  GLY GLY A . n 
A 1 23  ILE 23  23  23  ILE ILE A . n 
A 1 24  SER 24  24  24  SER SER A . n 
A 1 25  LEU 25  25  25  LEU LEU A . n 
A 1 26  ALA 26  26  26  ALA ALA A . n 
A 1 27  ASN 27  27  27  ASN ASN A . n 
A 1 28  TRP 28  28  28  TRP TRP A . n 
A 1 29  MET 29  29  29  MET MET A . n 
A 1 30  CYS 30  30  30  CYS CYS A . n 
A 1 31  LEU 31  31  31  LEU LEU A . n 
A 1 32  ALA 32  32  32  ALA ALA A . n 
A 1 33  LYS 33  33  33  LYS LYS A . n 
A 1 34  TRP 34  34  34  TRP TRP A . n 
A 1 35  GLU 35  35  35  GLU GLU A . n 
A 1 36  SER 36  36  36  SER SER A . n 
A 1 37  GLY 37  37  37  GLY GLY A . n 
A 1 38  TYR 38  38  38  TYR TYR A . n 
A 1 39  ASN 39  39  39  ASN ASN A . n 
A 1 40  THR 40  40  40  THR THR A . n 
A 1 41  ARG 41  41  41  ARG ARG A . n 
A 1 42  ALA 42  42  42  ALA ALA A . n 
A 1 43  THR 43  43  43  THR THR A . n 
A 1 44  ASN 44  44  44  ASN ASN A . n 
A 1 45  TYR 45  45  45  TYR TYR A . n 
A 1 46  ASN 46  46  46  ASN ASN A . n 
A 1 47  ALA 47  47  47  ALA ALA A . n 
A 1 48  GLY 48  48  48  GLY GLY A . n 
A 1 49  ASP 49  49  49  ASP ASP A . n 
A 1 50  ARG 50  50  50  ARG ARG A . n 
A 1 51  SER 51  51  51  SER SER A . n 
A 1 52  THR 52  52  52  THR THR A . n 
A 1 53  ASP 53  53  53  ASP ASP A . n 
A 1 54  TYR 54  54  54  TYR TYR A . n 
A 1 55  GLY 55  55  55  GLY GLY A . n 
A 1 56  ILE 56  56  56  ILE ILE A . n 
A 1 57  PHE 57  57  57  PHE PHE A . n 
A 1 58  GLN 58  58  58  GLN GLN A . n 
A 1 59  ILE 59  59  59  ILE ILE A . n 
A 1 60  ASN 60  60  60  ASN ASN A . n 
A 1 61  SER 61  61  61  SER SER A . n 
A 1 62  ARG 62  62  62  ARG ARG A . n 
A 1 63  TYR 63  63  63  TYR TYR A . n 
A 1 64  TRP 64  64  64  TRP TRP A . n 
A 1 65  CYS 65  65  65  CYS CYS A . n 
A 1 66  ASN 66  66  66  ASN ASN A . n 
A 1 67  ASP 67  67  67  ASP ASP A . n 
A 1 68  GLY 68  68  68  GLY GLY A . n 
A 1 69  LYS 69  69  69  LYS LYS A . n 
A 1 70  THR 70  70  70  THR THR A . n 
A 1 71  PRO 71  71  71  PRO PRO A . n 
A 1 72  GLY 72  72  72  GLY GLY A . n 
A 1 73  ALA 73  73  73  ALA ALA A . n 
A 1 74  VAL 74  74  74  VAL VAL A . n 
A 1 75  ASN 75  75  75  ASN ASN A . n 
A 1 76  ALA 76  76  76  ALA ALA A . n 
A 1 77  CYS 77  77  77  CYS CYS A . n 
A 1 78  HIS 78  78  78  HIS HIS A . n 
A 1 79  LEU 79  79  79  LEU LEU A . n 
A 1 80  SER 80  80  80  SER SER A . n 
A 1 81  CYS 81  81  81  CYS CYS A . n 
A 1 82  SER 82  82  82  SER SER A . n 
A 1 83  ALA 83  83  83  ALA ALA A . n 
A 1 84  LEU 84  84  84  LEU LEU A . n 
A 1 85  LEU 85  85  85  LEU LEU A . n 
A 1 86  GLN 86  86  86  GLN GLN A . n 
A 1 87  ASP 87  87  87  ASP ASP A . n 
A 1 88  ASN 88  88  88  ASN ASN A . n 
A 1 89  ILE 89  89  89  ILE ILE A . n 
A 1 90  ALA 90  90  90  ALA ALA A . n 
A 1 91  ASP 91  91  91  ASP ASP A . n 
A 1 92  ALA 92  92  92  ALA ALA A . n 
A 1 93  VAL 93  93  93  VAL VAL A . n 
A 1 94  ALA 94  94  94  ALA ALA A . n 
A 1 95  CYS 95  95  95  CYS CYS A . n 
A 1 96  ALA 96  96  96  ALA ALA A . n 
A 1 97  LYS 97  97  97  LYS LYS A . n 
A 1 98  ARG 98  98  98  ARG ARG A . n 
A 1 99  VAL 99  99  99  VAL VAL A . n 
A 1 100 VAL 100 100 100 VAL VAL A . n 
A 1 101 ARG 101 101 101 ARG ARG A . n 
A 1 102 ASP 102 102 102 ASP ASP A . n 
A 1 103 PRO 103 103 103 PRO PRO A . n 
A 1 104 GLN 104 104 104 GLN GLN A . n 
A 1 105 GLY 105 105 105 GLY GLY A . n 
A 1 106 ILE 106 106 106 ILE ILE A . n 
A 1 107 ARG 107 107 107 ARG ARG A . n 
A 1 108 ALA 108 108 108 ALA ALA A . n 
A 1 109 TRP 109 109 109 TRP TRP A . n 
A 1 110 VAL 110 110 110 VAL VAL A . n 
A 1 111 ALA 111 111 111 ALA ALA A . n 
A 1 112 TRP 112 112 112 TRP TRP A . n 
A 1 113 ARG 113 113 113 ARG ARG A . n 
A 1 114 ASN 114 114 114 ASN ASN A . n 
A 1 115 ARG 115 115 115 ARG ARG A . n 
A 1 116 CYS 116 116 116 CYS CYS A . n 
A 1 117 GLN 117 117 117 GLN GLN A . n 
A 1 118 ASN 118 118 118 ASN ASN A . n 
A 1 119 ARG 119 119 119 ARG ARG A . n 
A 1 120 ASP 120 120 120 ASP ASP A . n 
A 1 121 VAL 121 121 121 VAL VAL A . n 
A 1 122 ARG 122 122 122 ARG ARG A . n 
A 1 123 GLN 123 123 123 GLN GLN A . n 
A 1 124 TYR 124 124 124 TYR TYR A . n 
A 1 125 VAL 125 125 125 VAL VAL A . n 
A 1 126 GLN 126 126 126 GLN GLN A . n 
A 1 127 GLY 127 127 127 GLY GLY A . n 
A 1 128 CYS 128 128 128 CYS CYS A . n 
A 1 129 GLY 129 129 129 GLY GLY A . n 
A 1 130 VAL 130 130 130 VAL VAL A . n 
# 
loop_
_pdbx_nonpoly_scheme.asym_id 
_pdbx_nonpoly_scheme.entity_id 
_pdbx_nonpoly_scheme.mon_id 
_pdbx_nonpoly_scheme.ndb_seq_num 
_pdbx_nonpoly_scheme.pdb_seq_num 
_pdbx_nonpoly_scheme.auth_seq_num 
_pdbx_nonpoly_scheme.pdb_mon_id 
_pdbx_nonpoly_scheme.auth_mon_id 
_pdbx_nonpoly_scheme.pdb_strand_id 
_pdbx_nonpoly_scheme.pdb_ins_code 
B 2 NO3 1   131 131 NO3 NO3 A . 
C 2 NO3 1   132 132 NO3 NO3 A . 
D 2 NO3 1   133 133 NO3 NO3 A . 
E 2 NO3 1   134 134 NO3 NO3 A . 
F 2 NO3 1   135 135 NO3 NO3 A . 
G 2 NO3 1   136 136 NO3 NO3 A . 
H 2 NO3 1   137 137 NO3 NO3 A . 
I 3 HOH 1   138 138 HOH HOH A . 
I 3 HOH 2   139 139 HOH HOH A . 
I 3 HOH 3   140 140 HOH HOH A . 
I 3 HOH 4   141 141 HOH HOH A . 
I 3 HOH 5   142 142 HOH HOH A . 
I 3 HOH 6   143 143 HOH HOH A . 
I 3 HOH 7   144 144 HOH HOH A . 
I 3 HOH 8   145 145 HOH HOH A . 
I 3 HOH 9   146 146 HOH HOH A . 
I 3 HOH 10  147 147 HOH HOH A . 
I 3 HOH 11  148 148 HOH HOH A . 
I 3 HOH 12  149 149 HOH HOH A . 
I 3 HOH 13  150 150 HOH HOH A . 
I 3 HOH 14  151 151 HOH HOH A . 
I 3 HOH 15  152 152 HOH HOH A . 
I 3 HOH 16  153 153 HOH HOH A . 
I 3 HOH 17  154 154 HOH HOH A . 
I 3 HOH 18  155 155 HOH HOH A . 
I 3 HOH 19  156 156 HOH HOH A . 
I 3 HOH 20  157 157 HOH HOH A . 
I 3 HOH 21  158 158 HOH HOH A . 
I 3 HOH 22  159 159 HOH HOH A . 
I 3 HOH 23  160 160 HOH HOH A . 
I 3 HOH 24  161 161 HOH HOH A . 
I 3 HOH 25  162 162 HOH HOH A . 
I 3 HOH 26  163 163 HOH HOH A . 
I 3 HOH 27  164 164 HOH HOH A . 
I 3 HOH 28  165 165 HOH HOH A . 
I 3 HOH 29  166 166 HOH HOH A . 
I 3 HOH 30  167 167 HOH HOH A . 
I 3 HOH 31  168 168 HOH HOH A . 
I 3 HOH 32  169 169 HOH HOH A . 
I 3 HOH 33  170 170 HOH HOH A . 
I 3 HOH 34  171 171 HOH HOH A . 
I 3 HOH 35  172 172 HOH HOH A . 
I 3 HOH 36  173 173 HOH HOH A . 
I 3 HOH 37  174 174 HOH HOH A . 
I 3 HOH 38  175 175 HOH HOH A . 
I 3 HOH 39  176 176 HOH HOH A . 
I 3 HOH 40  177 177 HOH HOH A . 
I 3 HOH 41  178 178 HOH HOH A . 
I 3 HOH 42  179 179 HOH HOH A . 
I 3 HOH 43  180 180 HOH HOH A . 
I 3 HOH 44  181 181 HOH HOH A . 
I 3 HOH 45  182 182 HOH HOH A . 
I 3 HOH 46  183 183 HOH HOH A . 
I 3 HOH 47  184 184 HOH HOH A . 
I 3 HOH 48  185 185 HOH HOH A . 
I 3 HOH 49  186 186 HOH HOH A . 
I 3 HOH 50  187 187 HOH HOH A . 
I 3 HOH 51  188 188 HOH HOH A . 
I 3 HOH 52  189 189 HOH HOH A . 
I 3 HOH 53  190 190 HOH HOH A . 
I 3 HOH 54  191 191 HOH HOH A . 
I 3 HOH 55  192 192 HOH HOH A . 
I 3 HOH 56  193 193 HOH HOH A . 
I 3 HOH 57  194 194 HOH HOH A . 
I 3 HOH 58  195 195 HOH HOH A . 
I 3 HOH 59  196 196 HOH HOH A . 
I 3 HOH 60  197 197 HOH HOH A . 
I 3 HOH 61  198 198 HOH HOH A . 
I 3 HOH 62  199 199 HOH HOH A . 
I 3 HOH 63  200 200 HOH HOH A . 
I 3 HOH 64  201 201 HOH HOH A . 
I 3 HOH 65  202 202 HOH HOH A . 
I 3 HOH 66  203 203 HOH HOH A . 
I 3 HOH 67  204 204 HOH HOH A . 
I 3 HOH 68  205 205 HOH HOH A . 
I 3 HOH 69  206 206 HOH HOH A . 
I 3 HOH 70  207 207 HOH HOH A . 
I 3 HOH 71  208 208 HOH HOH A . 
I 3 HOH 72  209 209 HOH HOH A . 
I 3 HOH 73  210 210 HOH HOH A . 
I 3 HOH 74  211 211 HOH HOH A . 
I 3 HOH 75  212 212 HOH HOH A . 
I 3 HOH 76  213 213 HOH HOH A . 
I 3 HOH 77  214 214 HOH HOH A . 
I 3 HOH 78  215 215 HOH HOH A . 
I 3 HOH 79  216 216 HOH HOH A . 
I 3 HOH 80  217 217 HOH HOH A . 
I 3 HOH 81  218 218 HOH HOH A . 
I 3 HOH 82  219 219 HOH HOH A . 
I 3 HOH 83  220 220 HOH HOH A . 
I 3 HOH 84  221 221 HOH HOH A . 
I 3 HOH 85  222 222 HOH HOH A . 
I 3 HOH 86  223 223 HOH HOH A . 
I 3 HOH 87  224 224 HOH HOH A . 
I 3 HOH 88  225 225 HOH HOH A . 
I 3 HOH 89  226 226 HOH HOH A . 
I 3 HOH 90  227 227 HOH HOH A . 
I 3 HOH 91  228 228 HOH HOH A . 
I 3 HOH 92  229 229 HOH HOH A . 
I 3 HOH 93  230 230 HOH HOH A . 
I 3 HOH 94  231 231 HOH HOH A . 
I 3 HOH 95  232 232 HOH HOH A . 
I 3 HOH 96  233 233 HOH HOH A . 
I 3 HOH 97  234 234 HOH HOH A . 
I 3 HOH 98  235 235 HOH HOH A . 
I 3 HOH 99  236 236 HOH HOH A . 
I 3 HOH 100 237 237 HOH HOH A . 
I 3 HOH 101 238 238 HOH HOH A . 
I 3 HOH 102 239 239 HOH HOH A . 
I 3 HOH 103 240 240 HOH HOH A . 
I 3 HOH 104 241 241 HOH HOH A . 
I 3 HOH 105 242 242 HOH HOH A . 
I 3 HOH 106 243 243 HOH HOH A . 
I 3 HOH 107 244 244 HOH HOH A . 
I 3 HOH 108 245 245 HOH HOH A . 
I 3 HOH 109 246 246 HOH HOH A . 
I 3 HOH 110 247 247 HOH HOH A . 
I 3 HOH 111 248 248 HOH HOH A . 
I 3 HOH 112 249 249 HOH HOH A . 
I 3 HOH 113 250 250 HOH HOH A . 
I 3 HOH 114 251 251 HOH HOH A . 
I 3 HOH 115 252 252 HOH HOH A . 
I 3 HOH 116 253 253 HOH HOH A . 
I 3 HOH 117 254 254 HOH HOH A . 
I 3 HOH 118 255 255 HOH HOH A . 
I 3 HOH 119 256 256 HOH HOH A . 
I 3 HOH 120 257 257 HOH HOH A . 
I 3 HOH 121 258 258 HOH HOH A . 
I 3 HOH 122 259 259 HOH HOH A . 
I 3 HOH 123 260 260 HOH HOH A . 
I 3 HOH 124 261 261 HOH HOH A . 
I 3 HOH 125 262 262 HOH HOH A . 
I 3 HOH 126 263 263 HOH HOH A . 
I 3 HOH 127 264 264 HOH HOH A . 
I 3 HOH 128 265 265 HOH HOH A . 
I 3 HOH 129 266 266 HOH HOH A . 
I 3 HOH 130 267 267 HOH HOH A . 
I 3 HOH 131 268 268 HOH HOH A . 
I 3 HOH 132 269 269 HOH HOH A . 
I 3 HOH 133 270 270 HOH HOH A . 
I 3 HOH 134 271 271 HOH HOH A . 
I 3 HOH 135 272 272 HOH HOH A . 
I 3 HOH 136 273 273 HOH HOH A . 
I 3 HOH 137 274 274 HOH HOH A . 
I 3 HOH 138 275 275 HOH HOH A . 
I 3 HOH 139 276 276 HOH HOH A . 
I 3 HOH 140 277 277 HOH HOH A . 
I 3 HOH 141 278 278 HOH HOH A . 
I 3 HOH 142 279 279 HOH HOH A . 
I 3 HOH 143 280 280 HOH HOH A . 
I 3 HOH 144 281 281 HOH HOH A . 
I 3 HOH 145 282 282 HOH HOH A . 
I 3 HOH 146 283 283 HOH HOH A . 
I 3 HOH 147 284 284 HOH HOH A . 
I 3 HOH 148 285 285 HOH HOH A . 
I 3 HOH 149 286 286 HOH HOH A . 
I 3 HOH 150 287 287 HOH HOH A . 
# 
loop_
_software.name 
_software.classification 
_software.version 
_software.citation_id 
_software.pdbx_ordinal 
MADNES    'data collection' . ? 1  
MERGEF    'data reduction'  . ? 2  
SHELXL-93 'model building'  . ? 3  
X-PLOR    'model building'  . ? 4  
SHELXL-93 refinement        . ? 5  
X-PLOR    refinement        . ? 6  
MADNES    'data reduction'  . ? 7  
MERGEF    'data scaling'    . ? 8  
SHELXL-93 phasing           . ? 9  
X-PLOR    phasing           . ? 10 
# 
_cell.entry_id           1JSF 
_cell.length_a           57.050 
_cell.length_b           60.960 
_cell.length_c           32.960 
_cell.angle_alpha        90.00 
_cell.angle_beta         90.00 
_cell.angle_gamma        90.00 
_cell.Z_PDB              4 
_cell.pdbx_unique_axis   ? 
# 
_symmetry.entry_id                         1JSF 
_symmetry.space_group_name_H-M             'P 21 21 21' 
_symmetry.pdbx_full_space_group_name_H-M   ? 
_symmetry.cell_setting                     ? 
_symmetry.Int_Tables_number                19 
# 
_exptl.entry_id          1JSF 
_exptl.method            'X-RAY DIFFRACTION' 
_exptl.crystals_number   1 
# 
_exptl_crystal.id                    1 
_exptl_crystal.density_meas          ? 
_exptl_crystal.density_Matthews      1.94 
_exptl_crystal.density_percent_sol   36.5 
_exptl_crystal.description           ? 
# 
_exptl_crystal_grow.crystal_id      1 
_exptl_crystal_grow.method          ? 
_exptl_crystal_grow.temp            ? 
_exptl_crystal_grow.temp_details    'room temp' 
_exptl_crystal_grow.pH              4.5 
_exptl_crystal_grow.pdbx_pH_range   ? 
_exptl_crystal_grow.pdbx_details    
;3M AMMONIUM NITRATE SOLUTION WITH PH 4.5 ACETATE BUFFER AND 2% PROTEIN, VAPOR DIFFUSION OVER 5M AMMONIUM NITRATE AT ROOM TEMPERATURE.
;
# 
_diffrn.id                     1 
_diffrn.ambient_temp           285 
_diffrn.ambient_temp_details   ? 
_diffrn.crystal_id             1 
# 
_diffrn_detector.diffrn_id              1 
_diffrn_detector.detector               'AREA DETECTOR' 
_diffrn_detector.type                   ENRAF-NONIUS 
_diffrn_detector.pdbx_collection_date   1996-01 
_diffrn_detector.details                ? 
# 
_diffrn_radiation.diffrn_id                        1 
_diffrn_radiation.wavelength_id                    1 
_diffrn_radiation.pdbx_monochromatic_or_laue_m_l   M 
_diffrn_radiation.monochromator                    'GRAPHITE(002)' 
_diffrn_radiation.pdbx_diffrn_protocol             ? 
_diffrn_radiation.pdbx_scattering_type             x-ray 
# 
_diffrn_radiation_wavelength.id           1 
_diffrn_radiation_wavelength.wavelength   1.5418 
_diffrn_radiation_wavelength.wt           1.0 
# 
_diffrn_source.diffrn_id                   1 
_diffrn_source.source                      'ROTATING ANODE' 
_diffrn_source.type                        'ENRAF-NONIUS FR571' 
_diffrn_source.pdbx_synchrotron_site       ? 
_diffrn_source.pdbx_synchrotron_beamline   ? 
_diffrn_source.pdbx_wavelength             1.5418 
_diffrn_source.pdbx_wavelength_list        ? 
# 
_reflns.entry_id                     1JSF 
_reflns.observed_criterion_sigma_I   0.0 
_reflns.observed_criterion_sigma_F   ? 
_reflns.d_resolution_low             25.1 
_reflns.d_resolution_high            1.14 
_reflns.number_obs                   39326 
_reflns.number_all                   ? 
_reflns.percent_possible_obs         92.1 
_reflns.pdbx_Rmerge_I_obs            0.054 
_reflns.pdbx_Rsym_value              ? 
_reflns.pdbx_netI_over_sigmaI        6.2 
_reflns.B_iso_Wilson_estimate        ? 
_reflns.pdbx_redundancy              4.4 
_reflns.pdbx_diffrn_id               1 
_reflns.pdbx_ordinal                 1 
# 
_reflns_shell.d_res_high             1.14 
_reflns_shell.d_res_low              1.16 
_reflns_shell.percent_possible_all   43.8 
_reflns_shell.Rmerge_I_obs           0.267 
_reflns_shell.pdbx_Rsym_value        ? 
_reflns_shell.meanI_over_sigI_obs    ? 
_reflns_shell.pdbx_redundancy        ? 
_reflns_shell.pdbx_diffrn_id         ? 
_reflns_shell.pdbx_ordinal           1 
# 
_refine.entry_id                                 1JSF 
_refine.ls_number_reflns_obs                     ? 
_refine.ls_number_reflns_all                     39270 
_refine.pdbx_ls_sigma_I                          ? 
_refine.pdbx_ls_sigma_F                          0. 
_refine.pdbx_data_cutoff_high_absF               ? 
_refine.pdbx_data_cutoff_low_absF                ? 
_refine.pdbx_data_cutoff_high_rms_absF           ? 
_refine.ls_d_res_low                             25.9 
_refine.ls_d_res_high                            1.15 
_refine.ls_percent_reflns_obs                    92.1 
_refine.ls_R_factor_obs                          0.112 
_refine.ls_R_factor_all                          0.115 
_refine.ls_R_factor_R_work                       ? 
_refine.ls_R_factor_R_free                       0.157 
_refine.ls_R_factor_R_free_error                 ? 
_refine.ls_R_factor_R_free_error_details         ? 
_refine.ls_percent_reflns_R_free                 10.0 
_refine.ls_number_reflns_R_free                  ? 
_refine.ls_number_parameters                     11279 
_refine.ls_number_restraints                     13436 
_refine.occupancy_min                            ? 
_refine.occupancy_max                            ? 
_refine.B_iso_mean                               ? 
_refine.aniso_B[1][1]                            ? 
_refine.aniso_B[2][2]                            ? 
_refine.aniso_B[3][3]                            ? 
_refine.aniso_B[1][2]                            ? 
_refine.aniso_B[1][3]                            ? 
_refine.aniso_B[2][3]                            ? 
_refine.solvent_model_details                    SWAT 
_refine.solvent_model_param_ksol                 ? 
_refine.solvent_model_param_bsol                 ? 
_refine.pdbx_ls_cross_valid_method               'FREE R' 
_refine.details                                  ? 
_refine.pdbx_starting_model                      'PDB ENTRY 1REX' 
_refine.pdbx_method_to_determine_struct          'MOLECULAR REPLACEMENT' 
_refine.pdbx_isotropic_thermal_model             ? 
_refine.pdbx_stereochemistry_target_values       ? 
_refine.pdbx_stereochem_target_val_spec_case     ? 
_refine.pdbx_R_Free_selection_details            ? 
_refine.pdbx_overall_ESU_R                       ? 
_refine.pdbx_overall_ESU_R_Free                  ? 
_refine.overall_SU_ML                            ? 
_refine.overall_SU_B                             ? 
_refine.pdbx_refine_id                           'X-RAY DIFFRACTION' 
_refine.pdbx_diffrn_id                           1 
_refine.pdbx_TLS_residual_ADP_flag               ? 
_refine.correlation_coeff_Fo_to_Fc               ? 
_refine.correlation_coeff_Fo_to_Fc_free          ? 
_refine.pdbx_solvent_vdw_probe_radii             ? 
_refine.pdbx_solvent_ion_probe_radii             ? 
_refine.pdbx_solvent_shrinkage_radii             ? 
_refine.pdbx_overall_phase_error                 ? 
_refine.overall_SU_R_Cruickshank_DPI             ? 
_refine.pdbx_overall_SU_R_free_Cruickshank_DPI   ? 
_refine.pdbx_overall_SU_R_Blow_DPI               ? 
_refine.pdbx_overall_SU_R_free_Blow_DPI          ? 
# 
_refine_analyze.entry_id                        1JSF 
_refine_analyze.Luzzati_coordinate_error_obs    ? 
_refine_analyze.Luzzati_sigma_a_obs             ? 
_refine_analyze.Luzzati_d_res_low_obs           ? 
_refine_analyze.Luzzati_coordinate_error_free   ? 
_refine_analyze.Luzzati_sigma_a_free            ? 
_refine_analyze.Luzzati_d_res_low_free          ? 
_refine_analyze.number_disordered_residues      6 
_refine_analyze.occupancy_sum_hydrogen          ? 
_refine_analyze.occupancy_sum_non_hydrogen      ? 
_refine_analyze.pdbx_refine_id                  'X-RAY DIFFRACTION' 
# 
_refine_hist.pdbx_refine_id                   'X-RAY DIFFRACTION' 
_refine_hist.cycle_id                         LAST 
_refine_hist.pdbx_number_atoms_protein        1061 
_refine_hist.pdbx_number_atoms_nucleic_acid   0 
_refine_hist.pdbx_number_atoms_ligand         28 
_refine_hist.number_atoms_solvent             164 
_refine_hist.number_atoms_total               1253 
_refine_hist.d_res_high                       1.15 
_refine_hist.d_res_low                        25.9 
# 
loop_
_refine_ls_restr.type 
_refine_ls_restr.dev_ideal 
_refine_ls_restr.dev_ideal_target 
_refine_ls_restr.weight 
_refine_ls_restr.number 
_refine_ls_restr.pdbx_refine_id 
_refine_ls_restr.pdbx_restraint_function 
s_bond_d               0.014 ? ? ? 'X-RAY DIFFRACTION' ? 
s_angle_d              ?     ? ? ? 'X-RAY DIFFRACTION' ? 
s_similar_dist         ?     ? ? ? 'X-RAY DIFFRACTION' ? 
s_from_restr_planes    0.197 ? ? ? 'X-RAY DIFFRACTION' ? 
s_zero_chiral_vol      0.081 ? ? ? 'X-RAY DIFFRACTION' ? 
s_non_zero_chiral_vol  ?     ? ? ? 'X-RAY DIFFRACTION' ? 
s_anti_bump_dis_restr  ?     ? ? ? 'X-RAY DIFFRACTION' ? 
s_rigid_bond_adp_cmpnt ?     ? ? ? 'X-RAY DIFFRACTION' ? 
s_similar_adp_cmpnt    ?     ? ? ? 'X-RAY DIFFRACTION' ? 
s_approx_iso_adps      ?     ? ? ? 'X-RAY DIFFRACTION' ? 
# 
_pdbx_refine.entry_id                                    1JSF 
_pdbx_refine.R_factor_all_no_cutoff                      0.115 
_pdbx_refine.R_factor_obs_no_cutoff                      0.112 
_pdbx_refine.free_R_factor_no_cutoff                     0.157 
_pdbx_refine.free_R_val_test_set_size_perc_no_cutoff     10.0 
_pdbx_refine.free_R_val_test_set_ct_no_cutoff            ? 
_pdbx_refine.R_factor_all_4sig_cutoff                    0.097 
_pdbx_refine.R_factor_obs_4sig_cutoff                    0.095 
_pdbx_refine.free_R_factor_4sig_cutoff                   ? 
_pdbx_refine.free_R_val_test_set_size_perc_4sig_cutoff   ? 
_pdbx_refine.free_R_val_test_set_ct_4sig_cutoff          ? 
_pdbx_refine.number_reflns_obs_4sig_cutoff               26028 
_pdbx_refine.pdbx_refine_id                              'X-RAY DIFFRACTION' 
_pdbx_refine.free_R_error_no_cutoff                      ? 
# 
_struct.entry_id                  1JSF 
_struct.title                     'FULL-MATRIX LEAST-SQUARES REFINEMENT OF HUMAN LYSOZYME' 
_struct.pdbx_model_details        ? 
_struct.pdbx_CASP_flag            ? 
_struct.pdbx_model_type_details   ? 
# 
_struct_keywords.entry_id        1JSF 
_struct_keywords.pdbx_keywords   HYDROLASE 
_struct_keywords.text            'HYDROLASE, O-GLYCOSYL, HUMAN LYSOZYME, ENZYME' 
# 
loop_
_struct_asym.id 
_struct_asym.pdbx_blank_PDB_chainid_flag 
_struct_asym.pdbx_modified 
_struct_asym.entity_id 
_struct_asym.details 
A N N 1 ? 
B N N 2 ? 
C N N 2 ? 
D N N 2 ? 
E N N 2 ? 
F N N 2 ? 
G N N 2 ? 
H N N 2 ? 
I N N 3 ? 
# 
_struct_ref.id                         1 
_struct_ref.db_name                    UNP 
_struct_ref.db_code                    LYSC_HUMAN 
_struct_ref.entity_id                  1 
_struct_ref.pdbx_db_accession          P61626 
_struct_ref.pdbx_align_begin           1 
_struct_ref.pdbx_seq_one_letter_code   
;MKALIVLGLVLLSVTVQGKVFERCELARTLKRLGMDGYRGISLANWMCLAKWESGYNTRATNYNAGDRSTDYGIFQINSR
YWCNDGKTPGAVNACHLSCSALLQDNIADAVACAKRVVRDPQGIRAWVAWRNRCQNRDVRQYVQGCGV
;
_struct_ref.pdbx_db_isoform            ? 
# 
_struct_ref_seq.align_id                      1 
_struct_ref_seq.ref_id                        1 
_struct_ref_seq.pdbx_PDB_id_code              1JSF 
_struct_ref_seq.pdbx_strand_id                A 
_struct_ref_seq.seq_align_beg                 1 
_struct_ref_seq.pdbx_seq_align_beg_ins_code   ? 
_struct_ref_seq.seq_align_end                 130 
_struct_ref_seq.pdbx_seq_align_end_ins_code   ? 
_struct_ref_seq.pdbx_db_accession             P61626 
_struct_ref_seq.db_align_beg                  19 
_struct_ref_seq.pdbx_db_align_beg_ins_code    ? 
_struct_ref_seq.db_align_end                  148 
_struct_ref_seq.pdbx_db_align_end_ins_code    ? 
_struct_ref_seq.pdbx_auth_seq_align_beg       1 
_struct_ref_seq.pdbx_auth_seq_align_end       130 
# 
_pdbx_struct_assembly.id                   1 
_pdbx_struct_assembly.details              author_defined_assembly 
_pdbx_struct_assembly.method_details       ? 
_pdbx_struct_assembly.oligomeric_details   monomeric 
_pdbx_struct_assembly.oligomeric_count     1 
# 
_pdbx_struct_assembly_gen.assembly_id       1 
_pdbx_struct_assembly_gen.oper_expression   1 
_pdbx_struct_assembly_gen.asym_id_list      A,B,C,D,E,F,G,H,I 
# 
_pdbx_struct_oper_list.id                   1 
_pdbx_struct_oper_list.type                 'identity operation' 
_pdbx_struct_oper_list.name                 1_555 
_pdbx_struct_oper_list.symmetry_operation   x,y,z 
_pdbx_struct_oper_list.matrix[1][1]         1.0000000000 
_pdbx_struct_oper_list.matrix[1][2]         0.0000000000 
_pdbx_struct_oper_list.matrix[1][3]         0.0000000000 
_pdbx_struct_oper_list.vector[1]            0.0000000000 
_pdbx_struct_oper_list.matrix[2][1]         0.0000000000 
_pdbx_struct_oper_list.matrix[2][2]         1.0000000000 
_pdbx_struct_oper_list.matrix[2][3]         0.0000000000 
_pdbx_struct_oper_list.vector[2]            0.0000000000 
_pdbx_struct_oper_list.matrix[3][1]         0.0000000000 
_pdbx_struct_oper_list.matrix[3][2]         0.0000000000 
_pdbx_struct_oper_list.matrix[3][3]         1.0000000000 
_pdbx_struct_oper_list.vector[3]            0.0000000000 
# 
loop_
_struct_conf.conf_type_id 
_struct_conf.id 
_struct_conf.pdbx_PDB_helix_id 
_struct_conf.beg_label_comp_id 
_struct_conf.beg_label_asym_id 
_struct_conf.beg_label_seq_id 
_struct_conf.pdbx_beg_PDB_ins_code 
_struct_conf.end_label_comp_id 
_struct_conf.end_label_asym_id 
_struct_conf.end_label_seq_id 
_struct_conf.pdbx_end_PDB_ins_code 
_struct_conf.beg_auth_comp_id 
_struct_conf.beg_auth_asym_id 
_struct_conf.beg_auth_seq_id 
_struct_conf.end_auth_comp_id 
_struct_conf.end_auth_asym_id 
_struct_conf.end_auth_seq_id 
_struct_conf.pdbx_PDB_helix_class 
_struct_conf.details 
_struct_conf.pdbx_PDB_helix_length 
HELX_P HELX_P1 1 ARG A 5   ? ARG A 14  ? ARG A 5   ARG A 14  1 ? 10 
HELX_P HELX_P2 2 TYR A 20  ? GLY A 22  ? TYR A 20  GLY A 22  5 ? 3  
HELX_P HELX_P3 3 LEU A 25  ? SER A 36  ? LEU A 25  SER A 36  1 ? 12 
HELX_P HELX_P4 4 CYS A 81  ? LEU A 85  ? CYS A 81  LEU A 85  5 ? 5  
HELX_P HELX_P5 5 ALA A 90  ? ARG A 101 ? ALA A 90  ARG A 101 1 ? 12 
HELX_P HELX_P6 6 GLY A 105 ? ALA A 108 ? GLY A 105 ALA A 108 5 ? 4  
HELX_P HELX_P7 7 VAL A 110 ? ARG A 115 ? VAL A 110 ARG A 115 1 ? 6  
HELX_P HELX_P8 8 ARG A 122 ? TYR A 124 ? ARG A 122 TYR A 124 5 ? 3  
# 
_struct_conf_type.id          HELX_P 
_struct_conf_type.criteria    ? 
_struct_conf_type.reference   ? 
# 
loop_
_struct_conn.id 
_struct_conn.conn_type_id 
_struct_conn.pdbx_leaving_atom_flag 
_struct_conn.pdbx_PDB_id 
_struct_conn.ptnr1_label_asym_id 
_struct_conn.ptnr1_label_comp_id 
_struct_conn.ptnr1_label_seq_id 
_struct_conn.ptnr1_label_atom_id 
_struct_conn.pdbx_ptnr1_label_alt_id 
_struct_conn.pdbx_ptnr1_PDB_ins_code 
_struct_conn.pdbx_ptnr1_standard_comp_id 
_struct_conn.ptnr1_symmetry 
_struct_conn.ptnr2_label_asym_id 
_struct_conn.ptnr2_label_comp_id 
_struct_conn.ptnr2_label_seq_id 
_struct_conn.ptnr2_label_atom_id 
_struct_conn.pdbx_ptnr2_label_alt_id 
_struct_conn.pdbx_ptnr2_PDB_ins_code 
_struct_conn.ptnr1_auth_asym_id 
_struct_conn.ptnr1_auth_comp_id 
_struct_conn.ptnr1_auth_seq_id 
_struct_conn.ptnr2_auth_asym_id 
_struct_conn.ptnr2_auth_comp_id 
_struct_conn.ptnr2_auth_seq_id 
_struct_conn.ptnr2_symmetry 
_struct_conn.pdbx_ptnr3_label_atom_id 
_struct_conn.pdbx_ptnr3_label_seq_id 
_struct_conn.pdbx_ptnr3_label_comp_id 
_struct_conn.pdbx_ptnr3_label_asym_id 
_struct_conn.pdbx_ptnr3_label_alt_id 
_struct_conn.pdbx_ptnr3_PDB_ins_code 
_struct_conn.details 
_struct_conn.pdbx_dist_value 
_struct_conn.pdbx_value_order 
_struct_conn.pdbx_role 
disulf1 disulf ? ? A CYS 6  SG ? ? ? 1_555 A CYS 128 SG ? ? A CYS 6  A CYS 128 1_555 ? ? ? ? ? ? ? 2.045 ? ? 
disulf2 disulf ? ? A CYS 30 SG ? ? ? 1_555 A CYS 116 SG ? ? A CYS 30 A CYS 116 1_555 ? ? ? ? ? ? ? 2.031 ? ? 
disulf3 disulf ? ? A CYS 65 SG ? ? ? 1_555 A CYS 81  SG ? ? A CYS 65 A CYS 81  1_555 ? ? ? ? ? ? ? 2.042 ? ? 
disulf4 disulf ? ? A CYS 77 SG ? ? ? 1_555 A CYS 95  SG ? ? A CYS 77 A CYS 95  1_555 ? ? ? ? ? ? ? 2.012 ? ? 
# 
_struct_conn_type.id          disulf 
_struct_conn_type.criteria    ? 
_struct_conn_type.reference   ? 
# 
loop_
_pdbx_modification_feature.ordinal 
_pdbx_modification_feature.label_comp_id 
_pdbx_modification_feature.label_asym_id 
_pdbx_modification_feature.label_seq_id 
_pdbx_modification_feature.label_alt_id 
_pdbx_modification_feature.modified_residue_label_comp_id 
_pdbx_modification_feature.modified_residue_label_asym_id 
_pdbx_modification_feature.modified_residue_label_seq_id 
_pdbx_modification_feature.modified_residue_label_alt_id 
_pdbx_modification_feature.auth_comp_id 
_pdbx_modification_feature.auth_asym_id 
_pdbx_modification_feature.auth_seq_id 
_pdbx_modification_feature.PDB_ins_code 
_pdbx_modification_feature.symmetry 
_pdbx_modification_feature.modified_residue_auth_comp_id 
_pdbx_modification_feature.modified_residue_auth_asym_id 
_pdbx_modification_feature.modified_residue_auth_seq_id 
_pdbx_modification_feature.modified_residue_PDB_ins_code 
_pdbx_modification_feature.modified_residue_symmetry 
_pdbx_modification_feature.comp_id_linking_atom 
_pdbx_modification_feature.modified_residue_id_linking_atom 
_pdbx_modification_feature.modified_residue_id 
_pdbx_modification_feature.ref_pcm_id 
_pdbx_modification_feature.ref_comp_id 
_pdbx_modification_feature.type 
_pdbx_modification_feature.category 
1 CYS A 6  ? CYS A 128 ? CYS A 6  ? 1_555 CYS A 128 ? 1_555 SG SG . . . None 'Disulfide bridge' 
2 CYS A 30 ? CYS A 116 ? CYS A 30 ? 1_555 CYS A 116 ? 1_555 SG SG . . . None 'Disulfide bridge' 
3 CYS A 65 ? CYS A 81  ? CYS A 65 ? 1_555 CYS A 81  ? 1_555 SG SG . . . None 'Disulfide bridge' 
4 CYS A 77 ? CYS A 95  ? CYS A 77 ? 1_555 CYS A 95  ? 1_555 SG SG . . . None 'Disulfide bridge' 
# 
_struct_sheet.id               A 
_struct_sheet.type             ? 
_struct_sheet.number_strands   2 
_struct_sheet.details          ? 
# 
_struct_sheet_order.sheet_id     A 
_struct_sheet_order.range_id_1   1 
_struct_sheet_order.range_id_2   2 
_struct_sheet_order.offset       ? 
_struct_sheet_order.sense        anti-parallel 
# 
loop_
_struct_sheet_range.sheet_id 
_struct_sheet_range.id 
_struct_sheet_range.beg_label_comp_id 
_struct_sheet_range.beg_label_asym_id 
_struct_sheet_range.beg_label_seq_id 
_struct_sheet_range.pdbx_beg_PDB_ins_code 
_struct_sheet_range.end_label_comp_id 
_struct_sheet_range.end_label_asym_id 
_struct_sheet_range.end_label_seq_id 
_struct_sheet_range.pdbx_end_PDB_ins_code 
_struct_sheet_range.beg_auth_comp_id 
_struct_sheet_range.beg_auth_asym_id 
_struct_sheet_range.beg_auth_seq_id 
_struct_sheet_range.end_auth_comp_id 
_struct_sheet_range.end_auth_asym_id 
_struct_sheet_range.end_auth_seq_id 
A 1 THR A 43 ? ASN A 46 ? THR A 43 ASN A 46 
A 2 SER A 51 ? TYR A 54 ? SER A 51 TYR A 54 
# 
_pdbx_struct_sheet_hbond.sheet_id                A 
_pdbx_struct_sheet_hbond.range_id_1              1 
_pdbx_struct_sheet_hbond.range_id_2              2 
_pdbx_struct_sheet_hbond.range_1_label_atom_id   O 
_pdbx_struct_sheet_hbond.range_1_label_comp_id   ASN 
_pdbx_struct_sheet_hbond.range_1_label_asym_id   A 
_pdbx_struct_sheet_hbond.range_1_label_seq_id    44 
_pdbx_struct_sheet_hbond.range_1_PDB_ins_code    ? 
_pdbx_struct_sheet_hbond.range_1_auth_atom_id    O 
_pdbx_struct_sheet_hbond.range_1_auth_comp_id    ASN 
_pdbx_struct_sheet_hbond.range_1_auth_asym_id    A 
_pdbx_struct_sheet_hbond.range_1_auth_seq_id     44 
_pdbx_struct_sheet_hbond.range_2_label_atom_id   N 
_pdbx_struct_sheet_hbond.range_2_label_comp_id   ASP 
_pdbx_struct_sheet_hbond.range_2_label_asym_id   A 
_pdbx_struct_sheet_hbond.range_2_label_seq_id    53 
_pdbx_struct_sheet_hbond.range_2_PDB_ins_code    ? 
_pdbx_struct_sheet_hbond.range_2_auth_atom_id    N 
_pdbx_struct_sheet_hbond.range_2_auth_comp_id    ASP 
_pdbx_struct_sheet_hbond.range_2_auth_asym_id    A 
_pdbx_struct_sheet_hbond.range_2_auth_seq_id     53 
# 
loop_
_struct_site.id 
_struct_site.pdbx_evidence_code 
_struct_site.pdbx_auth_asym_id 
_struct_site.pdbx_auth_comp_id 
_struct_site.pdbx_auth_seq_id 
_struct_site.pdbx_auth_ins_code 
_struct_site.pdbx_num_residues 
_struct_site.details 
AC1 Software A NO3 131 ? 6 'BINDING SITE FOR RESIDUE NO3 A 131' 
AC2 Software A NO3 132 ? 4 'BINDING SITE FOR RESIDUE NO3 A 132' 
AC3 Software A NO3 133 ? 3 'BINDING SITE FOR RESIDUE NO3 A 133' 
AC4 Software A NO3 134 ? 7 'BINDING SITE FOR RESIDUE NO3 A 134' 
AC5 Software A NO3 135 ? 8 'BINDING SITE FOR RESIDUE NO3 A 135' 
AC6 Software A NO3 136 ? 3 'BINDING SITE FOR RESIDUE NO3 A 136' 
AC7 Software A NO3 137 ? 5 'BINDING SITE FOR RESIDUE NO3 A 137' 
# 
loop_
_struct_site_gen.id 
_struct_site_gen.site_id 
_struct_site_gen.pdbx_num_res 
_struct_site_gen.label_comp_id 
_struct_site_gen.label_asym_id 
_struct_site_gen.label_seq_id 
_struct_site_gen.pdbx_auth_ins_code 
_struct_site_gen.auth_comp_id 
_struct_site_gen.auth_asym_id 
_struct_site_gen.auth_seq_id 
_struct_site_gen.label_atom_id 
_struct_site_gen.label_alt_id 
_struct_site_gen.symmetry 
_struct_site_gen.details 
1  AC1 6 GLU A 4   ? GLU A 4   . ? 1_555 ? 
2  AC1 6 ARG A 5   ? ARG A 5   . ? 1_555 ? 
3  AC1 6 CYS A 6   ? CYS A 6   . ? 1_555 ? 
4  AC1 6 GLU A 7   ? GLU A 7   . ? 1_555 ? 
5  AC1 6 ARG A 14  ? ARG A 14  . ? 2_564 ? 
6  AC1 6 HOH I .   ? HOH A 158 . ? 1_555 ? 
7  AC2 4 GLU A 7   ? GLU A 7   . ? 1_555 ? 
8  AC2 4 ARG A 10  ? ARG A 10  . ? 1_555 ? 
9  AC2 4 ARG A 14  ? ARG A 14  . ? 1_555 ? 
10 AC2 4 NO3 G .   ? NO3 A 136 . ? 2_564 ? 
11 AC3 3 LYS A 33  ? LYS A 33  . ? 1_556 ? 
12 AC3 3 ARG A 98  ? ARG A 98  . ? 1_555 ? 
13 AC3 3 ARG A 101 ? ARG A 101 . ? 1_555 ? 
14 AC4 7 ASN A 27  ? ASN A 27  . ? 1_555 ? 
15 AC4 7 ASN A 66  ? ASN A 66  . ? 4_557 ? 
16 AC4 7 ASN A 75  ? ASN A 75  . ? 4_557 ? 
17 AC4 7 LEU A 79  ? LEU A 79  . ? 4_557 ? 
18 AC4 7 SER A 80  ? SER A 80  . ? 4_557 ? 
19 AC4 7 HOH I .   ? HOH A 138 . ? 4_557 ? 
20 AC4 7 HOH I .   ? HOH A 180 . ? 1_555 ? 
21 AC5 8 LYS A 33  ? LYS A 33  . ? 1_556 ? 
22 AC5 8 TRP A 34  ? TRP A 34  . ? 1_556 ? 
23 AC5 8 ALA A 76  ? ALA A 76  . ? 1_555 ? 
24 AC5 8 HIS A 78  ? HIS A 78  . ? 1_555 ? 
25 AC5 8 ARG A 98  ? ARG A 98  . ? 1_555 ? 
26 AC5 8 HOH I .   ? HOH A 201 . ? 1_555 ? 
27 AC5 8 HOH I .   ? HOH A 274 . ? 1_555 ? 
28 AC5 8 HOH I .   ? HOH A 285 . ? 1_555 ? 
29 AC6 3 GLY A 16  ? GLY A 16  . ? 1_555 ? 
30 AC6 3 LYS A 97  ? LYS A 97  . ? 1_555 ? 
31 AC6 3 NO3 C .   ? NO3 A 132 . ? 2_565 ? 
32 AC7 5 GLN A 86  ? GLN A 86  . ? 1_555 ? 
33 AC7 5 ASP A 87  ? ASP A 87  . ? 1_555 ? 
34 AC7 5 ASN A 88  ? ASN A 88  . ? 1_555 ? 
35 AC7 5 PRO A 103 ? PRO A 103 . ? 4_457 ? 
36 AC7 5 GLN A 104 ? GLN A 104 . ? 4_457 ? 
# 
_pdbx_entry_details.entry_id                   1JSF 
_pdbx_entry_details.compound_details           ? 
_pdbx_entry_details.source_details             ? 
_pdbx_entry_details.nonpolymer_details         ? 
_pdbx_entry_details.sequence_details           ? 
_pdbx_entry_details.has_ligand_of_interest     ? 
_pdbx_entry_details.has_protein_modification   Y 
# 
loop_
_pdbx_validate_rmsd_angle.id 
_pdbx_validate_rmsd_angle.PDB_model_num 
_pdbx_validate_rmsd_angle.auth_atom_id_1 
_pdbx_validate_rmsd_angle.auth_asym_id_1 
_pdbx_validate_rmsd_angle.auth_comp_id_1 
_pdbx_validate_rmsd_angle.auth_seq_id_1 
_pdbx_validate_rmsd_angle.PDB_ins_code_1 
_pdbx_validate_rmsd_angle.label_alt_id_1 
_pdbx_validate_rmsd_angle.auth_atom_id_2 
_pdbx_validate_rmsd_angle.auth_asym_id_2 
_pdbx_validate_rmsd_angle.auth_comp_id_2 
_pdbx_validate_rmsd_angle.auth_seq_id_2 
_pdbx_validate_rmsd_angle.PDB_ins_code_2 
_pdbx_validate_rmsd_angle.label_alt_id_2 
_pdbx_validate_rmsd_angle.auth_atom_id_3 
_pdbx_validate_rmsd_angle.auth_asym_id_3 
_pdbx_validate_rmsd_angle.auth_comp_id_3 
_pdbx_validate_rmsd_angle.auth_seq_id_3 
_pdbx_validate_rmsd_angle.PDB_ins_code_3 
_pdbx_validate_rmsd_angle.label_alt_id_3 
_pdbx_validate_rmsd_angle.angle_value 
_pdbx_validate_rmsd_angle.angle_target_value 
_pdbx_validate_rmsd_angle.angle_deviation 
_pdbx_validate_rmsd_angle.angle_standard_deviation 
_pdbx_validate_rmsd_angle.linker_flag 
1 1 NE A ARG 62  ? ? CZ A ARG 62  ? ? NH1 A ARG 62  ? ? 116.94 120.30 -3.36 0.50 N 
2 1 NE A ARG 98  ? ? CZ A ARG 98  ? ? NH2 A ARG 98  ? ? 116.75 120.30 -3.55 0.50 N 
3 1 NE A ARG 115 ? ? CZ A ARG 115 ? ? NH1 A ARG 115 ? ? 116.66 120.30 -3.64 0.50 N 
4 1 NE A ARG 119 ? ? CZ A ARG 119 ? ? NH2 A ARG 119 ? ? 117.07 120.30 -3.23 0.50 N 
# 
loop_
_pdbx_validate_planes.id 
_pdbx_validate_planes.PDB_model_num 
_pdbx_validate_planes.auth_comp_id 
_pdbx_validate_planes.auth_asym_id 
_pdbx_validate_planes.auth_seq_id 
_pdbx_validate_planes.PDB_ins_code 
_pdbx_validate_planes.label_alt_id 
_pdbx_validate_planes.rmsd 
_pdbx_validate_planes.type 
1 1 ARG A 14  ? ? 0.248 'SIDE CHAIN' 
2 1 ARG A 21  ? ? 0.117 'SIDE CHAIN' 
3 1 ARG A 41  ? ? 0.146 'SIDE CHAIN' 
4 1 ARG A 50  ? ? 0.156 'SIDE CHAIN' 
5 1 ARG A 107 ? ? 0.199 'SIDE CHAIN' 
6 1 ARG A 122 ? ? 0.253 'SIDE CHAIN' 
# 
loop_
_pdbx_distant_solvent_atoms.id 
_pdbx_distant_solvent_atoms.PDB_model_num 
_pdbx_distant_solvent_atoms.auth_atom_id 
_pdbx_distant_solvent_atoms.label_alt_id 
_pdbx_distant_solvent_atoms.auth_asym_id 
_pdbx_distant_solvent_atoms.auth_comp_id 
_pdbx_distant_solvent_atoms.auth_seq_id 
_pdbx_distant_solvent_atoms.PDB_ins_code 
_pdbx_distant_solvent_atoms.neighbor_macromolecule_distance 
_pdbx_distant_solvent_atoms.neighbor_ligand_distance 
1 1 O ? A HOH 268 ? 6.78 . 
2 1 O ? A HOH 270 ? 6.04 . 
3 1 O A A HOH 280 ? 6.60 . 
# 
loop_
_chem_comp_atom.comp_id 
_chem_comp_atom.atom_id 
_chem_comp_atom.type_symbol 
_chem_comp_atom.pdbx_aromatic_flag 
_chem_comp_atom.pdbx_stereo_config 
_chem_comp_atom.pdbx_ordinal 
ALA N    N N N 1   
ALA CA   C N S 2   
ALA C    C N N 3   
ALA O    O N N 4   
ALA CB   C N N 5   
ALA OXT  O N N 6   
ALA H    H N N 7   
ALA H2   H N N 8   
ALA HA   H N N 9   
ALA HB1  H N N 10  
ALA HB2  H N N 11  
ALA HB3  H N N 12  
ALA HXT  H N N 13  
ARG N    N N N 14  
ARG CA   C N S 15  
ARG C    C N N 16  
ARG O    O N N 17  
ARG CB   C N N 18  
ARG CG   C N N 19  
ARG CD   C N N 20  
ARG NE   N N N 21  
ARG CZ   C N N 22  
ARG NH1  N N N 23  
ARG NH2  N N N 24  
ARG OXT  O N N 25  
ARG H    H N N 26  
ARG H2   H N N 27  
ARG HA   H N N 28  
ARG HB2  H N N 29  
ARG HB3  H N N 30  
ARG HG2  H N N 31  
ARG HG3  H N N 32  
ARG HD2  H N N 33  
ARG HD3  H N N 34  
ARG HE   H N N 35  
ARG HH11 H N N 36  
ARG HH12 H N N 37  
ARG HH21 H N N 38  
ARG HH22 H N N 39  
ARG HXT  H N N 40  
ASN N    N N N 41  
ASN CA   C N S 42  
ASN C    C N N 43  
ASN O    O N N 44  
ASN CB   C N N 45  
ASN CG   C N N 46  
ASN OD1  O N N 47  
ASN ND2  N N N 48  
ASN OXT  O N N 49  
ASN H    H N N 50  
ASN H2   H N N 51  
ASN HA   H N N 52  
ASN HB2  H N N 53  
ASN HB3  H N N 54  
ASN HD21 H N N 55  
ASN HD22 H N N 56  
ASN HXT  H N N 57  
ASP N    N N N 58  
ASP CA   C N S 59  
ASP C    C N N 60  
ASP O    O N N 61  
ASP CB   C N N 62  
ASP CG   C N N 63  
ASP OD1  O N N 64  
ASP OD2  O N N 65  
ASP OXT  O N N 66  
ASP H    H N N 67  
ASP H2   H N N 68  
ASP HA   H N N 69  
ASP HB2  H N N 70  
ASP HB3  H N N 71  
ASP HD2  H N N 72  
ASP HXT  H N N 73  
CYS N    N N N 74  
CYS CA   C N R 75  
CYS C    C N N 76  
CYS O    O N N 77  
CYS CB   C N N 78  
CYS SG   S N N 79  
CYS OXT  O N N 80  
CYS H    H N N 81  
CYS H2   H N N 82  
CYS HA   H N N 83  
CYS HB2  H N N 84  
CYS HB3  H N N 85  
CYS HG   H N N 86  
CYS HXT  H N N 87  
GLN N    N N N 88  
GLN CA   C N S 89  
GLN C    C N N 90  
GLN O    O N N 91  
GLN CB   C N N 92  
GLN CG   C N N 93  
GLN CD   C N N 94  
GLN OE1  O N N 95  
GLN NE2  N N N 96  
GLN OXT  O N N 97  
GLN H    H N N 98  
GLN H2   H N N 99  
GLN HA   H N N 100 
GLN HB2  H N N 101 
GLN HB3  H N N 102 
GLN HG2  H N N 103 
GLN HG3  H N N 104 
GLN HE21 H N N 105 
GLN HE22 H N N 106 
GLN HXT  H N N 107 
GLU N    N N N 108 
GLU CA   C N S 109 
GLU C    C N N 110 
GLU O    O N N 111 
GLU CB   C N N 112 
GLU CG   C N N 113 
GLU CD   C N N 114 
GLU OE1  O N N 115 
GLU OE2  O N N 116 
GLU OXT  O N N 117 
GLU H    H N N 118 
GLU H2   H N N 119 
GLU HA   H N N 120 
GLU HB2  H N N 121 
GLU HB3  H N N 122 
GLU HG2  H N N 123 
GLU HG3  H N N 124 
GLU HE2  H N N 125 
GLU HXT  H N N 126 
GLY N    N N N 127 
GLY CA   C N N 128 
GLY C    C N N 129 
GLY O    O N N 130 
GLY OXT  O N N 131 
GLY H    H N N 132 
GLY H2   H N N 133 
GLY HA2  H N N 134 
GLY HA3  H N N 135 
GLY HXT  H N N 136 
HIS N    N N N 137 
HIS CA   C N S 138 
HIS C    C N N 139 
HIS O    O N N 140 
HIS CB   C N N 141 
HIS CG   C Y N 142 
HIS ND1  N Y N 143 
HIS CD2  C Y N 144 
HIS CE1  C Y N 145 
HIS NE2  N Y N 146 
HIS OXT  O N N 147 
HIS H    H N N 148 
HIS H2   H N N 149 
HIS HA   H N N 150 
HIS HB2  H N N 151 
HIS HB3  H N N 152 
HIS HD1  H N N 153 
HIS HD2  H N N 154 
HIS HE1  H N N 155 
HIS HE2  H N N 156 
HIS HXT  H N N 157 
HOH O    O N N 158 
HOH H1   H N N 159 
HOH H2   H N N 160 
ILE N    N N N 161 
ILE CA   C N S 162 
ILE C    C N N 163 
ILE O    O N N 164 
ILE CB   C N S 165 
ILE CG1  C N N 166 
ILE CG2  C N N 167 
ILE CD1  C N N 168 
ILE OXT  O N N 169 
ILE H    H N N 170 
ILE H2   H N N 171 
ILE HA   H N N 172 
ILE HB   H N N 173 
ILE HG12 H N N 174 
ILE HG13 H N N 175 
ILE HG21 H N N 176 
ILE HG22 H N N 177 
ILE HG23 H N N 178 
ILE HD11 H N N 179 
ILE HD12 H N N 180 
ILE HD13 H N N 181 
ILE HXT  H N N 182 
LEU N    N N N 183 
LEU CA   C N S 184 
LEU C    C N N 185 
LEU O    O N N 186 
LEU CB   C N N 187 
LEU CG   C N N 188 
LEU CD1  C N N 189 
LEU CD2  C N N 190 
LEU OXT  O N N 191 
LEU H    H N N 192 
LEU H2   H N N 193 
LEU HA   H N N 194 
LEU HB2  H N N 195 
LEU HB3  H N N 196 
LEU HG   H N N 197 
LEU HD11 H N N 198 
LEU HD12 H N N 199 
LEU HD13 H N N 200 
LEU HD21 H N N 201 
LEU HD22 H N N 202 
LEU HD23 H N N 203 
LEU HXT  H N N 204 
LYS N    N N N 205 
LYS CA   C N S 206 
LYS C    C N N 207 
LYS O    O N N 208 
LYS CB   C N N 209 
LYS CG   C N N 210 
LYS CD   C N N 211 
LYS CE   C N N 212 
LYS NZ   N N N 213 
LYS OXT  O N N 214 
LYS H    H N N 215 
LYS H2   H N N 216 
LYS HA   H N N 217 
LYS HB2  H N N 218 
LYS HB3  H N N 219 
LYS HG2  H N N 220 
LYS HG3  H N N 221 
LYS HD2  H N N 222 
LYS HD3  H N N 223 
LYS HE2  H N N 224 
LYS HE3  H N N 225 
LYS HZ1  H N N 226 
LYS HZ2  H N N 227 
LYS HZ3  H N N 228 
LYS HXT  H N N 229 
MET N    N N N 230 
MET CA   C N S 231 
MET C    C N N 232 
MET O    O N N 233 
MET CB   C N N 234 
MET CG   C N N 235 
MET SD   S N N 236 
MET CE   C N N 237 
MET OXT  O N N 238 
MET H    H N N 239 
MET H2   H N N 240 
MET HA   H N N 241 
MET HB2  H N N 242 
MET HB3  H N N 243 
MET HG2  H N N 244 
MET HG3  H N N 245 
MET HE1  H N N 246 
MET HE2  H N N 247 
MET HE3  H N N 248 
MET HXT  H N N 249 
NO3 N    N N N 250 
NO3 O1   O N N 251 
NO3 O2   O N N 252 
NO3 O3   O N N 253 
PHE N    N N N 254 
PHE CA   C N S 255 
PHE C    C N N 256 
PHE O    O N N 257 
PHE CB   C N N 258 
PHE CG   C Y N 259 
PHE CD1  C Y N 260 
PHE CD2  C Y N 261 
PHE CE1  C Y N 262 
PHE CE2  C Y N 263 
PHE CZ   C Y N 264 
PHE OXT  O N N 265 
PHE H    H N N 266 
PHE H2   H N N 267 
PHE HA   H N N 268 
PHE HB2  H N N 269 
PHE HB3  H N N 270 
PHE HD1  H N N 271 
PHE HD2  H N N 272 
PHE HE1  H N N 273 
PHE HE2  H N N 274 
PHE HZ   H N N 275 
PHE HXT  H N N 276 
PRO N    N N N 277 
PRO CA   C N S 278 
PRO C    C N N 279 
PRO O    O N N 280 
PRO CB   C N N 281 
PRO CG   C N N 282 
PRO CD   C N N 283 
PRO OXT  O N N 284 
PRO H    H N N 285 
PRO HA   H N N 286 
PRO HB2  H N N 287 
PRO HB3  H N N 288 
PRO HG2  H N N 289 
PRO HG3  H N N 290 
PRO HD2  H N N 291 
PRO HD3  H N N 292 
PRO HXT  H N N 293 
SER N    N N N 294 
SER CA   C N S 295 
SER C    C N N 296 
SER O    O N N 297 
SER CB   C N N 298 
SER OG   O N N 299 
SER OXT  O N N 300 
SER H    H N N 301 
SER H2   H N N 302 
SER HA   H N N 303 
SER HB2  H N N 304 
SER HB3  H N N 305 
SER HG   H N N 306 
SER HXT  H N N 307 
THR N    N N N 308 
THR CA   C N S 309 
THR C    C N N 310 
THR O    O N N 311 
THR CB   C N R 312 
THR OG1  O N N 313 
THR CG2  C N N 314 
THR OXT  O N N 315 
THR H    H N N 316 
THR H2   H N N 317 
THR HA   H N N 318 
THR HB   H N N 319 
THR HG1  H N N 320 
THR HG21 H N N 321 
THR HG22 H N N 322 
THR HG23 H N N 323 
THR HXT  H N N 324 
TRP N    N N N 325 
TRP CA   C N S 326 
TRP C    C N N 327 
TRP O    O N N 328 
TRP CB   C N N 329 
TRP CG   C Y N 330 
TRP CD1  C Y N 331 
TRP CD2  C Y N 332 
TRP NE1  N Y N 333 
TRP CE2  C Y N 334 
TRP CE3  C Y N 335 
TRP CZ2  C Y N 336 
TRP CZ3  C Y N 337 
TRP CH2  C Y N 338 
TRP OXT  O N N 339 
TRP H    H N N 340 
TRP H2   H N N 341 
TRP HA   H N N 342 
TRP HB2  H N N 343 
TRP HB3  H N N 344 
TRP HD1  H N N 345 
TRP HE1  H N N 346 
TRP HE3  H N N 347 
TRP HZ2  H N N 348 
TRP HZ3  H N N 349 
TRP HH2  H N N 350 
TRP HXT  H N N 351 
TYR N    N N N 352 
TYR CA   C N S 353 
TYR C    C N N 354 
TYR O    O N N 355 
TYR CB   C N N 356 
TYR CG   C Y N 357 
TYR CD1  C Y N 358 
TYR CD2  C Y N 359 
TYR CE1  C Y N 360 
TYR CE2  C Y N 361 
TYR CZ   C Y N 362 
TYR OH   O N N 363 
TYR OXT  O N N 364 
TYR H    H N N 365 
TYR H2   H N N 366 
TYR HA   H N N 367 
TYR HB2  H N N 368 
TYR HB3  H N N 369 
TYR HD1  H N N 370 
TYR HD2  H N N 371 
TYR HE1  H N N 372 
TYR HE2  H N N 373 
TYR HH   H N N 374 
TYR HXT  H N N 375 
VAL N    N N N 376 
VAL CA   C N S 377 
VAL C    C N N 378 
VAL O    O N N 379 
VAL CB   C N N 380 
VAL CG1  C N N 381 
VAL CG2  C N N 382 
VAL OXT  O N N 383 
VAL H    H N N 384 
VAL H2   H N N 385 
VAL HA   H N N 386 
VAL HB   H N N 387 
VAL HG11 H N N 388 
VAL HG12 H N N 389 
VAL HG13 H N N 390 
VAL HG21 H N N 391 
VAL HG22 H N N 392 
VAL HG23 H N N 393 
VAL HXT  H N N 394 
# 
loop_
_chem_comp_bond.comp_id 
_chem_comp_bond.atom_id_1 
_chem_comp_bond.atom_id_2 
_chem_comp_bond.value_order 
_chem_comp_bond.pdbx_aromatic_flag 
_chem_comp_bond.pdbx_stereo_config 
_chem_comp_bond.pdbx_ordinal 
ALA N   CA   sing N N 1   
ALA N   H    sing N N 2   
ALA N   H2   sing N N 3   
ALA CA  C    sing N N 4   
ALA CA  CB   sing N N 5   
ALA CA  HA   sing N N 6   
ALA C   O    doub N N 7   
ALA C   OXT  sing N N 8   
ALA CB  HB1  sing N N 9   
ALA CB  HB2  sing N N 10  
ALA CB  HB3  sing N N 11  
ALA OXT HXT  sing N N 12  
ARG N   CA   sing N N 13  
ARG N   H    sing N N 14  
ARG N   H2   sing N N 15  
ARG CA  C    sing N N 16  
ARG CA  CB   sing N N 17  
ARG CA  HA   sing N N 18  
ARG C   O    doub N N 19  
ARG C   OXT  sing N N 20  
ARG CB  CG   sing N N 21  
ARG CB  HB2  sing N N 22  
ARG CB  HB3  sing N N 23  
ARG CG  CD   sing N N 24  
ARG CG  HG2  sing N N 25  
ARG CG  HG3  sing N N 26  
ARG CD  NE   sing N N 27  
ARG CD  HD2  sing N N 28  
ARG CD  HD3  sing N N 29  
ARG NE  CZ   sing N N 30  
ARG NE  HE   sing N N 31  
ARG CZ  NH1  sing N N 32  
ARG CZ  NH2  doub N N 33  
ARG NH1 HH11 sing N N 34  
ARG NH1 HH12 sing N N 35  
ARG NH2 HH21 sing N N 36  
ARG NH2 HH22 sing N N 37  
ARG OXT HXT  sing N N 38  
ASN N   CA   sing N N 39  
ASN N   H    sing N N 40  
ASN N   H2   sing N N 41  
ASN CA  C    sing N N 42  
ASN CA  CB   sing N N 43  
ASN CA  HA   sing N N 44  
ASN C   O    doub N N 45  
ASN C   OXT  sing N N 46  
ASN CB  CG   sing N N 47  
ASN CB  HB2  sing N N 48  
ASN CB  HB3  sing N N 49  
ASN CG  OD1  doub N N 50  
ASN CG  ND2  sing N N 51  
ASN ND2 HD21 sing N N 52  
ASN ND2 HD22 sing N N 53  
ASN OXT HXT  sing N N 54  
ASP N   CA   sing N N 55  
ASP N   H    sing N N 56  
ASP N   H2   sing N N 57  
ASP CA  C    sing N N 58  
ASP CA  CB   sing N N 59  
ASP CA  HA   sing N N 60  
ASP C   O    doub N N 61  
ASP C   OXT  sing N N 62  
ASP CB  CG   sing N N 63  
ASP CB  HB2  sing N N 64  
ASP CB  HB3  sing N N 65  
ASP CG  OD1  doub N N 66  
ASP CG  OD2  sing N N 67  
ASP OD2 HD2  sing N N 68  
ASP OXT HXT  sing N N 69  
CYS N   CA   sing N N 70  
CYS N   H    sing N N 71  
CYS N   H2   sing N N 72  
CYS CA  C    sing N N 73  
CYS CA  CB   sing N N 74  
CYS CA  HA   sing N N 75  
CYS C   O    doub N N 76  
CYS C   OXT  sing N N 77  
CYS CB  SG   sing N N 78  
CYS CB  HB2  sing N N 79  
CYS CB  HB3  sing N N 80  
CYS SG  HG   sing N N 81  
CYS OXT HXT  sing N N 82  
GLN N   CA   sing N N 83  
GLN N   H    sing N N 84  
GLN N   H2   sing N N 85  
GLN CA  C    sing N N 86  
GLN CA  CB   sing N N 87  
GLN CA  HA   sing N N 88  
GLN C   O    doub N N 89  
GLN C   OXT  sing N N 90  
GLN CB  CG   sing N N 91  
GLN CB  HB2  sing N N 92  
GLN CB  HB3  sing N N 93  
GLN CG  CD   sing N N 94  
GLN CG  HG2  sing N N 95  
GLN CG  HG3  sing N N 96  
GLN CD  OE1  doub N N 97  
GLN CD  NE2  sing N N 98  
GLN NE2 HE21 sing N N 99  
GLN NE2 HE22 sing N N 100 
GLN OXT HXT  sing N N 101 
GLU N   CA   sing N N 102 
GLU N   H    sing N N 103 
GLU N   H2   sing N N 104 
GLU CA  C    sing N N 105 
GLU CA  CB   sing N N 106 
GLU CA  HA   sing N N 107 
GLU C   O    doub N N 108 
GLU C   OXT  sing N N 109 
GLU CB  CG   sing N N 110 
GLU CB  HB2  sing N N 111 
GLU CB  HB3  sing N N 112 
GLU CG  CD   sing N N 113 
GLU CG  HG2  sing N N 114 
GLU CG  HG3  sing N N 115 
GLU CD  OE1  doub N N 116 
GLU CD  OE2  sing N N 117 
GLU OE2 HE2  sing N N 118 
GLU OXT HXT  sing N N 119 
GLY N   CA   sing N N 120 
GLY N   H    sing N N 121 
GLY N   H2   sing N N 122 
GLY CA  C    sing N N 123 
GLY CA  HA2  sing N N 124 
GLY CA  HA3  sing N N 125 
GLY C   O    doub N N 126 
GLY C   OXT  sing N N 127 
GLY OXT HXT  sing N N 128 
HIS N   CA   sing N N 129 
HIS N   H    sing N N 130 
HIS N   H2   sing N N 131 
HIS CA  C    sing N N 132 
HIS CA  CB   sing N N 133 
HIS CA  HA   sing N N 134 
HIS C   O    doub N N 135 
HIS C   OXT  sing N N 136 
HIS CB  CG   sing N N 137 
HIS CB  HB2  sing N N 138 
HIS CB  HB3  sing N N 139 
HIS CG  ND1  sing Y N 140 
HIS CG  CD2  doub Y N 141 
HIS ND1 CE1  doub Y N 142 
HIS ND1 HD1  sing N N 143 
HIS CD2 NE2  sing Y N 144 
HIS CD2 HD2  sing N N 145 
HIS CE1 NE2  sing Y N 146 
HIS CE1 HE1  sing N N 147 
HIS NE2 HE2  sing N N 148 
HIS OXT HXT  sing N N 149 
HOH O   H1   sing N N 150 
HOH O   H2   sing N N 151 
ILE N   CA   sing N N 152 
ILE N   H    sing N N 153 
ILE N   H2   sing N N 154 
ILE CA  C    sing N N 155 
ILE CA  CB   sing N N 156 
ILE CA  HA   sing N N 157 
ILE C   O    doub N N 158 
ILE C   OXT  sing N N 159 
ILE CB  CG1  sing N N 160 
ILE CB  CG2  sing N N 161 
ILE CB  HB   sing N N 162 
ILE CG1 CD1  sing N N 163 
ILE CG1 HG12 sing N N 164 
ILE CG1 HG13 sing N N 165 
ILE CG2 HG21 sing N N 166 
ILE CG2 HG22 sing N N 167 
ILE CG2 HG23 sing N N 168 
ILE CD1 HD11 sing N N 169 
ILE CD1 HD12 sing N N 170 
ILE CD1 HD13 sing N N 171 
ILE OXT HXT  sing N N 172 
LEU N   CA   sing N N 173 
LEU N   H    sing N N 174 
LEU N   H2   sing N N 175 
LEU CA  C    sing N N 176 
LEU CA  CB   sing N N 177 
LEU CA  HA   sing N N 178 
LEU C   O    doub N N 179 
LEU C   OXT  sing N N 180 
LEU CB  CG   sing N N 181 
LEU CB  HB2  sing N N 182 
LEU CB  HB3  sing N N 183 
LEU CG  CD1  sing N N 184 
LEU CG  CD2  sing N N 185 
LEU CG  HG   sing N N 186 
LEU CD1 HD11 sing N N 187 
LEU CD1 HD12 sing N N 188 
LEU CD1 HD13 sing N N 189 
LEU CD2 HD21 sing N N 190 
LEU CD2 HD22 sing N N 191 
LEU CD2 HD23 sing N N 192 
LEU OXT HXT  sing N N 193 
LYS N   CA   sing N N 194 
LYS N   H    sing N N 195 
LYS N   H2   sing N N 196 
LYS CA  C    sing N N 197 
LYS CA  CB   sing N N 198 
LYS CA  HA   sing N N 199 
LYS C   O    doub N N 200 
LYS C   OXT  sing N N 201 
LYS CB  CG   sing N N 202 
LYS CB  HB2  sing N N 203 
LYS CB  HB3  sing N N 204 
LYS CG  CD   sing N N 205 
LYS CG  HG2  sing N N 206 
LYS CG  HG3  sing N N 207 
LYS CD  CE   sing N N 208 
LYS CD  HD2  sing N N 209 
LYS CD  HD3  sing N N 210 
LYS CE  NZ   sing N N 211 
LYS CE  HE2  sing N N 212 
LYS CE  HE3  sing N N 213 
LYS NZ  HZ1  sing N N 214 
LYS NZ  HZ2  sing N N 215 
LYS NZ  HZ3  sing N N 216 
LYS OXT HXT  sing N N 217 
MET N   CA   sing N N 218 
MET N   H    sing N N 219 
MET N   H2   sing N N 220 
MET CA  C    sing N N 221 
MET CA  CB   sing N N 222 
MET CA  HA   sing N N 223 
MET C   O    doub N N 224 
MET C   OXT  sing N N 225 
MET CB  CG   sing N N 226 
MET CB  HB2  sing N N 227 
MET CB  HB3  sing N N 228 
MET CG  SD   sing N N 229 
MET CG  HG2  sing N N 230 
MET CG  HG3  sing N N 231 
MET SD  CE   sing N N 232 
MET CE  HE1  sing N N 233 
MET CE  HE2  sing N N 234 
MET CE  HE3  sing N N 235 
MET OXT HXT  sing N N 236 
NO3 N   O1   doub N N 237 
NO3 N   O2   sing N N 238 
NO3 N   O3   sing N N 239 
PHE N   CA   sing N N 240 
PHE N   H    sing N N 241 
PHE N   H2   sing N N 242 
PHE CA  C    sing N N 243 
PHE CA  CB   sing N N 244 
PHE CA  HA   sing N N 245 
PHE C   O    doub N N 246 
PHE C   OXT  sing N N 247 
PHE CB  CG   sing N N 248 
PHE CB  HB2  sing N N 249 
PHE CB  HB3  sing N N 250 
PHE CG  CD1  doub Y N 251 
PHE CG  CD2  sing Y N 252 
PHE CD1 CE1  sing Y N 253 
PHE CD1 HD1  sing N N 254 
PHE CD2 CE2  doub Y N 255 
PHE CD2 HD2  sing N N 256 
PHE CE1 CZ   doub Y N 257 
PHE CE1 HE1  sing N N 258 
PHE CE2 CZ   sing Y N 259 
PHE CE2 HE2  sing N N 260 
PHE CZ  HZ   sing N N 261 
PHE OXT HXT  sing N N 262 
PRO N   CA   sing N N 263 
PRO N   CD   sing N N 264 
PRO N   H    sing N N 265 
PRO CA  C    sing N N 266 
PRO CA  CB   sing N N 267 
PRO CA  HA   sing N N 268 
PRO C   O    doub N N 269 
PRO C   OXT  sing N N 270 
PRO CB  CG   sing N N 271 
PRO CB  HB2  sing N N 272 
PRO CB  HB3  sing N N 273 
PRO CG  CD   sing N N 274 
PRO CG  HG2  sing N N 275 
PRO CG  HG3  sing N N 276 
PRO CD  HD2  sing N N 277 
PRO CD  HD3  sing N N 278 
PRO OXT HXT  sing N N 279 
SER N   CA   sing N N 280 
SER N   H    sing N N 281 
SER N   H2   sing N N 282 
SER CA  C    sing N N 283 
SER CA  CB   sing N N 284 
SER CA  HA   sing N N 285 
SER C   O    doub N N 286 
SER C   OXT  sing N N 287 
SER CB  OG   sing N N 288 
SER CB  HB2  sing N N 289 
SER CB  HB3  sing N N 290 
SER OG  HG   sing N N 291 
SER OXT HXT  sing N N 292 
THR N   CA   sing N N 293 
THR N   H    sing N N 294 
THR N   H2   sing N N 295 
THR CA  C    sing N N 296 
THR CA  CB   sing N N 297 
THR CA  HA   sing N N 298 
THR C   O    doub N N 299 
THR C   OXT  sing N N 300 
THR CB  OG1  sing N N 301 
THR CB  CG2  sing N N 302 
THR CB  HB   sing N N 303 
THR OG1 HG1  sing N N 304 
THR CG2 HG21 sing N N 305 
THR CG2 HG22 sing N N 306 
THR CG2 HG23 sing N N 307 
THR OXT HXT  sing N N 308 
TRP N   CA   sing N N 309 
TRP N   H    sing N N 310 
TRP N   H2   sing N N 311 
TRP CA  C    sing N N 312 
TRP CA  CB   sing N N 313 
TRP CA  HA   sing N N 314 
TRP C   O    doub N N 315 
TRP C   OXT  sing N N 316 
TRP CB  CG   sing N N 317 
TRP CB  HB2  sing N N 318 
TRP CB  HB3  sing N N 319 
TRP CG  CD1  doub Y N 320 
TRP CG  CD2  sing Y N 321 
TRP CD1 NE1  sing Y N 322 
TRP CD1 HD1  sing N N 323 
TRP CD2 CE2  doub Y N 324 
TRP CD2 CE3  sing Y N 325 
TRP NE1 CE2  sing Y N 326 
TRP NE1 HE1  sing N N 327 
TRP CE2 CZ2  sing Y N 328 
TRP CE3 CZ3  doub Y N 329 
TRP CE3 HE3  sing N N 330 
TRP CZ2 CH2  doub Y N 331 
TRP CZ2 HZ2  sing N N 332 
TRP CZ3 CH2  sing Y N 333 
TRP CZ3 HZ3  sing N N 334 
TRP CH2 HH2  sing N N 335 
TRP OXT HXT  sing N N 336 
TYR N   CA   sing N N 337 
TYR N   H    sing N N 338 
TYR N   H2   sing N N 339 
TYR CA  C    sing N N 340 
TYR CA  CB   sing N N 341 
TYR CA  HA   sing N N 342 
TYR C   O    doub N N 343 
TYR C   OXT  sing N N 344 
TYR CB  CG   sing N N 345 
TYR CB  HB2  sing N N 346 
TYR CB  HB3  sing N N 347 
TYR CG  CD1  doub Y N 348 
TYR CG  CD2  sing Y N 349 
TYR CD1 CE1  sing Y N 350 
TYR CD1 HD1  sing N N 351 
TYR CD2 CE2  doub Y N 352 
TYR CD2 HD2  sing N N 353 
TYR CE1 CZ   doub Y N 354 
TYR CE1 HE1  sing N N 355 
TYR CE2 CZ   sing Y N 356 
TYR CE2 HE2  sing N N 357 
TYR CZ  OH   sing N N 358 
TYR OH  HH   sing N N 359 
TYR OXT HXT  sing N N 360 
VAL N   CA   sing N N 361 
VAL N   H    sing N N 362 
VAL N   H2   sing N N 363 
VAL CA  C    sing N N 364 
VAL CA  CB   sing N N 365 
VAL CA  HA   sing N N 366 
VAL C   O    doub N N 367 
VAL C   OXT  sing N N 368 
VAL CB  CG1  sing N N 369 
VAL CB  CG2  sing N N 370 
VAL CB  HB   sing N N 371 
VAL CG1 HG11 sing N N 372 
VAL CG1 HG12 sing N N 373 
VAL CG1 HG13 sing N N 374 
VAL CG2 HG21 sing N N 375 
VAL CG2 HG22 sing N N 376 
VAL CG2 HG23 sing N N 377 
VAL OXT HXT  sing N N 378 
# 
_pdbx_initial_refinement_model.id               1 
_pdbx_initial_refinement_model.entity_id_list   ? 
_pdbx_initial_refinement_model.type             'experimental model' 
_pdbx_initial_refinement_model.source_name      PDB 
_pdbx_initial_refinement_model.accession_code   1REX 
_pdbx_initial_refinement_model.details          'PDB ENTRY 1REX' 
# 
_atom_sites.entry_id                    1JSF 
_atom_sites.fract_transf_matrix[1][1]   -0.00633051 
_atom_sites.fract_transf_matrix[1][2]   0.00900321 
_atom_sites.fract_transf_matrix[1][3]   -0.01364176 
_atom_sites.fract_transf_matrix[2][1]   0.01357865 
_atom_sites.fract_transf_matrix[2][2]   0.00920105 
_atom_sites.fract_transf_matrix[2][3]   -0.00022877 
_atom_sites.fract_transf_matrix[3][1]   0.01302733 
_atom_sites.fract_transf_matrix[3][2]   -0.01969893 
_atom_sites.fract_transf_matrix[3][3]   -0.01904616 
_atom_sites.fract_transf_vector[1]      0.227838 
_atom_sites.fract_transf_vector[2]      0.244387 
_atom_sites.fract_transf_vector[3]      0.864097 
# 
loop_
_atom_type.symbol 
C 
N 
O 
S 
# 
loop_
_atom_site.group_PDB 
_atom_site.id 
_atom_site.type_symbol 
_atom_site.label_atom_id 
_atom_site.label_alt_id 
_atom_site.label_comp_id 
_atom_site.label_asym_id 
_atom_site.label_entity_id 
_atom_site.label_seq_id 
_atom_site.pdbx_PDB_ins_code 
_atom_site.Cartn_x 
_atom_site.Cartn_y 
_atom_site.Cartn_z 
_atom_site.occupancy 
_atom_site.B_iso_or_equiv 
_atom_site.pdbx_formal_charge 
_atom_site.auth_seq_id 
_atom_site.auth_comp_id 
_atom_site.auth_asym_id 
_atom_site.auth_atom_id 
_atom_site.pdbx_PDB_model_num 
ATOM   1    N N   . LYS A 1 1   ? 5.469   0.870   12.944  1.00 17.06 ? 1   LYS A N   1 
ATOM   2    C CA  . LYS A 1 1   ? 5.570   2.334   13.146  1.00 18.25 ? 1   LYS A CA  1 
ATOM   3    C C   . LYS A 1 1   ? 4.304   2.996   12.582  1.00 16.14 ? 1   LYS A C   1 
ATOM   4    O O   . LYS A 1 1   ? 3.787   2.564   11.580  1.00 16.16 ? 1   LYS A O   1 
ATOM   5    C CB  . LYS A 1 1   ? 6.776   2.808   12.336  1.00 24.42 ? 1   LYS A CB  1 
ATOM   6    C CG  . LYS A 1 1   ? 6.983   4.234   12.069  1.00 26.69 ? 1   LYS A CG  1 
ATOM   7    C CD  . LYS A 1 1   ? 8.227   4.489   11.234  1.00 23.93 ? 1   LYS A CD  1 
ATOM   8    C CE  . LYS A 1 1   ? 8.417   5.957   10.931  1.00 26.10 ? 1   LYS A CE  1 
ATOM   9    N NZ  . LYS A 1 1   ? 9.717   6.228   10.313  1.00 38.54 ? 1   LYS A NZ  1 
ATOM   10   N N   . VAL A 1 2   ? 3.874   4.051   13.269  1.00 15.22 ? 2   VAL A N   1 
ATOM   11   C CA  . VAL A 1 2   ? 2.825   4.911   12.768  1.00 14.66 ? 2   VAL A CA  1 
ATOM   12   C C   . VAL A 1 2   ? 3.488   6.199   12.228  1.00 14.54 ? 2   VAL A C   1 
ATOM   13   O O   . VAL A 1 2   ? 4.052   6.976   12.970  1.00 17.31 ? 2   VAL A O   1 
ATOM   14   C CB  . VAL A 1 2   ? 1.753   5.264   13.777  1.00 18.09 ? 2   VAL A CB  1 
ATOM   15   C CG1 . VAL A 1 2   ? 0.668   6.127   13.139  1.00 20.30 ? 2   VAL A CG1 1 
ATOM   16   C CG2 . VAL A 1 2   ? 1.119   3.953   14.320  1.00 21.91 ? 2   VAL A CG2 1 
ATOM   17   N N   . PHE A 1 3   ? 3.439   6.370   10.918  1.00 13.22 ? 3   PHE A N   1 
ATOM   18   C CA  . PHE A 1 3   ? 4.054   7.562   10.320  1.00 12.29 ? 3   PHE A CA  1 
ATOM   19   C C   . PHE A 1 3   ? 3.194   8.788   10.613  1.00 13.94 ? 3   PHE A C   1 
ATOM   20   O O   . PHE A 1 3   ? 1.976   8.733   10.592  1.00 16.04 ? 3   PHE A O   1 
ATOM   21   C CB  . PHE A 1 3   ? 4.154   7.430   8.800   1.00 13.14 ? 3   PHE A CB  1 
ATOM   22   C CG  . PHE A 1 3   ? 5.289   6.609   8.294   1.00 12.43 ? 3   PHE A CG  1 
ATOM   23   C CD1 . PHE A 1 3   ? 5.245   5.218   8.341   1.00 14.74 ? 3   PHE A CD1 1 
ATOM   24   C CD2 . PHE A 1 3   ? 6.424   7.190   7.786   1.00 14.77 ? 3   PHE A CD2 1 
ATOM   25   C CE1 . PHE A 1 3   ? 6.306   4.475   7.873   1.00 16.85 ? 3   PHE A CE1 1 
ATOM   26   C CE2 . PHE A 1 3   ? 7.489   6.461   7.332   1.00 16.48 ? 3   PHE A CE2 1 
ATOM   27   C CZ  . PHE A 1 3   ? 7.421   5.075   7.329   1.00 16.12 ? 3   PHE A CZ  1 
ATOM   28   N N   . GLU A 1 4   ? 3.865   9.935   10.668  1.00 14.86 ? 4   GLU A N   1 
ATOM   29   C CA  . GLU A 1 4   ? 3.210   11.202  10.580  1.00 16.55 ? 4   GLU A CA  1 
ATOM   30   C C   . GLU A 1 4   ? 2.990   11.493  9.070   1.00 14.12 ? 4   GLU A C   1 
ATOM   31   O O   . GLU A 1 4   ? 3.761   10.984  8.244   1.00 14.27 ? 4   GLU A O   1 
ATOM   32   C CB  . GLU A 1 4   ? 4.056   12.312  11.212  1.00 21.19 ? 4   GLU A CB  1 
ATOM   33   C CG  . GLU A 1 4   ? 4.256   12.093  12.691  1.00 34.01 ? 4   GLU A CG  1 
ATOM   34   C CD  . GLU A 1 4   ? 5.239   13.026  13.341  1.00 39.62 ? 4   GLU A CD  1 
ATOM   35   O OE1 . GLU A 1 4   ? 4.955   14.228  13.424  1.00 49.70 ? 4   GLU A OE1 1 
ATOM   36   O OE2 . GLU A 1 4   ? 6.275   12.529  13.891  1.00 48.74 ? 4   GLU A OE2 1 
ATOM   37   N N   . ARG A 1 5   ? 1.984   12.223  8.723   1.00 13.42 ? 5   ARG A N   1 
ATOM   38   C CA  . ARG A 1 5   ? 1.569   12.456  7.352   1.00 13.70 ? 5   ARG A CA  1 
ATOM   39   C C   . ARG A 1 5   ? 2.714   12.907  6.454   1.00 11.54 ? 5   ARG A C   1 
ATOM   40   O O   . ARG A 1 5   ? 3.026   12.281  5.432   1.00 12.11 ? 5   ARG A O   1 
ATOM   41   C CB  . ARG A 1 5   ? 0.409   13.449  7.333   1.00 14.12 ? 5   ARG A CB  1 
ATOM   42   C CG  . ARG A 1 5   ? -0.099  13.824  5.968   1.00 16.72 ? 5   ARG A CG  1 
ATOM   43   C CD  . ARG A 1 5   ? -1.293  14.771  6.110   1.00 19.34 ? 5   ARG A CD  1 
ATOM   44   N NE  . ARG A 1 5   ? -0.937  16.085  6.563   1.00 20.28 ? 5   ARG A NE  1 
ATOM   45   C CZ  . ARG A 1 5   ? -0.573  17.113  5.790   1.00 21.61 ? 5   ARG A CZ  1 
ATOM   46   N NH1 . ARG A 1 5   ? -0.435  16.974  4.481   1.00 24.48 ? 5   ARG A NH1 1 
ATOM   47   N NH2 . ARG A 1 5   ? -0.325  18.298  6.338   1.00 23.88 ? 5   ARG A NH2 1 
ATOM   48   N N   . CYS A 1 6   ? 3.358   14.026  6.825   1.00 12.58 ? 6   CYS A N   1 
ATOM   49   C CA  . CYS A 1 6   ? 4.407   14.539  5.913   1.00 12.42 ? 6   CYS A CA  1 
ATOM   50   C C   . CYS A 1 6   ? 5.686   13.742  5.933   1.00 11.86 ? 6   CYS A C   1 
ATOM   51   O O   . CYS A 1 6   ? 6.429   13.712  4.934   1.00 13.27 ? 6   CYS A O   1 
ATOM   52   C CB  . CYS A 1 6   ? 4.673   16.011  6.225   1.00 13.64 ? 6   CYS A CB  1 
ATOM   53   S SG  . CYS A 1 6   ? 3.301   17.100  5.828   1.00 16.20 ? 6   CYS A SG  1 
ATOM   54   N N   . GLU A 1 7   ? 5.997   13.080  7.060   1.00 12.12 ? 7   GLU A N   1 
ATOM   55   C CA  . GLU A 1 7   ? 7.111   12.123  7.114   1.00 12.07 ? 7   GLU A CA  1 
ATOM   56   C C   . GLU A 1 7   ? 6.881   11.014  6.066   1.00 11.12 ? 7   GLU A C   1 
ATOM   57   O O   . GLU A 1 7   ? 7.787   10.649  5.358   1.00 12.80 ? 7   GLU A O   1 
ATOM   58   C CB  . GLU A 1 7   ? 7.128   11.486  8.502   1.00 16.60 ? 7   GLU A CB  1 
ATOM   59   C CG  . GLU A 1 7   ? 8.224   10.494  8.721   1.00 18.77 ? 7   GLU A CG  1 
ATOM   60   C CD  . GLU A 1 7   ? 8.103   9.717   10.016  1.00 21.58 ? 7   GLU A CD  1 
ATOM   61   O OE1 . GLU A 1 7   ? 6.990   9.664   10.624  1.00 21.23 ? 7   GLU A OE1 1 
ATOM   62   O OE2 . GLU A 1 7   ? 9.105   9.096   10.409  1.00 26.51 ? 7   GLU A OE2 1 
ATOM   63   N N   . LEU A 1 8   ? 5.660   10.496  5.992   1.00 11.84 ? 8   LEU A N   1 
ATOM   64   C CA  . LEU A 1 8   ? 5.389   9.452   5.000   1.00 10.90 ? 8   LEU A CA  1 
ATOM   65   C C   . LEU A 1 8   ? 5.469   10.024  3.585   1.00 10.67 ? 8   LEU A C   1 
ATOM   66   O O   . LEU A 1 8   ? 6.031   9.392   2.702   1.00 11.45 ? 8   LEU A O   1 
ATOM   67   C CB  . LEU A 1 8   ? 3.990   8.838   5.205   1.00 11.53 ? 8   LEU A CB  1 
ATOM   68   C CG  . LEU A 1 8   ? 3.624   7.726   4.236   1.00 11.62 ? 8   LEU A CG  1 
ATOM   69   C CD1 . LEU A 1 8   ? 4.630   6.576   4.298   1.00 14.29 ? 8   LEU A CD1 1 
ATOM   70   C CD2 . LEU A 1 8   ? 2.186   7.245   4.513   1.00 16.83 ? 8   LEU A CD2 1 
ATOM   71   N N   . ALA A 1 9   ? 4.942   11.209  3.367   1.00 10.92 ? 9   ALA A N   1 
ATOM   72   C CA  . ALA A 1 9   ? 5.007   11.812  2.028   1.00 11.36 ? 9   ALA A CA  1 
ATOM   73   C C   . ALA A 1 9   ? 6.443   11.950  1.545   1.00 12.02 ? 9   ALA A C   1 
ATOM   74   O O   . ALA A 1 9   ? 6.776   11.597  0.414   1.00 11.55 ? 9   ALA A O   1 
ATOM   75   C CB  . ALA A 1 9   ? 4.297   13.141  1.994   1.00 13.31 ? 9   ALA A CB  1 
ATOM   76   N N   . ARG A 1 10  ? 7.330   12.434  2.415   1.00 11.89 ? 10  ARG A N   1 
ATOM   77   C CA  . ARG A 1 10  ? 8.741   12.564  1.992   1.00 12.26 ? 10  ARG A CA  1 
ATOM   78   C C   . ARG A 1 10  ? 9.398   11.219  1.792   1.00 11.30 ? 10  ARG A C   1 
ATOM   79   O O   . ARG A 1 10  ? 10.242  11.065  0.876   1.00 13.37 ? 10  ARG A O   1 
ATOM   80   C CB  . ARG A 1 10  ? 9.524   13.385  3.002   1.00 15.41 ? 10  ARG A CB  1 
ATOM   81   C CG  . ARG A 1 10  ? 9.194   14.879  3.031   1.00 17.40 ? 10  ARG A CG  1 
ATOM   82   C CD  . ARG A 1 10  ? 10.169  15.599  3.957   1.00 21.37 ? 10  ARG A CD  1 
ATOM   83   N NE  . ARG A 1 10  ? 9.968   15.268  5.351   1.00 20.21 ? 10  ARG A NE  1 
ATOM   84   C CZ  . ARG A 1 10  ? 9.047   15.789  6.138   1.00 19.83 ? 10  ARG A CZ  1 
ATOM   85   N NH1 . ARG A 1 10  ? 8.267   16.779  5.713   1.00 20.32 ? 10  ARG A NH1 1 
ATOM   86   N NH2 . ARG A 1 10  ? 8.903   15.365  7.386   1.00 23.03 ? 10  ARG A NH2 1 
ATOM   87   N N   . THR A 1 11  ? 9.063   10.236  2.611   1.00 11.61 ? 11  THR A N   1 
ATOM   88   C CA  . THR A 1 11  ? 9.613   8.885   2.483   1.00 11.60 ? 11  THR A CA  1 
ATOM   89   C C   . THR A 1 11  ? 9.212   8.259   1.152   1.00 11.46 ? 11  THR A C   1 
ATOM   90   O O   . THR A 1 11  ? 10.046  7.724   0.429   1.00 12.79 ? 11  THR A O   1 
ATOM   91   C CB  . THR A 1 11  ? 9.137   8.000   3.646   1.00 13.51 ? 11  THR A CB  1 
ATOM   92   O OG1 . THR A 1 11  ? 9.651   8.586   4.860   1.00 15.51 ? 11  THR A OG1 1 
ATOM   93   C CG2 . THR A 1 11  ? 9.652   6.581   3.540   1.00 15.20 ? 11  THR A CG2 1 
ATOM   94   N N   . LEU A 1 12  ? 7.917   8.376   0.814   1.00 10.78 ? 12  LEU A N   1 
ATOM   95   C CA  . LEU A 1 12  ? 7.431   7.845   -0.448  1.00 11.18 ? 12  LEU A CA  1 
ATOM   96   C C   . LEU A 1 12  ? 8.091   8.547   -1.620  1.00 11.18 ? 12  LEU A C   1 
ATOM   97   O O   . LEU A 1 12  ? 8.395   7.916   -2.626  1.00 12.56 ? 12  LEU A O   1 
ATOM   98   C CB  . LEU A 1 12  ? 5.911   7.943   -0.566  1.00 12.02 ? 12  LEU A CB  1 
ATOM   99   C CG  . LEU A 1 12  ? 5.106   7.049   0.419   1.00 12.75 ? 12  LEU A CG  1 
ATOM   100  C CD1 . LEU A 1 12  ? 3.634   7.301   0.245   1.00 17.07 ? 12  LEU A CD1 1 
ATOM   101  C CD2 . LEU A 1 12  ? 5.477   5.598   0.235   1.00 16.49 ? 12  LEU A CD2 1 
ATOM   102  N N   . LYS A 1 13  ? 8.307   9.854   -1.520  1.00 11.39 ? 13  LYS A N   1 
ATOM   103  C CA  . LYS A 1 13  ? 8.945   10.580  -2.609  1.00 11.97 ? 13  LYS A CA  1 
ATOM   104  C C   . LYS A 1 13  ? 10.364  10.096  -2.816  1.00 12.47 ? 13  LYS A C   1 
ATOM   105  O O   . LYS A 1 13  ? 10.787  9.850   -3.947  1.00 13.70 ? 13  LYS A O   1 
ATOM   106  C CB  . LYS A 1 13  ? 8.923   12.061  -2.351  1.00 16.60 ? 13  LYS A CB  1 
ATOM   107  C CG  . LYS A 1 13  ? 9.537   12.886  -3.491  1.00 22.62 ? 13  LYS A CG  1 
ATOM   108  C CD  . LYS A 1 13  ? 8.879   14.231  -3.620  1.00 30.87 ? 13  LYS A CD  1 
ATOM   109  C CE  . LYS A 1 13  ? 9.334   14.901  -4.947  1.00 37.86 ? 13  LYS A CE  1 
ATOM   110  N NZ  . LYS A 1 13  ? 8.453   16.083  -5.189  1.00 58.06 ? 13  LYS A NZ  1 
ATOM   111  N N   . ARG A 1 14  ? 11.117  9.885   -1.748  1.00 12.34 ? 14  ARG A N   1 
ATOM   112  C CA  . ARG A 1 14  ? 12.497  9.396   -1.867  1.00 12.96 ? 14  ARG A CA  1 
ATOM   113  C C   . ARG A 1 14  ? 12.577  7.989   -2.450  1.00 11.94 ? 14  ARG A C   1 
ATOM   114  O O   . ARG A 1 14  ? 13.556  7.646   -3.092  1.00 14.46 ? 14  ARG A O   1 
ATOM   115  C CB  A ARG A 1 14  ? 13.316  9.609   -0.640  0.30 15.28 ? 14  ARG A CB  1 
ATOM   116  C CB  B ARG A 1 14  ? 13.081  9.298   -0.424  0.70 15.74 ? 14  ARG A CB  1 
ATOM   117  C CG  A ARG A 1 14  ? 13.627  11.099  -0.360  0.30 19.21 ? 14  ARG A CG  1 
ATOM   118  C CG  B ARG A 1 14  ? 13.614  10.653  0.033   0.70 21.21 ? 14  ARG A CG  1 
ATOM   119  C CD  A ARG A 1 14  ? 14.356  11.710  -1.552  0.30 26.84 ? 14  ARG A CD  1 
ATOM   120  C CD  B ARG A 1 14  ? 14.638  10.428  1.155   0.70 28.16 ? 14  ARG A CD  1 
ATOM   121  N NE  A ARG A 1 14  ? 14.984  12.975  -1.230  0.30 35.78 ? 14  ARG A NE  1 
ATOM   122  N NE  B ARG A 1 14  ? 14.080  9.692   2.247   0.70 30.61 ? 14  ARG A NE  1 
ATOM   123  C CZ  A ARG A 1 14  ? 16.050  13.169  -0.478  0.30 33.72 ? 14  ARG A CZ  1 
ATOM   124  C CZ  B ARG A 1 14  ? 13.400  10.250  3.255   0.70 30.91 ? 14  ARG A CZ  1 
ATOM   125  N NH1 A ARG A 1 14  ? 15.951  13.860  0.656   0.30 36.51 ? 14  ARG A NH1 1 
ATOM   126  N NH1 B ARG A 1 14  ? 13.265  11.560  3.324   0.70 32.12 ? 14  ARG A NH1 1 
ATOM   127  N NH2 A ARG A 1 14  ? 17.252  12.731  -0.846  0.30 28.73 ? 14  ARG A NH2 1 
ATOM   128  N NH2 B ARG A 1 14  ? 12.844  9.437   4.139   0.70 31.46 ? 14  ARG A NH2 1 
ATOM   129  N N   . LEU A 1 15  ? 11.517  7.206   -2.217  1.00 11.41 ? 15  LEU A N   1 
ATOM   130  C CA  . LEU A 1 15  ? 11.428  5.853   -2.713  1.00 11.71 ? 15  LEU A CA  1 
ATOM   131  C C   . LEU A 1 15  ? 10.865  5.744   -4.114  1.00 12.33 ? 15  LEU A C   1 
ATOM   132  O O   . LEU A 1 15  ? 10.719  4.646   -4.648  1.00 15.00 ? 15  LEU A O   1 
ATOM   133  C CB  . LEU A 1 15  ? 10.661  4.982   -1.694  1.00 13.70 ? 15  LEU A CB  1 
ATOM   134  C CG  . LEU A 1 15  ? 11.381  4.676   -0.405  1.00 15.21 ? 15  LEU A CG  1 
ATOM   135  C CD1 . LEU A 1 15  ? 10.454  4.006   0.622   1.00 16.24 ? 15  LEU A CD1 1 
ATOM   136  C CD2 . LEU A 1 15  ? 12.596  3.788   -0.625  1.00 20.49 ? 15  LEU A CD2 1 
ATOM   137  N N   . GLY A 1 16  ? 10.665  6.875   -4.781  1.00 12.66 ? 16  GLY A N   1 
ATOM   138  C CA  . GLY A 1 16  ? 10.301  6.887   -6.184  1.00 13.48 ? 16  GLY A CA  1 
ATOM   139  C C   . GLY A 1 16  ? 8.869   6.685   -6.523  1.00 12.84 ? 16  GLY A C   1 
ATOM   140  O O   . GLY A 1 16  ? 8.518   6.374   -7.658  1.00 15.76 ? 16  GLY A O   1 
ATOM   141  N N   . MET A 1 17  ? 7.963   6.974   -5.576  1.00 11.57 ? 17  MET A N   1 
ATOM   142  C CA  . MET A 1 17  ? 6.545   6.791   -5.818  1.00 11.60 ? 17  MET A CA  1 
ATOM   143  C C   . MET A 1 17  ? 5.866   7.909   -6.563  1.00 11.86 ? 17  MET A C   1 
ATOM   144  O O   . MET A 1 17  ? 4.747   7.679   -7.064  1.00 14.20 ? 17  MET A O   1 
ATOM   145  C CB  . MET A 1 17  ? 5.820   6.510   -4.494  1.00 13.14 ? 17  MET A CB  1 
ATOM   146  C CG  . MET A 1 17  ? 6.289   5.182   -3.877  1.00 14.11 ? 17  MET A CG  1 
ATOM   147  S SD  . MET A 1 17  ? 5.619   3.799   -4.810  1.00 18.03 ? 17  MET A SD  1 
ATOM   148  C CE  . MET A 1 17  ? 4.313   3.261   -3.631  1.00 24.42 ? 17  MET A CE  1 
ATOM   149  N N   . ASP A 1 18  ? 6.399   9.109   -6.574  1.00 12.93 ? 18  ASP A N   1 
ATOM   150  C CA  . ASP A 1 18  ? 5.693   10.231  -7.203  1.00 14.41 ? 18  ASP A CA  1 
ATOM   151  C C   . ASP A 1 18  ? 5.661   10.050  -8.690  1.00 14.70 ? 18  ASP A C   1 
ATOM   152  O O   . ASP A 1 18  ? 6.669   10.173  -9.372  1.00 17.65 ? 18  ASP A O   1 
ATOM   153  C CB  . ASP A 1 18  ? 6.254   11.577  -6.781  1.00 16.44 ? 18  ASP A CB  1 
ATOM   154  C CG  . ASP A 1 18  ? 5.378   12.749  -7.151  1.00 19.56 ? 18  ASP A CG  1 
ATOM   155  O OD1 . ASP A 1 18  ? 4.129   12.601  -7.369  1.00 20.72 ? 18  ASP A OD1 1 
ATOM   156  O OD2 . ASP A 1 18  ? 5.896   13.850  -7.252  1.00 29.13 ? 18  ASP A OD2 1 
ATOM   157  N N   . GLY A 1 19  ? 4.464   9.809   -9.256  1.00 12.95 ? 19  GLY A N   1 
ATOM   158  C CA  . GLY A 1 19  ? 4.303   9.618   -10.661 1.00 15.05 ? 19  GLY A CA  1 
ATOM   159  C C   . GLY A 1 19  ? 4.586   8.226   -11.142 1.00 12.69 ? 19  GLY A C   1 
ATOM   160  O O   . GLY A 1 19  ? 4.588   7.984   -12.360 1.00 15.26 ? 19  GLY A O   1 
ATOM   161  N N   . TYR A 1 20  ? 4.799   7.276   -10.214 1.00 13.11 ? 20  TYR A N   1 
ATOM   162  C CA  . TYR A 1 20  ? 5.086   5.896   -10.658 1.00 11.95 ? 20  TYR A CA  1 
ATOM   163  C C   . TYR A 1 20  ? 3.851   5.325   -11.357 1.00 11.72 ? 20  TYR A C   1 
ATOM   164  O O   . TYR A 1 20  ? 2.770   5.326   -10.769 1.00 12.45 ? 20  TYR A O   1 
ATOM   165  C CB  . TYR A 1 20  ? 5.422   5.033   -9.418  1.00 12.49 ? 20  TYR A CB  1 
ATOM   166  C CG  . TYR A 1 20  ? 5.937   3.682   -9.858  1.00 12.45 ? 20  TYR A CG  1 
ATOM   167  C CD1 . TYR A 1 20  ? 7.255   3.496   -10.190 1.00 15.37 ? 20  TYR A CD1 1 
ATOM   168  C CD2 . TYR A 1 20  ? 5.090   2.597   -9.966  1.00 12.41 ? 20  TYR A CD2 1 
ATOM   169  C CE1 . TYR A 1 20  ? 7.734   2.258   -10.608 1.00 16.89 ? 20  TYR A CE1 1 
ATOM   170  C CE2 . TYR A 1 20  ? 5.538   1.384   -10.417 1.00 13.65 ? 20  TYR A CE2 1 
ATOM   171  C CZ  . TYR A 1 20  ? 6.863   1.209   -10.749 1.00 15.67 ? 20  TYR A CZ  1 
ATOM   172  O OH  . TYR A 1 20  ? 7.317   -0.011  -11.191 1.00 20.08 ? 20  TYR A OH  1 
ATOM   173  N N   . ARG A 1 21  ? 4.011   4.885   -12.591 1.00 13.06 ? 21  ARG A N   1 
ATOM   174  C CA  . ARG A 1 21  ? 2.909   4.401   -13.406 1.00 14.28 ? 21  ARG A CA  1 
ATOM   175  C C   . ARG A 1 21  ? 1.763   5.380   -13.458 1.00 13.33 ? 21  ARG A C   1 
ATOM   176  O O   . ARG A 1 21  ? 0.593   5.050   -13.551 1.00 14.35 ? 21  ARG A O   1 
ATOM   177  C CB  . ARG A 1 21  ? 2.466   2.997   -12.968 1.00 16.78 ? 21  ARG A CB  1 
ATOM   178  C CG  . ARG A 1 21  ? 3.495   1.929   -13.313 1.00 25.30 ? 21  ARG A CG  1 
ATOM   179  C CD  . ARG A 1 21  ? 3.109   1.207   -14.600 1.00 33.61 ? 21  ARG A CD  1 
ATOM   180  N NE  . ARG A 1 21  ? 1.832   0.468   -14.358 1.00 56.79 ? 21  ARG A NE  1 
ATOM   181  C CZ  . ARG A 1 21  ? 0.939   0.255   -15.309 1.00 61.31 ? 21  ARG A CZ  1 
ATOM   182  N NH1 . ARG A 1 21  ? 1.325   0.282   -16.580 1.00 60.56 ? 21  ARG A NH1 1 
ATOM   183  N NH2 . ARG A 1 21  ? -0.340  0.020   -14.984 1.00 45.90 ? 21  ARG A NH2 1 
ATOM   184  N N   . GLY A 1 22  ? 2.122   6.684   -13.443 1.00 12.43 ? 22  GLY A N   1 
ATOM   185  C CA  . GLY A 1 22  ? 1.159   7.736   -13.534 1.00 12.76 ? 22  GLY A CA  1 
ATOM   186  C C   . GLY A 1 22  ? 0.432   8.141   -12.286 1.00 11.21 ? 22  GLY A C   1 
ATOM   187  O O   . GLY A 1 22  ? -0.474  8.973   -12.373 1.00 12.81 ? 22  GLY A O   1 
ATOM   188  N N   . ILE A 1 23  ? 0.811   7.620   -11.134 1.00 11.07 ? 23  ILE A N   1 
ATOM   189  C CA  . ILE A 1 23  ? 0.119   7.809   -9.872  1.00 11.77 ? 23  ILE A CA  1 
ATOM   190  C C   . ILE A 1 23  ? 0.816   8.861   -9.033  1.00 10.74 ? 23  ILE A C   1 
ATOM   191  O O   . ILE A 1 23  ? 1.973   8.700   -8.606  1.00 12.48 ? 23  ILE A O   1 
ATOM   192  C CB  . ILE A 1 23  ? 0.061   6.475   -9.080  1.00 10.86 ? 23  ILE A CB  1 
ATOM   193  C CG1 . ILE A 1 23  ? -0.581  5.359   -9.936  1.00 12.80 ? 23  ILE A CG1 1 
ATOM   194  C CG2 . ILE A 1 23  ? -0.673  6.675   -7.776  1.00 13.41 ? 23  ILE A CG2 1 
ATOM   195  C CD1 . ILE A 1 23  ? -0.323  3.952   -9.346  1.00 14.46 ? 23  ILE A CD1 1 
ATOM   196  N N   . SER A 1 24  ? 0.117   9.934   -8.740  1.00 11.50 ? 24  SER A N   1 
ATOM   197  C CA  . SER A 1 24  ? 0.684   11.011  -7.958  1.00 11.97 ? 24  SER A CA  1 
ATOM   198  C C   . SER A 1 24  ? 0.873   10.616  -6.510  1.00 11.84 ? 24  SER A C   1 
ATOM   199  O O   . SER A 1 24  ? 0.190   9.717   -5.941  1.00 11.40 ? 24  SER A O   1 
ATOM   200  C CB  . SER A 1 24  ? -0.255  12.232  -7.979  1.00 12.92 ? 24  SER A CB  1 
ATOM   201  O OG  . SER A 1 24  ? -1.444  11.931  -7.291  1.00 13.62 ? 24  SER A OG  1 
ATOM   202  N N   . LEU A 1 25  ? 1.768   11.301  -5.840  1.00 12.17 ? 25  LEU A N   1 
ATOM   203  C CA  . LEU A 1 25  ? 2.016   11.057  -4.432  1.00 12.23 ? 25  LEU A CA  1 
ATOM   204  C C   . LEU A 1 25  ? 0.749   11.195  -3.595  1.00 12.01 ? 25  LEU A C   1 
ATOM   205  O O   . LEU A 1 25  ? 0.546   10.400  -2.667  1.00 12.74 ? 25  LEU A O   1 
ATOM   206  C CB  A LEU A 1 25  ? 3.067   12.054  -3.894  0.40 14.11 ? 25  LEU A CB  1 
ATOM   207  C CB  B LEU A 1 25  ? 3.122   12.015  -3.985  0.60 14.96 ? 25  LEU A CB  1 
ATOM   208  C CG  A LEU A 1 25  ? 4.521   11.657  -4.071  0.40 14.92 ? 25  LEU A CG  1 
ATOM   209  C CG  B LEU A 1 25  ? 3.706   11.814  -2.631  0.60 13.26 ? 25  LEU A CG  1 
ATOM   210  C CD1 A LEU A 1 25  ? 5.429   12.678  -3.366  0.40 24.21 ? 25  LEU A CD1 1 
ATOM   211  C CD1 B LEU A 1 25  ? 4.239   10.419  -2.427  0.60 18.00 ? 25  LEU A CD1 1 
ATOM   212  C CD2 A LEU A 1 25  ? 4.767   10.269  -3.503  0.40 17.27 ? 25  LEU A CD2 1 
ATOM   213  C CD2 B LEU A 1 25  ? 4.795   12.870  -2.359  0.60 15.14 ? 25  LEU A CD2 1 
ATOM   214  N N   . ALA A 1 26  ? -0.085  12.170  -3.918  1.00 11.62 ? 26  ALA A N   1 
ATOM   215  C CA  . ALA A 1 26  ? -1.312  12.409  -3.134  1.00 12.16 ? 26  ALA A CA  1 
ATOM   216  C C   . ALA A 1 26  ? -2.201  11.166  -3.199  1.00 12.03 ? 26  ALA A C   1 
ATOM   217  O O   . ALA A 1 26  ? -2.884  10.854  -2.234  1.00 12.52 ? 26  ALA A O   1 
ATOM   218  C CB  . ALA A 1 26  ? -2.050  13.638  -3.603  1.00 14.36 ? 26  ALA A CB  1 
ATOM   219  N N   . ASN A 1 27  ? -2.237  10.507  -4.357  1.00 11.30 ? 27  ASN A N   1 
ATOM   220  C CA  . ASN A 1 27  ? -3.046  9.281   -4.495  1.00 11.72 ? 27  ASN A CA  1 
ATOM   221  C C   . ASN A 1 27  ? -2.492  8.146   -3.640  1.00 11.31 ? 27  ASN A C   1 
ATOM   222  O O   . ASN A 1 27  ? -3.259  7.429   -2.993  1.00 12.02 ? 27  ASN A O   1 
ATOM   223  C CB  . ASN A 1 27  ? -3.188  8.915   -5.948  1.00 11.67 ? 27  ASN A CB  1 
ATOM   224  C CG  . ASN A 1 27  ? -4.378  9.613   -6.607  1.00 12.91 ? 27  ASN A CG  1 
ATOM   225  O OD1 . ASN A 1 27  ? -5.509  9.411   -6.213  1.00 15.81 ? 27  ASN A OD1 1 
ATOM   226  N ND2 . ASN A 1 27  ? -4.062  10.421  -7.590  1.00 15.94 ? 27  ASN A ND2 1 
ATOM   227  N N   . TRP A 1 28  ? -1.176  8.007   -3.573  1.00 10.26 ? 28  TRP A N   1 
ATOM   228  C CA  . TRP A 1 28  ? -0.561  7.022   -2.706  1.00 10.77 ? 28  TRP A CA  1 
ATOM   229  C C   . TRP A 1 28  ? -0.830  7.329   -1.232  1.00 11.26 ? 28  TRP A C   1 
ATOM   230  O O   . TRP A 1 28  ? -1.061  6.406   -0.438  1.00 11.17 ? 28  TRP A O   1 
ATOM   231  C CB  . TRP A 1 28  ? 0.920   6.918   -2.917  1.00 10.49 ? 28  TRP A CB  1 
ATOM   232  C CG  . TRP A 1 28  ? 1.377   6.317   -4.200  1.00 10.02 ? 28  TRP A CG  1 
ATOM   233  C CD1 . TRP A 1 28  ? 2.059   6.971   -5.220  1.00 12.17 ? 28  TRP A CD1 1 
ATOM   234  C CD2 . TRP A 1 28  ? 1.269   4.967   -4.626  1.00 10.69 ? 28  TRP A CD2 1 
ATOM   235  N NE1 . TRP A 1 28  ? 2.367   6.090   -6.209  1.00 12.53 ? 28  TRP A NE1 1 
ATOM   236  C CE2 . TRP A 1 28  ? 1.910   4.843   -5.887  1.00 11.35 ? 28  TRP A CE2 1 
ATOM   237  C CE3 . TRP A 1 28  ? 0.720   3.833   -4.026  1.00 12.47 ? 28  TRP A CE3 1 
ATOM   238  C CZ2 . TRP A 1 28  ? 1.967   3.635   -6.539  1.00 13.34 ? 28  TRP A CZ2 1 
ATOM   239  C CZ3 . TRP A 1 28  ? 0.799   2.633   -4.675  1.00 14.07 ? 28  TRP A CZ3 1 
ATOM   240  C CH2 . TRP A 1 28  ? 1.425   2.544   -5.917  1.00 14.86 ? 28  TRP A CH2 1 
ATOM   241  N N   . MET A 1 29  ? -0.794  8.601   -0.867  1.00 10.67 ? 29  MET A N   1 
ATOM   242  C CA  . MET A 1 29  ? -1.080  9.015   0.501   1.00 10.61 ? 29  MET A CA  1 
ATOM   243  C C   . MET A 1 29  ? -2.526  8.705   0.871   1.00 11.13 ? 29  MET A C   1 
ATOM   244  O O   . MET A 1 29  ? -2.797  8.213   1.972   1.00 11.94 ? 29  MET A O   1 
ATOM   245  C CB  . MET A 1 29  ? -0.772  10.476  0.693   1.00 11.54 ? 29  MET A CB  1 
ATOM   246  C CG  . MET A 1 29  ? 0.702   10.844  0.671   1.00 12.10 ? 29  MET A CG  1 
ATOM   247  S SD  . MET A 1 29  ? 1.608   10.195  2.069   1.00 14.40 ? 29  MET A SD  1 
ATOM   248  C CE  . MET A 1 29  ? 0.800   11.107  3.393   1.00 17.16 ? 29  MET A CE  1 
ATOM   249  N N   . CYS A 1 30  ? -3.452  8.997   -0.050  1.00 11.31 ? 30  CYS A N   1 
ATOM   250  C CA  . CYS A 1 30  ? -4.864  8.713   0.221   1.00 11.47 ? 30  CYS A CA  1 
ATOM   251  C C   . CYS A 1 30  ? -5.049  7.215   0.408   1.00 12.45 ? 30  CYS A C   1 
ATOM   252  O O   . CYS A 1 30  ? -5.736  6.804   1.333   1.00 12.88 ? 30  CYS A O   1 
ATOM   253  C CB  . CYS A 1 30  ? -5.704  9.244   -0.934  1.00 12.22 ? 30  CYS A CB  1 
ATOM   254  S SG  . CYS A 1 30  ? -7.486  9.107   -0.675  1.00 13.65 ? 30  CYS A SG  1 
ATOM   255  N N   . LEU A 1 31  ? -4.381  6.400   -0.379  1.00 11.57 ? 31  LEU A N   1 
ATOM   256  C CA  . LEU A 1 31  ? -4.442  4.941   -0.224  1.00 12.27 ? 31  LEU A CA  1 
ATOM   257  C C   . LEU A 1 31  ? -3.972  4.502   1.157   1.00 11.08 ? 31  LEU A C   1 
ATOM   258  O O   . LEU A 1 31  ? -4.630  3.755   1.888   1.00 12.30 ? 31  LEU A O   1 
ATOM   259  C CB  . LEU A 1 31  ? -3.612  4.275   -1.308  1.00 13.03 ? 31  LEU A CB  1 
ATOM   260  C CG  . LEU A 1 31  ? -3.541  2.735   -1.241  1.00 12.69 ? 31  LEU A CG  1 
ATOM   261  C CD1 . LEU A 1 31  ? -4.870  2.110   -1.512  1.00 15.53 ? 31  LEU A CD1 1 
ATOM   262  C CD2 . LEU A 1 31  ? -2.429  2.212   -2.134  1.00 16.22 ? 31  LEU A CD2 1 
ATOM   263  N N   . ALA A 1 32  ? -2.782  4.966   1.558   1.00 11.51 ? 32  ALA A N   1 
ATOM   264  C CA  . ALA A 1 32  ? -2.221  4.563   2.826   1.00 11.12 ? 32  ALA A CA  1 
ATOM   265  C C   . ALA A 1 32  ? -3.082  5.029   3.990   1.00 11.09 ? 32  ALA A C   1 
ATOM   266  O O   . ALA A 1 32  ? -3.241  4.296   4.985   1.00 13.12 ? 32  ALA A O   1 
ATOM   267  C CB  . ALA A 1 32  ? -0.794  5.094   2.974   1.00 12.81 ? 32  ALA A CB  1 
ATOM   268  N N   . LYS A 1 33  ? -3.619  6.229   3.903   1.00 10.96 ? 33  LYS A N   1 
ATOM   269  C CA  . LYS A 1 33  ? -4.448  6.760   4.982   1.00 12.88 ? 33  LYS A CA  1 
ATOM   270  C C   . LYS A 1 33  ? -5.629  5.824   5.245   1.00 12.92 ? 33  LYS A C   1 
ATOM   271  O O   . LYS A 1 33  ? -5.905  5.447   6.352   1.00 14.54 ? 33  LYS A O   1 
ATOM   272  C CB  . LYS A 1 33  ? -4.972  8.183   4.622   1.00 14.78 ? 33  LYS A CB  1 
ATOM   273  C CG  . LYS A 1 33  ? -5.543  8.877   5.900   1.00 24.35 ? 33  LYS A CG  1 
ATOM   274  C CD  . LYS A 1 33  ? -6.988  8.812   6.019   1.00 31.88 ? 33  LYS A CD  1 
ATOM   275  C CE  . LYS A 1 33  ? -7.548  9.256   7.373   1.00 43.51 ? 33  LYS A CE  1 
ATOM   276  N NZ  . LYS A 1 33  ? -6.650  10.260  8.023   1.00 44.62 ? 33  LYS A NZ  1 
ATOM   277  N N   . TRP A 1 34  ? -6.357  5.506   4.167   1.00 12.70 ? 34  TRP A N   1 
ATOM   278  C CA  . TRP A 1 34  ? -7.565  4.723   4.328   1.00 13.46 ? 34  TRP A CA  1 
ATOM   279  C C   . TRP A 1 34  ? -7.336  3.269   4.529   1.00 13.18 ? 34  TRP A C   1 
ATOM   280  O O   . TRP A 1 34  ? -8.203  2.574   5.096   1.00 18.23 ? 34  TRP A O   1 
ATOM   281  C CB  . TRP A 1 34  ? -8.589  5.064   3.250   1.00 14.44 ? 34  TRP A CB  1 
ATOM   282  C CG  . TRP A 1 34  ? -9.021  6.504   3.396   1.00 13.70 ? 34  TRP A CG  1 
ATOM   283  C CD1 . TRP A 1 34  ? -8.662  7.556   2.615   1.00 14.63 ? 34  TRP A CD1 1 
ATOM   284  C CD2 . TRP A 1 34  ? -9.814  7.033   4.459   1.00 16.12 ? 34  TRP A CD2 1 
ATOM   285  N NE1 . TRP A 1 34  ? -9.203  8.703   3.097   1.00 17.71 ? 34  TRP A NE1 1 
ATOM   286  C CE2 . TRP A 1 34  ? -9.931  8.425   4.232   1.00 16.71 ? 34  TRP A CE2 1 
ATOM   287  C CE3 . TRP A 1 34  ? -10.479 6.471   5.556   1.00 17.51 ? 34  TRP A CE3 1 
ATOM   288  C CZ2 . TRP A 1 34  ? -10.652 9.267   5.051   1.00 23.07 ? 34  TRP A CZ2 1 
ATOM   289  C CZ3 . TRP A 1 34  ? -11.197 7.328   6.386   1.00 23.60 ? 34  TRP A CZ3 1 
ATOM   290  C CH2 . TRP A 1 34  ? -11.282 8.685   6.145   1.00 24.86 ? 34  TRP A CH2 1 
ATOM   291  N N   . GLU A 1 35  ? -6.217  2.720   4.073   1.00 12.38 ? 35  GLU A N   1 
ATOM   292  C CA  . GLU A 1 35  ? -5.949  1.306   4.290   1.00 13.11 ? 35  GLU A CA  1 
ATOM   293  C C   . GLU A 1 35  ? -5.503  1.007   5.709   1.00 13.40 ? 35  GLU A C   1 
ATOM   294  O O   . GLU A 1 35  ? -5.949  0.028   6.295   1.00 14.31 ? 35  GLU A O   1 
ATOM   295  C CB  . GLU A 1 35  ? -4.863  0.808   3.308   1.00 13.51 ? 35  GLU A CB  1 
ATOM   296  C CG  . GLU A 1 35  ? -5.351  0.676   1.878   1.00 13.78 ? 35  GLU A CG  1 
ATOM   297  C CD  . GLU A 1 35  ? -6.393  -0.410  1.647   1.00 15.30 ? 35  GLU A CD  1 
ATOM   298  O OE1 . GLU A 1 35  ? -6.687  -1.179  2.555   1.00 17.48 ? 35  GLU A OE1 1 
ATOM   299  O OE2 . GLU A 1 35  ? -6.935  -0.439  0.500   1.00 19.70 ? 35  GLU A OE2 1 
ATOM   300  N N   . SER A 1 36  ? -4.607  1.838   6.262   1.00 13.52 ? 36  SER A N   1 
ATOM   301  C CA  . SER A 1 36  ? -3.944  1.534   7.520   1.00 13.25 ? 36  SER A CA  1 
ATOM   302  C C   . SER A 1 36  ? -3.811  2.668   8.497   1.00 13.07 ? 36  SER A C   1 
ATOM   303  O O   . SER A 1 36  ? -3.286  2.465   9.614   1.00 15.89 ? 36  SER A O   1 
ATOM   304  C CB  . SER A 1 36  ? -2.528  1.005   7.209   1.00 13.02 ? 36  SER A CB  1 
ATOM   305  O OG  . SER A 1 36  ? -1.741  2.065   6.707   1.00 13.33 ? 36  SER A OG  1 
ATOM   306  N N   . GLY A 1 37  ? -4.194  3.867   8.139   1.00 14.49 ? 37  GLY A N   1 
ATOM   307  C CA  . GLY A 1 37  ? -3.910  5.029   9.011   1.00 14.62 ? 37  GLY A CA  1 
ATOM   308  C C   . GLY A 1 37  ? -2.425  5.263   9.167   1.00 12.70 ? 37  GLY A C   1 
ATOM   309  O O   . GLY A 1 37  ? -1.942  5.760   10.185  1.00 16.12 ? 37  GLY A O   1 
ATOM   310  N N   . TYR A 1 38  ? -1.655  4.926   8.119   1.00 12.50 ? 38  TYR A N   1 
ATOM   311  C CA  . TYR A 1 38  ? -0.225  5.121   8.097   1.00 12.41 ? 38  TYR A CA  1 
ATOM   312  C C   . TYR A 1 38  ? 0.528   4.234   9.055   1.00 12.36 ? 38  TYR A C   1 
ATOM   313  O O   . TYR A 1 38  ? 1.634   4.569   9.517   1.00 15.84 ? 38  TYR A O   1 
ATOM   314  C CB  . TYR A 1 38  ? 0.169   6.582   8.308   1.00 13.48 ? 38  TYR A CB  1 
ATOM   315  C CG  . TYR A 1 38  ? -0.545  7.637   7.500   1.00 12.71 ? 38  TYR A CG  1 
ATOM   316  C CD1 . TYR A 1 38  ? -0.787  7.518   6.148   1.00 13.92 ? 38  TYR A CD1 1 
ATOM   317  C CD2 . TYR A 1 38  ? -0.925  8.847   8.118   1.00 15.27 ? 38  TYR A CD2 1 
ATOM   318  C CE1 . TYR A 1 38  ? -1.418  8.492   5.421   1.00 14.18 ? 38  TYR A CE1 1 
ATOM   319  C CE2 . TYR A 1 38  ? -1.533  9.842   7.384   1.00 16.12 ? 38  TYR A CE2 1 
ATOM   320  C CZ  . TYR A 1 38  ? -1.795  9.674   6.044   1.00 14.45 ? 38  TYR A CZ  1 
ATOM   321  O OH  . TYR A 1 38  ? -2.419  10.656  5.286   1.00 16.66 ? 38  TYR A OH  1 
ATOM   322  N N   . ASN A 1 39  ? -0.005  3.033   9.319   1.00 13.71 ? 39  ASN A N   1 
ATOM   323  C CA  . ASN A 1 39  ? 0.519   2.094   10.289  1.00 13.00 ? 39  ASN A CA  1 
ATOM   324  C C   . ASN A 1 39  ? 1.076   0.849   9.630   1.00 12.31 ? 39  ASN A C   1 
ATOM   325  O O   . ASN A 1 39  ? 0.350   0.095   9.011   1.00 13.82 ? 39  ASN A O   1 
ATOM   326  C CB  . ASN A 1 39  ? -0.639  1.700   11.223  1.00 14.34 ? 39  ASN A CB  1 
ATOM   327  C CG  . ASN A 1 39  ? -0.261  0.705   12.296  1.00 15.85 ? 39  ASN A CG  1 
ATOM   328  O OD1 . ASN A 1 39  ? 0.916   0.397   12.526  1.00 15.88 ? 39  ASN A OD1 1 
ATOM   329  N ND2 . ASN A 1 39  ? -1.287  0.189   12.972  1.00 20.01 ? 39  ASN A ND2 1 
ATOM   330  N N   . THR A 1 40  ? 2.390   0.646   9.773   1.00 11.81 ? 40  THR A N   1 
ATOM   331  C CA  . THR A 1 40  ? 3.086   -0.467  9.205   1.00 12.68 ? 40  THR A CA  1 
ATOM   332  C C   . THR A 1 40  ? 2.721   -1.810  9.794   1.00 12.56 ? 40  THR A C   1 
ATOM   333  O O   . THR A 1 40  ? 3.001   -2.824  9.152   1.00 15.38 ? 40  THR A O   1 
ATOM   334  C CB  . THR A 1 40  ? 4.597   -0.290  9.169   1.00 13.66 ? 40  THR A CB  1 
ATOM   335  O OG1 . THR A 1 40  ? 5.105   -0.320  10.482  1.00 14.74 ? 40  THR A OG1 1 
ATOM   336  C CG2 . THR A 1 40  ? 5.053   0.969   8.505   1.00 15.36 ? 40  THR A CG2 1 
ATOM   337  N N   . ARG A 1 41  ? 2.200   -1.852  11.011  1.00 13.38 ? 41  ARG A N   1 
ATOM   338  C CA  . ARG A 1 41  ? 1.892   -3.085  11.718  1.00 16.46 ? 41  ARG A CA  1 
ATOM   339  C C   . ARG A 1 41  ? 0.473   -3.560  11.455  1.00 15.27 ? 41  ARG A C   1 
ATOM   340  O O   . ARG A 1 41  ? 0.101   -4.602  11.947  1.00 19.49 ? 41  ARG A O   1 
ATOM   341  C CB  A ARG A 1 41  ? 1.973   -2.749  13.257  0.50 17.28 ? 41  ARG A CB  1 
ATOM   342  C CB  B ARG A 1 41  ? 2.137   -2.962  13.236  0.50 22.02 ? 41  ARG A CB  1 
ATOM   343  C CG  A ARG A 1 41  ? 2.440   -3.875  14.118  0.50 34.08 ? 41  ARG A CG  1 
ATOM   344  C CG  B ARG A 1 41  ? 0.852   -2.662  14.007  0.50 26.26 ? 41  ARG A CG  1 
ATOM   345  C CD  A ARG A 1 41  ? 2.321   -3.529  15.610  0.50 39.13 ? 41  ARG A CD  1 
ATOM   346  C CD  B ARG A 1 41  ? 0.108   -3.915  14.386  0.50 43.32 ? 41  ARG A CD  1 
ATOM   347  N NE  A ARG A 1 41  ? 1.488   -4.509  16.306  0.50 41.14 ? 41  ARG A NE  1 
ATOM   348  N NE  B ARG A 1 41  ? -1.328  -3.873  14.109  0.50 47.48 ? 41  ARG A NE  1 
ATOM   349  C CZ  A ARG A 1 41  ? 1.826   -5.757  16.570  0.50 39.71 ? 41  ARG A CZ  1 
ATOM   350  C CZ  B ARG A 1 41  ? -2.025  -4.924  13.689  0.50 46.49 ? 41  ARG A CZ  1 
ATOM   351  N NH1 A ARG A 1 41  ? 3.095   -6.097  16.814  0.50 40.71 ? 41  ARG A NH1 1 
ATOM   352  N NH1 B ARG A 1 41  ? -1.465  -6.130  13.630  0.50 39.83 ? 41  ARG A NH1 1 
ATOM   353  N NH2 A ARG A 1 41  ? 0.896   -6.708  16.622  0.50 42.79 ? 41  ARG A NH2 1 
ATOM   354  N NH2 B ARG A 1 41  ? -3.299  -4.794  13.318  0.50 40.93 ? 41  ARG A NH2 1 
ATOM   355  N N   . ALA A 1 42  ? -0.317  -2.834  10.691  1.00 15.38 ? 42  ALA A N   1 
ATOM   356  C CA  . ALA A 1 42  ? -1.707  -3.149  10.443  1.00 15.24 ? 42  ALA A CA  1 
ATOM   357  C C   . ALA A 1 42  ? -1.870  -4.499  9.778   1.00 14.57 ? 42  ALA A C   1 
ATOM   358  O O   . ALA A 1 42  ? -1.167  -4.809  8.819   1.00 14.15 ? 42  ALA A O   1 
ATOM   359  C CB  . ALA A 1 42  ? -2.377  -2.068  9.600   1.00 19.09 ? 42  ALA A CB  1 
ATOM   360  N N   . THR A 1 43  ? -2.775  -5.308  10.297  1.00 16.63 ? 43  THR A N   1 
ATOM   361  C CA  . THR A 1 43  ? -3.097  -6.566  9.641   1.00 16.63 ? 43  THR A CA  1 
ATOM   362  C C   . THR A 1 43  ? -4.634  -6.728  9.700   1.00 17.66 ? 43  THR A C   1 
ATOM   363  O O   . THR A 1 43  ? -5.270  -6.348  10.664  1.00 23.52 ? 43  THR A O   1 
ATOM   364  C CB  . THR A 1 43  ? -2.490  -7.783  10.338  1.00 21.44 ? 43  THR A CB  1 
ATOM   365  O OG1 . THR A 1 43  ? -2.977  -7.784  11.679  1.00 28.38 ? 43  THR A OG1 1 
ATOM   366  C CG2 . THR A 1 43  ? -0.974  -7.724  10.330  1.00 24.72 ? 43  THR A CG2 1 
ATOM   367  N N   . ASN A 1 44  ? -5.167  -7.360  8.677   1.00 17.38 ? 44  ASN A N   1 
ATOM   368  C CA  . ASN A 1 44  ? -6.637  -7.603  8.654   1.00 17.36 ? 44  ASN A CA  1 
ATOM   369  C C   . ASN A 1 44  ? -6.856  -8.996  8.066   1.00 16.77 ? 44  ASN A C   1 
ATOM   370  O O   . ASN A 1 44  ? -6.439  -9.285  6.942   1.00 16.39 ? 44  ASN A O   1 
ATOM   371  C CB  . ASN A 1 44  ? -7.292  -6.547  7.746   1.00 21.27 ? 44  ASN A CB  1 
ATOM   372  C CG  . ASN A 1 44  ? -8.760  -6.758  7.525   1.00 33.34 ? 44  ASN A CG  1 
ATOM   373  O OD1 . ASN A 1 44  ? -9.502  -6.874  8.498   1.00 40.32 ? 44  ASN A OD1 1 
ATOM   374  N ND2 . ASN A 1 44  ? -9.191  -6.801  6.261   1.00 43.32 ? 44  ASN A ND2 1 
ATOM   375  N N   . TYR A 1 45  ? -7.455  -9.890  8.839   1.00 20.06 ? 45  TYR A N   1 
ATOM   376  C CA  . TYR A 1 45  ? -7.760  -11.222 8.383   1.00 19.26 ? 45  TYR A CA  1 
ATOM   377  C C   . TYR A 1 45  ? -9.135  -11.239 7.690   1.00 18.33 ? 45  TYR A C   1 
ATOM   378  O O   . TYR A 1 45  ? -10.076 -10.710 8.251   1.00 21.79 ? 45  TYR A O   1 
ATOM   379  C CB  . TYR A 1 45  ? -7.747  -12.206 9.529   1.00 21.83 ? 45  TYR A CB  1 
ATOM   380  C CG  . TYR A 1 45  ? -8.066  -13.622 9.141   1.00 20.44 ? 45  TYR A CG  1 
ATOM   381  C CD1 . TYR A 1 45  ? -7.272  -14.331 8.257   1.00 22.19 ? 45  TYR A CD1 1 
ATOM   382  C CD2 . TYR A 1 45  ? -9.199  -14.254 9.684   1.00 22.96 ? 45  TYR A CD2 1 
ATOM   383  C CE1 . TYR A 1 45  ? -7.592  -15.624 7.894   1.00 21.20 ? 45  TYR A CE1 1 
ATOM   384  C CE2 . TYR A 1 45  ? -9.493  -15.558 9.310   1.00 22.77 ? 45  TYR A CE2 1 
ATOM   385  C CZ  . TYR A 1 45  ? -8.696  -16.228 8.457   1.00 22.00 ? 45  TYR A CZ  1 
ATOM   386  O OH  . TYR A 1 45  ? -9.010  -17.544 8.071   1.00 25.95 ? 45  TYR A OH  1 
ATOM   387  N N   . ASN A 1 46  ? -9.178  -11.824 6.510   1.00 17.53 ? 46  ASN A N   1 
ATOM   388  C CA  . ASN A 1 46  ? -10.439 -11.966 5.753   1.00 18.07 ? 46  ASN A CA  1 
ATOM   389  C C   . ASN A 1 46  ? -10.920 -13.420 5.907   1.00 16.83 ? 46  ASN A C   1 
ATOM   390  O O   . ASN A 1 46  ? -10.439 -14.346 5.266   1.00 18.09 ? 46  ASN A O   1 
ATOM   391  C CB  . ASN A 1 46  ? -10.154 -11.671 4.271   1.00 19.02 ? 46  ASN A CB  1 
ATOM   392  C CG  . ASN A 1 46  ? -9.631  -10.262 4.078   1.00 21.80 ? 46  ASN A CG  1 
ATOM   393  O OD1 . ASN A 1 46  ? -10.301 -9.269  4.356   1.00 27.14 ? 46  ASN A OD1 1 
ATOM   394  N ND2 . ASN A 1 46  ? -8.364  -10.123 3.668   1.00 24.42 ? 46  ASN A ND2 1 
ATOM   395  N N   . ALA A 1 47  ? -11.823 -13.600 6.853   1.00 19.59 ? 47  ALA A N   1 
ATOM   396  C CA  . ALA A 1 47  ? -12.342 -14.920 7.211   1.00 23.80 ? 47  ALA A CA  1 
ATOM   397  C C   . ALA A 1 47  ? -12.980 -15.590 6.032   1.00 22.64 ? 47  ALA A C   1 
ATOM   398  O O   . ALA A 1 47  ? -12.966 -16.837 5.917   1.00 24.61 ? 47  ALA A O   1 
ATOM   399  C CB  . ALA A 1 47  ? -13.373 -14.735 8.343   1.00 27.76 ? 47  ALA A CB  1 
ATOM   400  N N   . GLY A 1 48  ? -13.573 -14.831 5.129   1.00 19.99 ? 48  GLY A N   1 
ATOM   401  C CA  . GLY A 1 48  ? -14.255 -15.434 3.981   1.00 22.07 ? 48  GLY A CA  1 
ATOM   402  C C   . GLY A 1 48  ? -13.370 -16.206 3.066   1.00 19.81 ? 48  GLY A C   1 
ATOM   403  O O   . GLY A 1 48  ? -13.747 -17.288 2.587   1.00 24.08 ? 48  GLY A O   1 
ATOM   404  N N   . ASP A 1 49  ? -12.195 -15.704 2.736   1.00 18.77 ? 49  ASP A N   1 
ATOM   405  C CA  . ASP A 1 49  ? -11.328 -16.375 1.780   1.00 20.35 ? 49  ASP A CA  1 
ATOM   406  C C   . ASP A 1 49  ? -10.003 -16.801 2.352   1.00 17.80 ? 49  ASP A C   1 
ATOM   407  O O   . ASP A 1 49  ? -9.155  -17.339 1.627   1.00 21.18 ? 49  ASP A O   1 
ATOM   408  C CB  . ASP A 1 49  ? -11.185 -15.522 0.539   1.00 20.26 ? 49  ASP A CB  1 
ATOM   409  C CG  . ASP A 1 49  ? -10.265 -14.356 0.636   1.00 24.33 ? 49  ASP A CG  1 
ATOM   410  O OD1 . ASP A 1 49  ? -9.754  -14.067 1.718   1.00 19.65 ? 49  ASP A OD1 1 
ATOM   411  O OD2 . ASP A 1 49  ? -9.910  -13.768 -0.424  1.00 32.10 ? 49  ASP A OD2 1 
ATOM   412  N N   . ARG A 1 50  ? -9.813  -16.622 3.658   1.00 19.86 ? 50  ARG A N   1 
ATOM   413  C CA  . ARG A 1 50  ? -8.662  -17.083 4.386   1.00 19.68 ? 50  ARG A CA  1 
ATOM   414  C C   . ARG A 1 50  ? -7.389  -16.370 4.066   1.00 18.06 ? 50  ARG A C   1 
ATOM   415  O O   . ARG A 1 50  ? -6.265  -16.847 4.371   1.00 22.50 ? 50  ARG A O   1 
ATOM   416  C CB  . ARG A 1 50  ? -8.520  -18.597 4.270   1.00 26.39 ? 50  ARG A CB  1 
ATOM   417  C CG  . ARG A 1 50  ? -9.567  -19.337 5.103   1.00 33.44 ? 50  ARG A CG  1 
ATOM   418  C CD  . ARG A 1 50  ? -9.474  -20.837 4.890   1.00 35.73 ? 50  ARG A CD  1 
ATOM   419  N NE  . ARG A 1 50  ? -10.693 -21.319 4.264   1.00 39.51 ? 50  ARG A NE  1 
ATOM   420  C CZ  . ARG A 1 50  ? -11.066 -22.568 4.148   1.00 35.58 ? 50  ARG A CZ  1 
ATOM   421  N NH1 . ARG A 1 50  ? -10.826 -23.415 5.151   1.00 54.84 ? 50  ARG A NH1 1 
ATOM   422  N NH2 . ARG A 1 50  ? -11.742 -22.935 3.076   1.00 33.65 ? 50  ARG A NH2 1 
ATOM   423  N N   . SER A 1 51  ? -7.481  -15.188 3.530   1.00 16.75 ? 51  SER A N   1 
ATOM   424  C CA  . SER A 1 51  ? -6.275  -14.362 3.230   1.00 15.62 ? 51  SER A CA  1 
ATOM   425  C C   . SER A 1 51  ? -6.178  -13.253 4.274   1.00 15.04 ? 51  SER A C   1 
ATOM   426  O O   . SER A 1 51  ? -7.085  -12.953 4.993   1.00 16.06 ? 51  SER A O   1 
ATOM   427  C CB  . SER A 1 51  ? -6.475  -13.729 1.856   1.00 14.40 ? 51  SER A CB  1 
ATOM   428  O OG  . SER A 1 51  ? -7.447  -12.715 1.854   1.00 15.71 ? 51  SER A OG  1 
ATOM   429  N N   . THR A 1 52  ? -4.955  -12.673 4.332   1.00 13.80 ? 52  THR A N   1 
ATOM   430  C CA  . THR A 1 52  ? -4.705  -11.586 5.273   1.00 11.94 ? 52  THR A CA  1 
ATOM   431  C C   . THR A 1 52  ? -4.111  -10.396 4.502   1.00 12.46 ? 52  THR A C   1 
ATOM   432  O O   . THR A 1 52  ? -3.300  -10.612 3.552   1.00 13.36 ? 52  THR A O   1 
ATOM   433  C CB  . THR A 1 52  ? -3.720  -12.052 6.355   1.00 13.80 ? 52  THR A CB  1 
ATOM   434  O OG1 . THR A 1 52  ? -4.332  -13.178 7.051   1.00 15.81 ? 52  THR A OG1 1 
ATOM   435  C CG2 . THR A 1 52  ? -3.381  -11.003 7.364   1.00 13.89 ? 52  THR A CG2 1 
ATOM   436  N N   . ASP A 1 53  ? -4.451  -9.209  4.884   1.00 12.43 ? 53  ASP A N   1 
ATOM   437  C CA  . ASP A 1 53  ? -3.878  -7.973  4.330   1.00 12.59 ? 53  ASP A CA  1 
ATOM   438  C C   . ASP A 1 53  ? -2.823  -7.443  5.321   1.00 12.09 ? 53  ASP A C   1 
ATOM   439  O O   . ASP A 1 53  ? -3.082  -7.374  6.514   1.00 13.31 ? 53  ASP A O   1 
ATOM   440  C CB  . ASP A 1 53  ? -4.973  -6.935  4.146   1.00 14.50 ? 53  ASP A CB  1 
ATOM   441  C CG  . ASP A 1 53  ? -6.093  -7.411  3.253   1.00 17.20 ? 53  ASP A CG  1 
ATOM   442  O OD1 . ASP A 1 53  ? -5.793  -7.954  2.192   1.00 20.85 ? 53  ASP A OD1 1 
ATOM   443  O OD2 . ASP A 1 53  ? -7.265  -7.244  3.648   1.00 22.38 ? 53  ASP A OD2 1 
ATOM   444  N N   . TYR A 1 54  ? -1.656  -7.108  4.767   1.00 12.07 ? 54  TYR A N   1 
ATOM   445  C CA  . TYR A 1 54  ? -0.525  -6.729  5.617   1.00 11.10 ? 54  TYR A CA  1 
ATOM   446  C C   . TYR A 1 54  ? 0.020   -5.332  5.342   1.00 11.14 ? 54  TYR A C   1 
ATOM   447  O O   . TYR A 1 54  ? 0.272   -4.954  4.199   1.00 11.73 ? 54  TYR A O   1 
ATOM   448  C CB  . TYR A 1 54  ? 0.644   -7.715  5.345   1.00 13.10 ? 54  TYR A CB  1 
ATOM   449  C CG  . TYR A 1 54  ? 0.392   -9.122  5.833   1.00 11.22 ? 54  TYR A CG  1 
ATOM   450  C CD1 . TYR A 1 54  ? -0.206  -10.072 5.033   1.00 13.36 ? 54  TYR A CD1 1 
ATOM   451  C CD2 . TYR A 1 54  ? 0.858   -9.522  7.079   1.00 13.72 ? 54  TYR A CD2 1 
ATOM   452  C CE1 . TYR A 1 54  ? -0.380  -11.371 5.491   1.00 12.26 ? 54  TYR A CE1 1 
ATOM   453  C CE2 . TYR A 1 54  ? 0.624   -10.807 7.541   1.00 13.52 ? 54  TYR A CE2 1 
ATOM   454  C CZ  . TYR A 1 54  ? 0.058   -11.726 6.722   1.00 12.36 ? 54  TYR A CZ  1 
ATOM   455  O OH  . TYR A 1 54  ? -0.114  -13.033 7.204   1.00 13.90 ? 54  TYR A OH  1 
ATOM   456  N N   . GLY A 1 55  ? 0.280   -4.625  6.440   1.00 12.01 ? 55  GLY A N   1 
ATOM   457  C CA  . GLY A 1 55  ? 1.080   -3.418  6.430   1.00 11.22 ? 55  GLY A CA  1 
ATOM   458  C C   . GLY A 1 55  ? 0.387   -2.179  5.982   1.00 11.31 ? 55  GLY A C   1 
ATOM   459  O O   . GLY A 1 55  ? -0.828  -2.054  5.908   1.00 11.64 ? 55  GLY A O   1 
ATOM   460  N N   . ILE A 1 56  ? 1.237   -1.173  5.667   1.00 11.13 ? 56  ILE A N   1 
ATOM   461  C CA  . ILE A 1 56  ? 0.764   0.163   5.429   1.00 11.06 ? 56  ILE A CA  1 
ATOM   462  C C   . ILE A 1 56  ? -0.146  0.301   4.249   1.00 10.21 ? 56  ILE A C   1 
ATOM   463  O O   . ILE A 1 56  ? -1.059  1.162   4.227   1.00 12.58 ? 56  ILE A O   1 
ATOM   464  C CB  . ILE A 1 56  ? 1.946   1.165   5.366   1.00 12.23 ? 56  ILE A CB  1 
ATOM   465  C CG1 . ILE A 1 56  ? 1.519   2.608   5.563   1.00 12.28 ? 56  ILE A CG1 1 
ATOM   466  C CG2 . ILE A 1 56  ? 2.779   0.971   4.131   1.00 13.92 ? 56  ILE A CG2 1 
ATOM   467  C CD1 . ILE A 1 56  ? 2.664   3.557   5.920   1.00 18.90 ? 56  ILE A CD1 1 
ATOM   468  N N   . PHE A 1 57  ? 0.038   -0.546  3.226   1.00 10.80 ? 57  PHE A N   1 
ATOM   469  C CA  . PHE A 1 57  ? -0.807  -0.571  2.061   1.00 11.58 ? 57  PHE A CA  1 
ATOM   470  C C   . PHE A 1 57  ? -1.780  -1.751  2.041   1.00 12.60 ? 57  PHE A C   1 
ATOM   471  O O   . PHE A 1 57  ? -2.536  -1.925  1.052   1.00 14.93 ? 57  PHE A O   1 
ATOM   472  C CB  . PHE A 1 57  ? 0.037   -0.638  0.780   1.00 13.21 ? 57  PHE A CB  1 
ATOM   473  C CG  . PHE A 1 57  ? 0.956   0.538   0.561   1.00 13.29 ? 57  PHE A CG  1 
ATOM   474  C CD1 . PHE A 1 57  ? 0.468   1.814   0.457   1.00 15.83 ? 57  PHE A CD1 1 
ATOM   475  C CD2 . PHE A 1 57  ? 2.325   0.328   0.406   1.00 17.07 ? 57  PHE A CD2 1 
ATOM   476  C CE1 . PHE A 1 57  ? 1.308   2.869   0.254   1.00 21.11 ? 57  PHE A CE1 1 
ATOM   477  C CE2 . PHE A 1 57  ? 3.170   1.385   0.165   1.00 22.69 ? 57  PHE A CE2 1 
ATOM   478  C CZ  . PHE A 1 57  ? 2.674   2.669   0.102   1.00 22.40 ? 57  PHE A CZ  1 
ATOM   479  N N   . GLN A 1 58  ? -1.814  -2.531  3.090   1.00 11.15 ? 58  GLN A N   1 
ATOM   480  C CA  . GLN A 1 58  ? -2.795  -3.646  3.205   1.00 11.59 ? 58  GLN A CA  1 
ATOM   481  C C   . GLN A 1 58  ? -2.726  -4.523  1.991   1.00 12.28 ? 58  GLN A C   1 
ATOM   482  O O   . GLN A 1 58  ? -3.717  -4.815  1.315   1.00 16.38 ? 58  GLN A O   1 
ATOM   483  C CB  . GLN A 1 58  ? -4.170  -3.125  3.504   1.00 12.66 ? 58  GLN A CB  1 
ATOM   484  C CG  . GLN A 1 58  ? -4.307  -2.522  4.907   1.00 12.90 ? 58  GLN A CG  1 
ATOM   485  C CD  . GLN A 1 58  ? -4.259  -3.582  5.986   1.00 13.93 ? 58  GLN A CD  1 
ATOM   486  O OE1 . GLN A 1 58  ? -5.258  -4.240  6.272   1.00 15.93 ? 58  GLN A OE1 1 
ATOM   487  N NE2 . GLN A 1 58  ? -3.096  -3.800  6.546   1.00 13.81 ? 58  GLN A NE2 1 
ATOM   488  N N   . ILE A 1 59  ? -1.525  -5.041  1.709   1.00 11.14 ? 59  ILE A N   1 
ATOM   489  C CA  . ILE A 1 59  ? -1.291  -5.923  0.578   1.00 12.69 ? 59  ILE A CA  1 
ATOM   490  C C   . ILE A 1 59  ? -1.670  -7.348  0.934   1.00 11.92 ? 59  ILE A C   1 
ATOM   491  O O   . ILE A 1 59  ? -1.342  -7.851  2.021   1.00 12.81 ? 59  ILE A O   1 
ATOM   492  C CB  . ILE A 1 59  ? 0.197   -5.798  0.163   1.00 12.88 ? 59  ILE A CB  1 
ATOM   493  C CG1 . ILE A 1 59  ? 0.411   -4.382  -0.485  1.00 16.58 ? 59  ILE A CG1 1 
ATOM   494  C CG2 . ILE A 1 59  ? 0.564   -6.889  -0.817  1.00 15.82 ? 59  ILE A CG2 1 
ATOM   495  C CD1 . ILE A 1 59  ? 1.844   -3.986  -0.619  1.00 20.06 ? 59  ILE A CD1 1 
ATOM   496  N N   . ASN A 1 60  ? -2.441  -7.972  0.048   1.00 13.13 ? 60  ASN A N   1 
ATOM   497  C CA  . ASN A 1 60  ? -3.079  -9.256  0.334   1.00 12.23 ? 60  ASN A CA  1 
ATOM   498  C C   . ASN A 1 60  ? -2.228  -10.460 0.080   1.00 12.37 ? 60  ASN A C   1 
ATOM   499  O O   . ASN A 1 60  ? -1.482  -10.538 -0.893  1.00 15.10 ? 60  ASN A O   1 
ATOM   500  C CB  . ASN A 1 60  ? -4.390  -9.296  -0.498  1.00 14.92 ? 60  ASN A CB  1 
ATOM   501  C CG  . ASN A 1 60  ? -5.258  -10.475 -0.164  1.00 15.27 ? 60  ASN A CG  1 
ATOM   502  O OD1 . ASN A 1 60  ? -5.244  -11.492 -0.849  1.00 18.11 ? 60  ASN A OD1 1 
ATOM   503  N ND2 . ASN A 1 60  ? -5.967  -10.391 0.953   1.00 18.70 ? 60  ASN A ND2 1 
ATOM   504  N N   . SER A 1 61  ? -2.368  -11.476 0.944   1.00 12.35 ? 61  SER A N   1 
ATOM   505  C CA  . SER A 1 61  ? -1.585  -12.677 0.905   1.00 12.09 ? 61  SER A CA  1 
ATOM   506  C C   . SER A 1 61  ? -2.058  -13.712 -0.072  1.00 13.49 ? 61  SER A C   1 
ATOM   507  O O   . SER A 1 61  ? -1.363  -14.722 -0.256  1.00 15.29 ? 61  SER A O   1 
ATOM   508  C CB  . SER A 1 61  ? -1.543  -13.333 2.327   1.00 14.79 ? 61  SER A CB  1 
ATOM   509  O OG  . SER A 1 61  ? -2.857  -13.791 2.625   1.00 13.83 ? 61  SER A OG  1 
ATOM   510  N N   . ARG A 1 62  ? -3.170  -13.518 -0.771  1.00 15.46 ? 62  ARG A N   1 
ATOM   511  C CA  . ARG A 1 62  ? -3.518  -14.489 -1.804  1.00 16.61 ? 62  ARG A CA  1 
ATOM   512  C C   . ARG A 1 62  ? -2.711  -14.245 -3.077  1.00 16.86 ? 62  ARG A C   1 
ATOM   513  O O   . ARG A 1 62  ? -2.293  -15.170 -3.773  1.00 26.96 ? 62  ARG A O   1 
ATOM   514  C CB  . ARG A 1 62  ? -5.005  -14.468 -2.112  1.00 19.91 ? 62  ARG A CB  1 
ATOM   515  C CG  . ARG A 1 62  ? -5.358  -15.443 -3.255  1.00 26.96 ? 62  ARG A CG  1 
ATOM   516  C CD  . ARG A 1 62  ? -6.785  -15.885 -3.105  1.00 41.99 ? 62  ARG A CD  1 
ATOM   517  N NE  . ARG A 1 62  ? -6.878  -17.089 -2.231  1.00 38.78 ? 62  ARG A NE  1 
ATOM   518  C CZ  . ARG A 1 62  ? -7.528  -16.990 -1.071  1.00 40.02 ? 62  ARG A CZ  1 
ATOM   519  N NH1 . ARG A 1 62  ? -8.077  -15.806 -0.784  1.00 45.48 ? 62  ARG A NH1 1 
ATOM   520  N NH2 . ARG A 1 62  ? -7.835  -18.055 -0.365  1.00 51.32 ? 62  ARG A NH2 1 
ATOM   521  N N   . TYR A 1 63  ? -2.551  -12.964 -3.437  1.00 17.34 ? 63  TYR A N   1 
ATOM   522  C CA  . TYR A 1 63  ? -1.891  -12.663 -4.716  1.00 17.97 ? 63  TYR A CA  1 
ATOM   523  C C   . TYR A 1 63  ? -0.499  -12.119 -4.629  1.00 16.02 ? 63  TYR A C   1 
ATOM   524  O O   . TYR A 1 63  ? 0.265   -12.274 -5.606  1.00 19.73 ? 63  TYR A O   1 
ATOM   525  C CB  . TYR A 1 63  ? -2.773  -11.563 -5.402  1.00 25.58 ? 63  TYR A CB  1 
ATOM   526  C CG  . TYR A 1 63  ? -4.207  -12.035 -5.539  1.00 28.37 ? 63  TYR A CG  1 
ATOM   527  C CD1 . TYR A 1 63  ? -4.500  -13.029 -6.474  1.00 32.48 ? 63  TYR A CD1 1 
ATOM   528  C CD2 . TYR A 1 63  ? -5.223  -11.542 -4.742  1.00 34.89 ? 63  TYR A CD2 1 
ATOM   529  C CE1 . TYR A 1 63  ? -5.789  -13.496 -6.630  1.00 37.71 ? 63  TYR A CE1 1 
ATOM   530  C CE2 . TYR A 1 63  ? -6.530  -12.018 -4.892  1.00 35.23 ? 63  TYR A CE2 1 
ATOM   531  C CZ  . TYR A 1 63  ? -6.793  -12.980 -5.831  1.00 35.13 ? 63  TYR A CZ  1 
ATOM   532  O OH  . TYR A 1 63  ? -8.076  -13.458 -6.001  1.00 45.56 ? 63  TYR A OH  1 
ATOM   533  N N   . TRP A 1 64  ? -0.112  -11.457 -3.546  1.00 13.82 ? 64  TRP A N   1 
ATOM   534  C CA  . TRP A 1 64  ? 1.105   -10.629 -3.573  1.00 13.15 ? 64  TRP A CA  1 
ATOM   535  C C   . TRP A 1 64  ? 2.224   -11.084 -2.691  1.00 11.80 ? 64  TRP A C   1 
ATOM   536  O O   . TRP A 1 64  ? 3.386   -11.089 -3.138  1.00 15.36 ? 64  TRP A O   1 
ATOM   537  C CB  . TRP A 1 64  ? 0.703   -9.165  -3.287  1.00 13.45 ? 64  TRP A CB  1 
ATOM   538  C CG  . TRP A 1 64  ? -0.356  -8.698  -4.244  1.00 14.00 ? 64  TRP A CG  1 
ATOM   539  C CD1 . TRP A 1 64  ? -1.649  -8.436  -3.932  1.00 16.69 ? 64  TRP A CD1 1 
ATOM   540  C CD2 . TRP A 1 64  ? -0.198  -8.456  -5.638  1.00 15.23 ? 64  TRP A CD2 1 
ATOM   541  N NE1 . TRP A 1 64  ? -2.319  -8.049  -5.074  1.00 17.44 ? 64  TRP A NE1 1 
ATOM   542  C CE2 . TRP A 1 64  ? -1.456  -8.046  -6.123  1.00 15.85 ? 64  TRP A CE2 1 
ATOM   543  C CE3 . TRP A 1 64  ? 0.880   -8.526  -6.514  1.00 16.08 ? 64  TRP A CE3 1 
ATOM   544  C CZ2 . TRP A 1 64  ? -1.658  -7.726  -7.471  1.00 17.87 ? 64  TRP A CZ2 1 
ATOM   545  C CZ3 . TRP A 1 64  ? 0.671   -8.213  -7.856  1.00 17.34 ? 64  TRP A CZ3 1 
ATOM   546  C CH2 . TRP A 1 64  ? -0.596  -7.820  -8.301  1.00 18.86 ? 64  TRP A CH2 1 
ATOM   547  N N   . CYS A 1 65  ? 1.980   -11.376 -1.435  1.00 14.31 ? 65  CYS A N   1 
ATOM   548  C CA  . CYS A 1 65  ? 3.058   -11.823 -0.543  1.00 12.60 ? 65  CYS A CA  1 
ATOM   549  C C   . CYS A 1 65  ? 2.686   -13.210 -0.003  1.00 14.32 ? 65  CYS A C   1 
ATOM   550  O O   . CYS A 1 65  ? 1.525   -13.593 -0.047  1.00 14.95 ? 65  CYS A O   1 
ATOM   551  C CB  . CYS A 1 65  ? 3.319   -10.847 0.589   1.00 13.50 ? 65  CYS A CB  1 
ATOM   552  S SG  . CYS A 1 65  ? 1.914   -10.645 1.748   1.00 14.34 ? 65  CYS A SG  1 
ATOM   553  N N   . ASN A 1 66  ? 3.685   -13.959 0.458   1.00 13.49 ? 66  ASN A N   1 
ATOM   554  C CA  . ASN A 1 66  ? 3.467   -15.285 0.985   1.00 12.07 ? 66  ASN A CA  1 
ATOM   555  C C   . ASN A 1 66  ? 3.493   -15.315 2.497   1.00 13.15 ? 66  ASN A C   1 
ATOM   556  O O   . ASN A 1 66  ? 4.497   -14.905 3.117   1.00 12.75 ? 66  ASN A O   1 
ATOM   557  C CB  . ASN A 1 66  ? 4.515   -16.257 0.432   1.00 15.96 ? 66  ASN A CB  1 
ATOM   558  C CG  . ASN A 1 66  ? 4.281   -17.675 0.919   1.00 19.44 ? 66  ASN A CG  1 
ATOM   559  O OD1 . ASN A 1 66  ? 3.153   -18.187 0.903   1.00 21.93 ? 66  ASN A OD1 1 
ATOM   560  N ND2 . ASN A 1 66  ? 5.367   -18.311 1.296   1.00 22.57 ? 66  ASN A ND2 1 
ATOM   561  N N   . ASP A 1 67  ? 2.458   -15.858 3.116   1.00 12.42 ? 67  ASP A N   1 
ATOM   562  C CA  . ASP A 1 67  ? 2.426   -16.098 4.545   1.00 13.42 ? 67  ASP A CA  1 
ATOM   563  C C   . ASP A 1 67  ? 2.355   -17.567 4.869   1.00 13.40 ? 67  ASP A C   1 
ATOM   564  O O   . ASP A 1 67  ? 2.302   -17.941 6.038   1.00 16.86 ? 67  ASP A O   1 
ATOM   565  C CB  . ASP A 1 67  ? 1.391   -15.305 5.286   1.00 12.34 ? 67  ASP A CB  1 
ATOM   566  C CG  . ASP A 1 67  ? -0.069  -15.602 4.962   1.00 13.28 ? 67  ASP A CG  1 
ATOM   567  O OD1 . ASP A 1 67  ? -0.340  -16.601 4.230   1.00 14.28 ? 67  ASP A OD1 1 
ATOM   568  O OD2 . ASP A 1 67  ? -0.958  -14.871 5.467   1.00 14.87 ? 67  ASP A OD2 1 
ATOM   569  N N   . GLY A 1 68  ? 2.344   -18.465 3.883   1.00 13.31 ? 68  GLY A N   1 
ATOM   570  C CA  . GLY A 1 68  ? 2.296   -19.861 4.117   1.00 14.71 ? 68  GLY A CA  1 
ATOM   571  C C   . GLY A 1 68  ? 0.950   -20.453 4.431   1.00 17.90 ? 68  GLY A C   1 
ATOM   572  O O   . GLY A 1 68  ? 0.767   -21.659 4.256   1.00 27.90 ? 68  GLY A O   1 
ATOM   573  N N   . LYS A 1 69  ? 0.007   -19.675 4.921   1.00 18.83 ? 69  LYS A N   1 
ATOM   574  C CA  . LYS A 1 69  ? -1.270  -20.213 5.386   1.00 17.60 ? 69  LYS A CA  1 
ATOM   575  C C   . LYS A 1 69  ? -2.455  -19.844 4.541   1.00 18.43 ? 69  LYS A C   1 
ATOM   576  O O   . LYS A 1 69  ? -3.576  -20.096 4.916   1.00 23.74 ? 69  LYS A O   1 
ATOM   577  C CB  . LYS A 1 69  ? -1.478  -19.839 6.855   1.00 20.00 ? 69  LYS A CB  1 
ATOM   578  C CG  . LYS A 1 69  ? -1.538  -18.335 7.113   1.00 19.72 ? 69  LYS A CG  1 
ATOM   579  C CD  . LYS A 1 69  ? -1.968  -18.033 8.536   1.00 28.11 ? 69  LYS A CD  1 
ATOM   580  C CE  . LYS A 1 69  ? -2.520  -16.636 8.672   1.00 40.33 ? 69  LYS A CE  1 
ATOM   581  N NZ  . LYS A 1 69  ? -1.658  -15.819 9.610   1.00 48.89 ? 69  LYS A NZ  1 
ATOM   582  N N   . THR A 1 70  ? -2.236  -19.188 3.418   1.00 17.05 ? 70  THR A N   1 
ATOM   583  C CA  . THR A 1 70  ? -3.327  -18.766 2.538   1.00 18.01 ? 70  THR A CA  1 
ATOM   584  C C   . THR A 1 70  ? -3.447  -19.722 1.364   1.00 19.16 ? 70  THR A C   1 
ATOM   585  O O   . THR A 1 70  ? -2.471  -19.885 0.615   1.00 22.32 ? 70  THR A O   1 
ATOM   586  C CB  . THR A 1 70  ? -2.976  -17.369 1.953   1.00 17.38 ? 70  THR A CB  1 
ATOM   587  O OG1 . THR A 1 70  ? -2.817  -16.477 3.060   1.00 16.08 ? 70  THR A OG1 1 
ATOM   588  C CG2 . THR A 1 70  ? -4.173  -16.856 1.156   1.00 18.56 ? 70  THR A CG2 1 
ATOM   589  N N   . PRO A 1 71  ? -4.600  -20.324 1.171   1.00 20.91 ? 71  PRO A N   1 
ATOM   590  C CA  . PRO A 1 71  ? -4.767  -21.223 0.023   1.00 23.96 ? 71  PRO A CA  1 
ATOM   591  C C   . PRO A 1 71  ? -4.713  -20.426 -1.287  1.00 23.90 ? 71  PRO A C   1 
ATOM   592  O O   . PRO A 1 71  ? -5.123  -19.274 -1.335  1.00 25.80 ? 71  PRO A O   1 
ATOM   593  C CB  . PRO A 1 71  ? -6.127  -21.833 0.217   1.00 25.33 ? 71  PRO A CB  1 
ATOM   594  C CG  . PRO A 1 71  ? -6.493  -21.590 1.620   1.00 29.02 ? 71  PRO A CG  1 
ATOM   595  C CD  . PRO A 1 71  ? -5.757  -20.324 2.052   1.00 23.02 ? 71  PRO A CD  1 
ATOM   596  N N   . GLY A 1 72  ? -4.233  -21.125 -2.298  1.00 31.25 ? 72  GLY A N   1 
ATOM   597  C CA  . GLY A 1 72  ? -4.126  -20.664 -3.643  1.00 31.98 ? 72  GLY A CA  1 
ATOM   598  C C   . GLY A 1 72  ? -3.251  -19.454 -3.792  1.00 28.73 ? 72  GLY A C   1 
ATOM   599  O O   . GLY A 1 72  ? -3.466  -18.659 -4.696  1.00 39.18 ? 72  GLY A O   1 
ATOM   600  N N   . ALA A 1 73  ? -2.216  -19.330 -2.951  1.00 25.80 ? 73  ALA A N   1 
ATOM   601  C CA  . ALA A 1 73  ? -1.336  -18.172 -3.042  1.00 26.10 ? 73  ALA A CA  1 
ATOM   602  C C   . ALA A 1 73  ? -0.430  -18.192 -4.267  1.00 24.83 ? 73  ALA A C   1 
ATOM   603  O O   . ALA A 1 73  ? 0.060   -19.259 -4.636  1.00 28.55 ? 73  ALA A O   1 
ATOM   604  C CB  . ALA A 1 73  ? -0.443  -18.134 -1.779  1.00 30.47 ? 73  ALA A CB  1 
ATOM   605  N N   . VAL A 1 74  ? -0.158  -17.005 -4.790  1.00 25.08 ? 74  VAL A N   1 
ATOM   606  C CA  . VAL A 1 74  ? 0.674   -16.736 -5.930  1.00 27.99 ? 74  VAL A CA  1 
ATOM   607  C C   . VAL A 1 74  ? 2.015   -16.111 -5.655  1.00 23.91 ? 74  VAL A C   1 
ATOM   608  O O   . VAL A 1 74  ? 3.005   -16.317 -6.423  1.00 27.27 ? 74  VAL A O   1 
ATOM   609  C CB  . VAL A 1 74  ? -0.122  -15.852 -6.930  1.00 26.11 ? 74  VAL A CB  1 
ATOM   610  C CG1 . VAL A 1 74  ? 0.714   -15.399 -8.074  1.00 30.20 ? 74  VAL A CG1 1 
ATOM   611  C CG2 . VAL A 1 74  ? -1.349  -16.658 -7.358  1.00 34.73 ? 74  VAL A CG2 1 
ATOM   612  N N   . ASN A 1 75  ? 2.169   -15.321 -4.644  1.00 22.30 ? 75  ASN A N   1 
ATOM   613  C CA  . ASN A 1 75  ? 3.400   -14.652 -4.269  1.00 17.58 ? 75  ASN A CA  1 
ATOM   614  C C   . ASN A 1 75  ? 4.027   -13.866 -5.403  1.00 16.17 ? 75  ASN A C   1 
ATOM   615  O O   . ASN A 1 75  ? 5.203   -14.036 -5.713  1.00 16.46 ? 75  ASN A O   1 
ATOM   616  C CB  . ASN A 1 75  ? 4.422   -15.607 -3.646  1.00 17.90 ? 75  ASN A CB  1 
ATOM   617  C CG  . ASN A 1 75  ? 5.459   -14.878 -2.832  1.00 18.28 ? 75  ASN A CG  1 
ATOM   618  O OD1 . ASN A 1 75  ? 5.367   -13.659 -2.615  1.00 18.76 ? 75  ASN A OD1 1 
ATOM   619  N ND2 . ASN A 1 75  ? 6.480   -15.564 -2.324  1.00 19.69 ? 75  ASN A ND2 1 
ATOM   620  N N   . ALA A 1 76  ? 3.238   -12.993 -6.017  1.00 15.78 ? 76  ALA A N   1 
ATOM   621  C CA  . ALA A 1 76  ? 3.719   -12.219 -7.161  1.00 15.84 ? 76  ALA A CA  1 
ATOM   622  C C   . ALA A 1 76  ? 4.812   -11.255 -6.771  1.00 16.60 ? 76  ALA A C   1 
ATOM   623  O O   . ALA A 1 76  ? 5.623   -10.863 -7.632  1.00 18.71 ? 76  ALA A O   1 
ATOM   624  C CB  . ALA A 1 76  ? 2.560   -11.548 -7.865  1.00 19.70 ? 76  ALA A CB  1 
ATOM   625  N N   . CYS A 1 77  ? 4.888   -10.776 -5.537  1.00 15.43 ? 77  CYS A N   1 
ATOM   626  C CA  . CYS A 1 77  ? 5.990   -9.907  -5.154  1.00 15.15 ? 77  CYS A CA  1 
ATOM   627  C C   . CYS A 1 77  ? 7.246   -10.672 -4.732  1.00 15.94 ? 77  CYS A C   1 
ATOM   628  O O   . CYS A 1 77  ? 8.298   -10.064 -4.457  1.00 16.72 ? 77  CYS A O   1 
ATOM   629  C CB  . CYS A 1 77  ? 5.572   -9.008  -3.969  1.00 15.14 ? 77  CYS A CB  1 
ATOM   630  S SG  . CYS A 1 77  ? 4.378   -7.739  -4.521  1.00 14.34 ? 77  CYS A SG  1 
ATOM   631  N N   . HIS A 1 78  ? 7.147   -11.993 -4.626  1.00 15.99 ? 78  HIS A N   1 
ATOM   632  C CA  . HIS A 1 78  ? 8.294   -12.806 -4.199  1.00 16.71 ? 78  HIS A CA  1 
ATOM   633  C C   . HIS A 1 78  ? 8.895   -12.314 -2.903  1.00 17.72 ? 78  HIS A C   1 
ATOM   634  O O   . HIS A 1 78  ? 10.087  -12.101 -2.714  1.00 18.21 ? 78  HIS A O   1 
ATOM   635  C CB  . HIS A 1 78  ? 9.284   -12.985 -5.308  1.00 25.66 ? 78  HIS A CB  1 
ATOM   636  C CG  . HIS A 1 78  ? 8.680   -13.696 -6.492  1.00 30.49 ? 78  HIS A CG  1 
ATOM   637  N ND1 . HIS A 1 78  ? 8.152   -13.043 -7.580  1.00 33.57 ? 78  HIS A ND1 1 
ATOM   638  C CD2 . HIS A 1 78  ? 8.524   -15.007 -6.718  1.00 31.11 ? 78  HIS A CD2 1 
ATOM   639  C CE1 . HIS A 1 78  ? 7.688   -13.926 -8.447  1.00 32.40 ? 78  HIS A CE1 1 
ATOM   640  N NE2 . HIS A 1 78  ? 7.910   -15.137 -7.955  1.00 35.66 ? 78  HIS A NE2 1 
ATOM   641  N N   . LEU A 1 79  ? 7.992   -12.210 -1.917  1.00 15.10 ? 79  LEU A N   1 
ATOM   642  C CA  . LEU A 1 79  ? 8.311   -11.682 -0.617  1.00 16.14 ? 79  LEU A CA  1 
ATOM   643  C C   . LEU A 1 79  ? 7.483   -12.390 0.466   1.00 14.36 ? 79  LEU A C   1 
ATOM   644  O O   . LEU A 1 79  ? 6.285   -12.601 0.326   1.00 16.77 ? 79  LEU A O   1 
ATOM   645  C CB  . LEU A 1 79  ? 7.741   -10.207 -0.633  1.00 20.57 ? 79  LEU A CB  1 
ATOM   646  C CG  . LEU A 1 79  ? 8.517   -9.017  -0.681  1.00 27.66 ? 79  LEU A CG  1 
ATOM   647  C CD1 . LEU A 1 79  ? 7.749   -7.747  -0.332  1.00 29.20 ? 79  LEU A CD1 1 
ATOM   648  C CD2 . LEU A 1 79  ? 9.895   -8.983  -0.072  1.00 32.17 ? 79  LEU A CD2 1 
ATOM   649  N N   . SER A 1 80  ? 8.126   -12.559 1.618   1.00 12.78 ? 80  SER A N   1 
ATOM   650  C CA  . SER A 1 80  ? 7.396   -12.956 2.813   1.00 13.23 ? 80  SER A CA  1 
ATOM   651  C C   . SER A 1 80  ? 6.492   -11.805 3.250   1.00 12.09 ? 80  SER A C   1 
ATOM   652  O O   . SER A 1 80  ? 6.923   -10.633 3.271   1.00 12.94 ? 80  SER A O   1 
ATOM   653  C CB  . SER A 1 80  ? 8.386   -13.258 3.953   1.00 14.70 ? 80  SER A CB  1 
ATOM   654  O OG  . SER A 1 80  ? 7.712   -13.460 5.164   1.00 14.92 ? 80  SER A OG  1 
ATOM   655  N N   . CYS A 1 81  ? 5.262   -12.113 3.618   1.00 12.15 ? 81  CYS A N   1 
ATOM   656  C CA  . CYS A 1 81  ? 4.383   -11.065 4.118   1.00 11.82 ? 81  CYS A CA  1 
ATOM   657  C C   . CYS A 1 81  ? 4.967   -10.369 5.334   1.00 11.57 ? 81  CYS A C   1 
ATOM   658  O O   . CYS A 1 81  ? 4.648   -9.230  5.660   1.00 13.13 ? 81  CYS A O   1 
ATOM   659  C CB  . CYS A 1 81  ? 2.977   -11.588 4.434   1.00 13.14 ? 81  CYS A CB  1 
ATOM   660  S SG  . CYS A 1 81  ? 2.100   -12.243 3.006   1.00 13.20 ? 81  CYS A SG  1 
ATOM   661  N N   . SER A 1 82  ? 5.828   -11.068 6.079   1.00 12.73 ? 82  SER A N   1 
ATOM   662  C CA  . SER A 1 82  ? 6.501   -10.445 7.224   1.00 13.54 ? 82  SER A CA  1 
ATOM   663  C C   . SER A 1 82  ? 7.310   -9.213  6.853   1.00 11.95 ? 82  SER A C   1 
ATOM   664  O O   . SER A 1 82  ? 7.453   -8.290  7.672   1.00 13.03 ? 82  SER A O   1 
ATOM   665  C CB  A SER A 1 82  ? 7.316   -11.460 7.996   0.60 17.55 ? 82  SER A CB  1 
ATOM   666  C CB  B SER A 1 82  ? 7.493   -11.483 7.830   0.40 15.56 ? 82  SER A CB  1 
ATOM   667  O OG  A SER A 1 82  ? 8.452   -11.811 7.284   0.60 18.83 ? 82  SER A OG  1 
ATOM   668  O OG  B SER A 1 82  ? 8.279   -10.939 8.892   0.40 19.98 ? 82  SER A OG  1 
ATOM   669  N N   . ALA A 1 83  ? 7.800   -9.153  5.621   1.00 12.11 ? 83  ALA A N   1 
ATOM   670  C CA  . ALA A 1 83  ? 8.538   -7.960  5.177   1.00 12.56 ? 83  ALA A CA  1 
ATOM   671  C C   . ALA A 1 83  ? 7.664   -6.716  5.166   1.00 13.55 ? 83  ALA A C   1 
ATOM   672  O O   . ALA A 1 83  ? 8.212   -5.616  5.153   1.00 15.23 ? 83  ALA A O   1 
ATOM   673  C CB  . ALA A 1 83  ? 9.104   -8.208  3.780   1.00 15.16 ? 83  ALA A CB  1 
ATOM   674  N N   . LEU A 1 84  ? 6.371   -6.880  5.094   1.00 12.54 ? 84  LEU A N   1 
ATOM   675  C CA  . LEU A 1 84  ? 5.400   -5.804  4.996   1.00 12.71 ? 84  LEU A CA  1 
ATOM   676  C C   . LEU A 1 84  ? 4.945   -5.358  6.385   1.00 13.40 ? 84  LEU A C   1 
ATOM   677  O O   . LEU A 1 84  ? 4.081   -4.495  6.495   1.00 16.08 ? 84  LEU A O   1 
ATOM   678  C CB  . LEU A 1 84  ? 4.187   -6.250  4.155   1.00 14.18 ? 84  LEU A CB  1 
ATOM   679  C CG  . LEU A 1 84  ? 4.486   -6.699  2.736   1.00 17.81 ? 84  LEU A CG  1 
ATOM   680  C CD1 . LEU A 1 84  ? 3.257   -7.213  2.019   1.00 20.67 ? 84  LEU A CD1 1 
ATOM   681  C CD2 . LEU A 1 84  ? 5.198   -5.666  1.928   1.00 21.32 ? 84  LEU A CD2 1 
ATOM   682  N N   . LEU A 1 85  ? 5.554   -5.897  7.435   1.00 12.93 ? 85  LEU A N   1 
ATOM   683  C CA  . LEU A 1 85  ? 5.284   -5.463  8.802   1.00 13.54 ? 85  LEU A CA  1 
ATOM   684  C C   . LEU A 1 85  ? 6.477   -4.760  9.446   1.00 13.88 ? 85  LEU A C   1 
ATOM   685  O O   . LEU A 1 85  ? 6.489   -4.491  10.636  1.00 16.87 ? 85  LEU A O   1 
ATOM   686  C CB  . LEU A 1 85  ? 4.832   -6.670  9.658   1.00 13.39 ? 85  LEU A CB  1 
ATOM   687  C CG  . LEU A 1 85  ? 3.545   -7.347  9.183   1.00 13.51 ? 85  LEU A CG  1 
ATOM   688  C CD1 . LEU A 1 85  ? 3.276   -8.606  10.002  1.00 18.29 ? 85  LEU A CD1 1 
ATOM   689  C CD2 . LEU A 1 85  ? 2.342   -6.424  9.216   1.00 16.82 ? 85  LEU A CD2 1 
ATOM   690  N N   . GLN A 1 86  ? 7.496   -4.460  8.656   1.00 14.21 ? 86  GLN A N   1 
ATOM   691  C CA  . GLN A 1 86  ? 8.685   -3.743  9.134   1.00 14.01 ? 86  GLN A CA  1 
ATOM   692  C C   . GLN A 1 86  ? 8.400   -2.252  9.286   1.00 14.22 ? 86  GLN A C   1 
ATOM   693  O O   . GLN A 1 86  ? 7.524   -1.696  8.649   1.00 16.42 ? 86  GLN A O   1 
ATOM   694  C CB  . GLN A 1 86  ? 9.820   -3.886  8.109   1.00 15.40 ? 86  GLN A CB  1 
ATOM   695  C CG  . GLN A 1 86  ? 10.378  -5.290  7.982   1.00 18.36 ? 86  GLN A CG  1 
ATOM   696  C CD  . GLN A 1 86  ? 11.453  -5.310  6.884   1.00 22.98 ? 86  GLN A CD  1 
ATOM   697  O OE1 . GLN A 1 86  ? 11.118  -5.495  5.712   1.00 25.88 ? 86  GLN A OE1 1 
ATOM   698  N NE2 . GLN A 1 86  ? 12.673  -5.005  7.270   1.00 27.04 ? 86  GLN A NE2 1 
ATOM   699  N N   . ASP A 1 87  ? 9.241   -1.583  10.087  1.00 13.89 ? 87  ASP A N   1 
ATOM   700  C CA  . ASP A 1 87  ? 9.130   -0.127  10.205  1.00 14.61 ? 87  ASP A CA  1 
ATOM   701  C C   . ASP A 1 87  ? 9.641   0.562   8.941   1.00 16.13 ? 87  ASP A C   1 
ATOM   702  O O   . ASP A 1 87  ? 9.126   1.618   8.563   1.00 20.65 ? 87  ASP A O   1 
ATOM   703  C CB  . ASP A 1 87  ? 9.915   0.372   11.403  1.00 15.52 ? 87  ASP A CB  1 
ATOM   704  C CG  . ASP A 1 87  ? 9.276   0.193   12.735  1.00 15.85 ? 87  ASP A CG  1 
ATOM   705  O OD1 . ASP A 1 87  ? 8.092   -0.257  12.825  1.00 18.46 ? 87  ASP A OD1 1 
ATOM   706  O OD2 . ASP A 1 87  ? 9.947   0.531   13.729  1.00 18.72 ? 87  ASP A OD2 1 
ATOM   707  N N   . ASN A 1 88  ? 10.622  -0.051  8.325   1.00 15.81 ? 88  ASN A N   1 
ATOM   708  C CA  . ASN A 1 88  ? 11.173  0.426   7.045   1.00 17.79 ? 88  ASN A CA  1 
ATOM   709  C C   . ASN A 1 88  ? 10.250  -0.084  5.918   1.00 16.08 ? 88  ASN A C   1 
ATOM   710  O O   . ASN A 1 88  ? 9.991   -1.254  5.830   1.00 19.07 ? 88  ASN A O   1 
ATOM   711  C CB  . ASN A 1 88  ? 12.570  -0.232  6.886   1.00 20.11 ? 88  ASN A CB  1 
ATOM   712  C CG  . ASN A 1 88  ? 13.280  0.343   5.676   1.00 22.92 ? 88  ASN A CG  1 
ATOM   713  O OD1 . ASN A 1 88  ? 12.885  0.137   4.558   1.00 26.75 ? 88  ASN A OD1 1 
ATOM   714  N ND2 . ASN A 1 88  ? 14.325  1.120   5.954   1.00 44.22 ? 88  ASN A ND2 1 
ATOM   715  N N   . ILE A 1 89  ? 9.788   0.815   5.066   1.00 12.57 ? 89  ILE A N   1 
ATOM   716  C CA  . ILE A 1 89  ? 8.790   0.479   4.077   1.00 12.70 ? 89  ILE A CA  1 
ATOM   717  C C   . ILE A 1 89  ? 9.308   0.194   2.703   1.00 11.43 ? 89  ILE A C   1 
ATOM   718  O O   . ILE A 1 89  ? 8.547   0.065   1.743   1.00 12.56 ? 89  ILE A O   1 
ATOM   719  C CB  . ILE A 1 89  ? 7.640   1.528   4.055   1.00 12.99 ? 89  ILE A CB  1 
ATOM   720  C CG1 . ILE A 1 89  ? 8.110   2.872   3.533   1.00 14.29 ? 89  ILE A CG1 1 
ATOM   721  C CG2 . ILE A 1 89  ? 6.986   1.601   5.430   1.00 16.72 ? 89  ILE A CG2 1 
ATOM   722  C CD1 . ILE A 1 89  ? 6.980   3.897   3.346   1.00 17.23 ? 89  ILE A CD1 1 
ATOM   723  N N   . ALA A 1 90  ? 10.613  0.077   2.516   1.00 12.52 ? 90  ALA A N   1 
ATOM   724  C CA  . ALA A 1 90  ? 11.166  -0.148  1.185   1.00 11.88 ? 90  ALA A CA  1 
ATOM   725  C C   . ALA A 1 90  ? 10.584  -1.383  0.526   1.00 12.16 ? 90  ALA A C   1 
ATOM   726  O O   . ALA A 1 90  ? 10.240  -1.336  -0.646  1.00 12.58 ? 90  ALA A O   1 
ATOM   727  C CB  . ALA A 1 90  ? 12.687  -0.260  1.217   1.00 16.43 ? 90  ALA A CB  1 
ATOM   728  N N   . ASP A 1 91  ? 10.448  -2.503  1.233   1.00 12.34 ? 91  ASP A N   1 
ATOM   729  C CA  . ASP A 1 91  ? 9.890   -3.722  0.638   1.00 13.06 ? 91  ASP A CA  1 
ATOM   730  C C   . ASP A 1 91  ? 8.410   -3.566  0.320   1.00 13.27 ? 91  ASP A C   1 
ATOM   731  O O   . ASP A 1 91  ? 7.943   -4.036  -0.735  1.00 14.41 ? 91  ASP A O   1 
ATOM   732  C CB  . ASP A 1 91  ? 10.139  -4.939  1.510   1.00 16.70 ? 91  ASP A CB  1 
ATOM   733  C CG  . ASP A 1 91  ? 11.598  -5.391  1.533   1.00 21.64 ? 91  ASP A CG  1 
ATOM   734  O OD1 . ASP A 1 91  ? 12.351  -5.187  0.572   1.00 25.67 ? 91  ASP A OD1 1 
ATOM   735  O OD2 . ASP A 1 91  ? 11.942  -6.044  2.514   1.00 30.98 ? 91  ASP A OD2 1 
ATOM   736  N N   . ALA A 1 92  ? 7.664   -2.885  1.184   1.00 12.68 ? 92  ALA A N   1 
ATOM   737  C CA  . ALA A 1 92  ? 6.267   -2.603  0.912   1.00 12.92 ? 92  ALA A CA  1 
ATOM   738  C C   . ALA A 1 92  ? 6.097   -1.775  -0.365  1.00 11.99 ? 92  ALA A C   1 
ATOM   739  O O   . ALA A 1 92  ? 5.196   -2.019  -1.163  1.00 13.19 ? 92  ALA A O   1 
ATOM   740  C CB  . ALA A 1 92  ? 5.618   -1.916  2.077   1.00 14.28 ? 92  ALA A CB  1 
ATOM   741  N N   . VAL A 1 93  ? 6.952   -0.770  -0.503  1.00 11.60 ? 93  VAL A N   1 
ATOM   742  C CA  . VAL A 1 93  ? 6.943   0.083   -1.695  1.00 11.58 ? 93  VAL A CA  1 
ATOM   743  C C   . VAL A 1 93  ? 7.290   -0.730  -2.930  1.00 10.95 ? 93  VAL A C   1 
ATOM   744  O O   . VAL A 1 93  ? 6.618   -0.588  -3.974  1.00 12.78 ? 93  VAL A O   1 
ATOM   745  C CB  . VAL A 1 93  ? 7.882   1.285   -1.508  1.00 12.54 ? 93  VAL A CB  1 
ATOM   746  C CG1 . VAL A 1 93  ? 8.179   1.961   -2.821  1.00 15.10 ? 93  VAL A CG1 1 
ATOM   747  C CG2 . VAL A 1 93  ? 7.224   2.283   -0.543  1.00 14.14 ? 93  VAL A CG2 1 
ATOM   748  N N   . ALA A 1 94  ? 8.279   -1.610  -2.910  1.00 11.32 ? 94  ALA A N   1 
ATOM   749  C CA  . ALA A 1 94  ? 8.630   -2.416  -4.062  1.00 14.03 ? 94  ALA A CA  1 
ATOM   750  C C   . ALA A 1 94  ? 7.437   -3.282  -4.491  1.00 11.77 ? 94  ALA A C   1 
ATOM   751  O O   . ALA A 1 94  ? 7.152   -3.487  -5.652  1.00 13.70 ? 94  ALA A O   1 
ATOM   752  C CB  . ALA A 1 94  ? 9.858   -3.279  -3.764  1.00 15.14 ? 94  ALA A CB  1 
ATOM   753  N N   . CYS A 1 95  ? 6.759   -3.850  -3.483  1.00 11.92 ? 95  CYS A N   1 
ATOM   754  C CA  . CYS A 1 95  ? 5.583   -4.697  -3.768  1.00 11.46 ? 95  CYS A CA  1 
ATOM   755  C C   . CYS A 1 95  ? 4.419   -3.892  -4.256  1.00 10.97 ? 95  CYS A C   1 
ATOM   756  O O   . CYS A 1 95  ? 3.725   -4.280  -5.227  1.00 12.53 ? 95  CYS A O   1 
ATOM   757  C CB  . CYS A 1 95  ? 5.295   -5.571  -2.580  1.00 12.67 ? 95  CYS A CB  1 
ATOM   758  S SG  . CYS A 1 95  ? 3.922   -6.756  -2.826  1.00 13.56 ? 95  CYS A SG  1 
ATOM   759  N N   . ALA A 1 96  ? 4.174   -2.703  -3.732  1.00 10.42 ? 96  ALA A N   1 
ATOM   760  C CA  . ALA A 1 96  ? 3.113   -1.829  -4.248  1.00 11.09 ? 96  ALA A CA  1 
ATOM   761  C C   . ALA A 1 96  ? 3.387   -1.429  -5.688  1.00 11.76 ? 96  ALA A C   1 
ATOM   762  O O   . ALA A 1 96  ? 2.442   -1.335  -6.501  1.00 13.14 ? 96  ALA A O   1 
ATOM   763  C CB  . ALA A 1 96  ? 2.955   -0.601  -3.382  1.00 13.08 ? 96  ALA A CB  1 
ATOM   764  N N   . LYS A 1 97  ? 4.655   -1.175  -6.031  1.00 11.55 ? 97  LYS A N   1 
ATOM   765  C CA  . LYS A 1 97  ? 5.019   -0.896  -7.424  1.00 11.67 ? 97  LYS A CA  1 
ATOM   766  C C   . LYS A 1 97  ? 4.655   -2.058  -8.329  1.00 11.49 ? 97  LYS A C   1 
ATOM   767  O O   . LYS A 1 97  ? 4.111   -1.857  -9.411  1.00 14.28 ? 97  LYS A O   1 
ATOM   768  C CB  . LYS A 1 97  ? 6.518   -0.552  -7.518  1.00 12.72 ? 97  LYS A CB  1 
ATOM   769  C CG  . LYS A 1 97  ? 6.851   0.832   -6.960  1.00 12.67 ? 97  LYS A CG  1 
ATOM   770  C CD  . LYS A 1 97  ? 8.346   1.072   -7.003  1.00 13.88 ? 97  LYS A CD  1 
ATOM   771  C CE  . LYS A 1 97  ? 8.706   2.480   -6.551  1.00 14.34 ? 97  LYS A CE  1 
ATOM   772  N NZ  . LYS A 1 97  ? 10.182  2.634   -6.487  1.00 16.93 ? 97  LYS A NZ  1 
ATOM   773  N N   . ARG A 1 98  ? 4.910   -3.280  -7.865  1.00 12.01 ? 98  ARG A N   1 
ATOM   774  C CA  . ARG A 1 98  ? 4.547   -4.470  -8.588  1.00 12.87 ? 98  ARG A CA  1 
ATOM   775  C C   . ARG A 1 98  ? 3.036   -4.574  -8.803  1.00 12.26 ? 98  ARG A C   1 
ATOM   776  O O   . ARG A 1 98  ? 2.599   -4.889  -9.908  1.00 14.55 ? 98  ARG A O   1 
ATOM   777  C CB  . ARG A 1 98  ? 5.110   -5.733  -7.920  1.00 13.46 ? 98  ARG A CB  1 
ATOM   778  C CG  . ARG A 1 98  ? 4.573   -7.006  -8.482  1.00 14.92 ? 98  ARG A CG  1 
ATOM   779  C CD  . ARG A 1 98  ? 4.986   -7.259  -9.911  1.00 17.52 ? 98  ARG A CD  1 
ATOM   780  N NE  . ARG A 1 98  ? 4.312   -8.467  -10.447 1.00 17.98 ? 98  ARG A NE  1 
ATOM   781  C CZ  . ARG A 1 98  ? 3.151   -8.514  -11.083 1.00 18.76 ? 98  ARG A CZ  1 
ATOM   782  N NH1 . ARG A 1 98  ? 2.357   -7.450  -11.217 1.00 21.63 ? 98  ARG A NH1 1 
ATOM   783  N NH2 . ARG A 1 98  ? 2.785   -9.692  -11.571 1.00 21.98 ? 98  ARG A NH2 1 
ATOM   784  N N   . VAL A 1 99  ? 2.257   -4.264  -7.770  1.00 11.86 ? 99  VAL A N   1 
ATOM   785  C CA  . VAL A 1 99  ? 0.800   -4.326  -7.900  1.00 12.33 ? 99  VAL A CA  1 
ATOM   786  C C   . VAL A 1 99  ? 0.343   -3.436  -9.031  1.00 12.78 ? 99  VAL A C   1 
ATOM   787  O O   . VAL A 1 99  ? -0.466  -3.813  -9.875  1.00 14.35 ? 99  VAL A O   1 
ATOM   788  C CB  . VAL A 1 99  ? 0.098   -3.922  -6.601  1.00 12.64 ? 99  VAL A CB  1 
ATOM   789  C CG1 . VAL A 1 99  ? -1.419  -3.782  -6.776  1.00 14.52 ? 99  VAL A CG1 1 
ATOM   790  C CG2 . VAL A 1 99  ? 0.421   -4.874  -5.448  1.00 14.42 ? 99  VAL A CG2 1 
ATOM   791  N N   . VAL A 1 100 ? 0.828   -2.193  -9.067  1.00 13.05 ? 100 VAL A N   1 
ATOM   792  C CA  . VAL A 1 100 ? 0.353   -1.220  -10.041 1.00 12.65 ? 100 VAL A CA  1 
ATOM   793  C C   . VAL A 1 100 ? 0.913   -1.405  -11.414 1.00 14.23 ? 100 VAL A C   1 
ATOM   794  O O   . VAL A 1 100 ? 0.461   -0.681  -12.341 1.00 17.68 ? 100 VAL A O   1 
ATOM   795  C CB  . VAL A 1 100 ? 0.417   0.200   -9.528  1.00 12.79 ? 100 VAL A CB  1 
ATOM   796  C CG1 . VAL A 1 100 ? -0.342  0.367   -8.230  1.00 14.07 ? 100 VAL A CG1 1 
ATOM   797  C CG2 . VAL A 1 100 ? 1.829   0.719   -9.418  1.00 14.57 ? 100 VAL A CG2 1 
ATOM   798  N N   . ARG A 1 101 ? 1.793   -2.364  -11.665 1.00 15.12 ? 101 ARG A N   1 
ATOM   799  C CA  . ARG A 1 101 ? 2.277   -2.728  -12.982 1.00 17.78 ? 101 ARG A CA  1 
ATOM   800  C C   . ARG A 1 101 ? 1.268   -3.556  -13.759 1.00 20.08 ? 101 ARG A C   1 
ATOM   801  O O   . ARG A 1 101 ? 1.300   -3.671  -14.986 1.00 23.74 ? 101 ARG A O   1 
ATOM   802  C CB  . ARG A 1 101 ? 3.666   -3.363  -12.977 1.00 18.42 ? 101 ARG A CB  1 
ATOM   803  C CG  . ARG A 1 101 ? 4.789   -2.371  -12.738 1.00 18.87 ? 101 ARG A CG  1 
ATOM   804  C CD  . ARG A 1 101 ? 6.164   -2.866  -13.071 1.00 18.67 ? 101 ARG A CD  1 
ATOM   805  N NE  . ARG A 1 101 ? 6.555   -4.044  -12.263 1.00 20.24 ? 101 ARG A NE  1 
ATOM   806  C CZ  . ARG A 1 101 ? 7.232   -4.026  -11.143 1.00 16.31 ? 101 ARG A CZ  1 
ATOM   807  N NH1 . ARG A 1 101 ? 7.450   -2.887  -10.471 1.00 19.85 ? 101 ARG A NH1 1 
ATOM   808  N NH2 . ARG A 1 101 ? 7.655   -5.158  -10.592 1.00 21.13 ? 101 ARG A NH2 1 
ATOM   809  N N   . ASP A 1 102 ? 0.271   -4.077  -13.042 1.00 17.13 ? 102 ASP A N   1 
ATOM   810  C CA  . ASP A 1 102 ? -0.855  -4.785  -13.676 1.00 18.60 ? 102 ASP A CA  1 
ATOM   811  C C   . ASP A 1 102 ? -1.790  -3.727  -14.237 1.00 18.33 ? 102 ASP A C   1 
ATOM   812  O O   . ASP A 1 102 ? -1.756  -2.572  -13.783 1.00 17.88 ? 102 ASP A O   1 
ATOM   813  C CB  . ASP A 1 102 ? -1.561  -5.659  -12.627 1.00 25.63 ? 102 ASP A CB  1 
ATOM   814  C CG  . ASP A 1 102 ? -0.903  -7.027  -12.498 1.00 29.45 ? 102 ASP A CG  1 
ATOM   815  O OD1 . ASP A 1 102 ? 0.197   -7.209  -13.049 1.00 31.08 ? 102 ASP A OD1 1 
ATOM   816  O OD2 . ASP A 1 102 ? -1.497  -7.917  -11.824 1.00 39.39 ? 102 ASP A OD2 1 
ATOM   817  N N   . PRO A 1 103 ? -2.614  -4.063  -15.193 1.00 21.13 ? 103 PRO A N   1 
ATOM   818  C CA  . PRO A 1 103 ? -3.503  -3.091  -15.840 1.00 24.39 ? 103 PRO A CA  1 
ATOM   819  C C   . PRO A 1 103 ? -4.401  -2.273  -14.955 1.00 20.09 ? 103 PRO A C   1 
ATOM   820  O O   . PRO A 1 103 ? -4.587  -1.060  -15.247 1.00 18.73 ? 103 PRO A O   1 
ATOM   821  C CB  . PRO A 1 103 ? -4.300  -3.984  -16.803 1.00 27.01 ? 103 PRO A CB  1 
ATOM   822  C CG  . PRO A 1 103 ? -3.401  -5.124  -17.108 1.00 27.24 ? 103 PRO A CG  1 
ATOM   823  C CD  . PRO A 1 103 ? -2.626  -5.355  -15.834 1.00 23.20 ? 103 PRO A CD  1 
ATOM   824  N N   . GLN A 1 104 ? -4.962  -2.815  -13.886 1.00 18.34 ? 104 GLN A N   1 
ATOM   825  C CA  . GLN A 1 104 ? -5.911  -2.078  -13.008 1.00 21.23 ? 104 GLN A CA  1 
ATOM   826  C C   . GLN A 1 104 ? -5.207  -0.929  -12.318 1.00 17.94 ? 104 GLN A C   1 
ATOM   827  O O   . GLN A 1 104 ? -5.830  -0.008  -11.804 1.00 18.00 ? 104 GLN A O   1 
ATOM   828  C CB  . GLN A 1 104 ? -6.357  -3.029  -11.854 1.00 24.12 ? 104 GLN A CB  1 
ATOM   829  C CG  . GLN A 1 104 ? -7.679  -3.653  -11.917 1.00 47.13 ? 104 GLN A CG  1 
ATOM   830  C CD  . GLN A 1 104 ? -8.148  -4.296  -10.609 1.00 47.32 ? 104 GLN A CD  1 
ATOM   831  O OE1 . GLN A 1 104 ? -9.300  -4.175  -10.217 1.00 60.39 ? 104 GLN A OE1 1 
ATOM   832  N NE2 . GLN A 1 104 ? -7.199  -4.911  -9.896  1.00 62.61 ? 104 GLN A NE2 1 
ATOM   833  N N   . GLY A 1 105 ? -3.881  -1.044  -12.198 1.00 16.59 ? 105 GLY A N   1 
ATOM   834  C CA  . GLY A 1 105 ? -3.208  0.020   -11.472 1.00 17.91 ? 105 GLY A CA  1 
ATOM   835  C C   . GLY A 1 105 ? -3.650  0.131   -10.034 1.00 15.90 ? 105 GLY A C   1 
ATOM   836  O O   . GLY A 1 105 ? -3.871  -0.852  -9.315  1.00 17.09 ? 105 GLY A O   1 
ATOM   837  N N   . ILE A 1 106 ? -3.837  1.347   -9.530  1.00 15.81 ? 106 ILE A N   1 
ATOM   838  C CA  . ILE A 1 106 ? -4.204  1.530   -8.135  1.00 17.11 ? 106 ILE A CA  1 
ATOM   839  C C   . ILE A 1 106 ? -5.619  1.126   -7.833  1.00 15.80 ? 106 ILE A C   1 
ATOM   840  O O   . ILE A 1 106 ? -6.016  1.037   -6.673  1.00 16.82 ? 106 ILE A O   1 
ATOM   841  C CB  . ILE A 1 106 ? -3.906  2.964   -7.704  1.00 17.55 ? 106 ILE A CB  1 
ATOM   842  C CG1 . ILE A 1 106 ? -3.908  3.196   -6.193  1.00 19.14 ? 106 ILE A CG1 1 
ATOM   843  C CG2 . ILE A 1 106 ? -4.768  3.956   -8.426  1.00 21.03 ? 106 ILE A CG2 1 
ATOM   844  C CD1 . ILE A 1 106 ? -3.049  4.304   -5.730  1.00 17.90 ? 106 ILE A CD1 1 
ATOM   845  N N   . ARG A 1 107 ? -6.401  0.859   -8.890  1.00 16.58 ? 107 ARG A N   1 
ATOM   846  C CA  . ARG A 1 107 ? -7.769  0.376   -8.655  1.00 17.13 ? 107 ARG A CA  1 
ATOM   847  C C   . ARG A 1 107 ? -7.786  -1.004  -8.054  1.00 20.36 ? 107 ARG A C   1 
ATOM   848  O O   . ARG A 1 107 ? -8.887  -1.444  -7.624  1.00 21.86 ? 107 ARG A O   1 
ATOM   849  C CB  . ARG A 1 107 ? -8.558  0.395   -9.966  1.00 18.94 ? 107 ARG A CB  1 
ATOM   850  C CG  . ARG A 1 107 ? -8.821  1.821   -10.439 1.00 23.89 ? 107 ARG A CG  1 
ATOM   851  C CD  . ARG A 1 107 ? -9.531  1.861   -11.793 1.00 39.98 ? 107 ARG A CD  1 
ATOM   852  N NE  . ARG A 1 107 ? -9.401  3.234   -12.367 1.00 47.72 ? 107 ARG A NE  1 
ATOM   853  C CZ  . ARG A 1 107 ? -8.200  3.835   -12.397 1.00 67.00 ? 107 ARG A CZ  1 
ATOM   854  N NH1 . ARG A 1 107 ? -7.106  3.120   -12.686 1.00 74.07 ? 107 ARG A NH1 1 
ATOM   855  N NH2 . ARG A 1 107 ? -8.071  5.128   -12.145 1.00 64.71 ? 107 ARG A NH2 1 
ATOM   856  N N   . ALA A 1 108 ? -6.651  -1.676  -7.984  1.00 18.54 ? 108 ALA A N   1 
ATOM   857  C CA  . ALA A 1 108 ? -6.589  -2.979  -7.314  1.00 21.58 ? 108 ALA A CA  1 
ATOM   858  C C   . ALA A 1 108 ? -7.101  -2.893  -5.890  1.00 18.41 ? 108 ALA A C   1 
ATOM   859  O O   . ALA A 1 108 ? -7.612  -3.882  -5.332  1.00 24.26 ? 108 ALA A O   1 
ATOM   860  C CB  . ALA A 1 108 ? -5.189  -3.551  -7.333  1.00 25.52 ? 108 ALA A CB  1 
ATOM   861  N N   . TRP A 1 109 ? -6.898  -1.744  -5.252  1.00 16.15 ? 109 TRP A N   1 
ATOM   862  C CA  . TRP A 1 109 ? -7.356  -1.544  -3.886  1.00 16.79 ? 109 TRP A CA  1 
ATOM   863  C C   . TRP A 1 109 ? -8.750  -0.897  -3.882  1.00 15.57 ? 109 TRP A C   1 
ATOM   864  O O   . TRP A 1 109 ? -8.930  0.249   -4.309  1.00 17.44 ? 109 TRP A O   1 
ATOM   865  C CB  . TRP A 1 109 ? -6.398  -0.712  -3.124  1.00 14.21 ? 109 TRP A CB  1 
ATOM   866  C CG  . TRP A 1 109 ? -5.084  -1.243  -2.767  1.00 14.22 ? 109 TRP A CG  1 
ATOM   867  C CD1 . TRP A 1 109 ? -4.775  -1.985  -1.629  1.00 17.01 ? 109 TRP A CD1 1 
ATOM   868  C CD2 . TRP A 1 109 ? -3.826  -1.108  -3.468  1.00 13.07 ? 109 TRP A CD2 1 
ATOM   869  N NE1 . TRP A 1 109 ? -3.452  -2.246  -1.609  1.00 16.16 ? 109 TRP A NE1 1 
ATOM   870  C CE2 . TRP A 1 109 ? -2.833  -1.739  -2.696  1.00 14.95 ? 109 TRP A CE2 1 
ATOM   871  C CE3 . TRP A 1 109 ? -3.451  -0.463  -4.618  1.00 14.74 ? 109 TRP A CE3 1 
ATOM   872  C CZ2 . TRP A 1 109 ? -1.485  -1.771  -3.097  1.00 16.94 ? 109 TRP A CZ2 1 
ATOM   873  C CZ3 . TRP A 1 109 ? -2.143  -0.477  -5.027  1.00 14.74 ? 109 TRP A CZ3 1 
ATOM   874  C CH2 . TRP A 1 109 ? -1.153  -1.114  -4.265  1.00 16.52 ? 109 TRP A CH2 1 
ATOM   875  N N   . VAL A 1 110 ? -9.732  -1.649  -3.389  1.00 18.17 ? 110 VAL A N   1 
ATOM   876  C CA  . VAL A 1 110 ? -11.082 -1.097  -3.375  1.00 20.77 ? 110 VAL A CA  1 
ATOM   877  C C   . VAL A 1 110 ? -11.177 0.175   -2.580  1.00 18.43 ? 110 VAL A C   1 
ATOM   878  O O   . VAL A 1 110 ? -11.967 1.070   -2.972  1.00 20.67 ? 110 VAL A O   1 
ATOM   879  C CB  . VAL A 1 110 ? -12.181 -2.075  -2.990  1.00 28.20 ? 110 VAL A CB  1 
ATOM   880  C CG1 . VAL A 1 110 ? -12.089 -3.387  -3.664  1.00 32.48 ? 110 VAL A CG1 1 
ATOM   881  C CG2 . VAL A 1 110 ? -12.425 -2.117  -1.519  1.00 32.96 ? 110 VAL A CG2 1 
ATOM   882  N N   . ALA A 1 111 ? -10.477 0.299   -1.469  1.00 18.39 ? 111 ALA A N   1 
ATOM   883  C CA  . ALA A 1 111 ? -10.550 1.499   -0.636  1.00 20.08 ? 111 ALA A CA  1 
ATOM   884  C C   . ALA A 1 111 ? -10.180 2.743   -1.427  1.00 17.47 ? 111 ALA A C   1 
ATOM   885  O O   . ALA A 1 111 ? -10.737 3.820   -1.156  1.00 19.35 ? 111 ALA A O   1 
ATOM   886  C CB  . ALA A 1 111 ? -9.615  1.396   0.572   1.00 21.74 ? 111 ALA A CB  1 
ATOM   887  N N   . TRP A 1 112 ? -9.269  2.621   -2.394  1.00 16.39 ? 112 TRP A N   1 
ATOM   888  C CA  . TRP A 1 112 ? -8.935  3.771   -3.238  1.00 14.27 ? 112 TRP A CA  1 
ATOM   889  C C   . TRP A 1 112 ? -10.137 4.192   -4.077  1.00 14.94 ? 112 TRP A C   1 
ATOM   890  O O   . TRP A 1 112 ? -10.428 5.396   -4.210  1.00 14.58 ? 112 TRP A O   1 
ATOM   891  C CB  . TRP A 1 112 ? -7.708  3.453   -4.129  1.00 14.56 ? 112 TRP A CB  1 
ATOM   892  C CG  . TRP A 1 112 ? -7.306  4.674   -4.923  1.00 15.83 ? 112 TRP A CG  1 
ATOM   893  C CD1 . TRP A 1 112 ? -6.463  5.679   -4.535  1.00 15.71 ? 112 TRP A CD1 1 
ATOM   894  C CD2 . TRP A 1 112 ? -7.761  4.996   -6.238  1.00 15.54 ? 112 TRP A CD2 1 
ATOM   895  N NE1 . TRP A 1 112 ? -6.369  6.608   -5.546  1.00 15.81 ? 112 TRP A NE1 1 
ATOM   896  C CE2 . TRP A 1 112 ? -7.147  6.213   -6.609  1.00 16.34 ? 112 TRP A CE2 1 
ATOM   897  C CE3 . TRP A 1 112 ? -8.593  4.370   -7.153  1.00 16.24 ? 112 TRP A CE3 1 
ATOM   898  C CZ2 . TRP A 1 112 ? -7.377  6.799   -7.843  1.00 19.60 ? 112 TRP A CZ2 1 
ATOM   899  C CZ3 . TRP A 1 112 ? -8.827  4.962   -8.387  1.00 19.22 ? 112 TRP A CZ3 1 
ATOM   900  C CH2 . TRP A 1 112 ? -8.222  6.171   -8.725  1.00 21.44 ? 112 TRP A CH2 1 
ATOM   901  N N   . ARG A 1 113 ? -10.898 3.230   -4.605  1.00 15.14 ? 113 ARG A N   1 
ATOM   902  C CA  . ARG A 1 113 ? -12.093 3.587   -5.382  1.00 16.43 ? 113 ARG A CA  1 
ATOM   903  C C   . ARG A 1 113 ? -13.117 4.277   -4.497  1.00 17.09 ? 113 ARG A C   1 
ATOM   904  O O   . ARG A 1 113 ? -13.771 5.237   -4.923  1.00 18.84 ? 113 ARG A O   1 
ATOM   905  C CB  . ARG A 1 113 ? -12.738 2.319   -5.972  1.00 19.05 ? 113 ARG A CB  1 
ATOM   906  C CG  . ARG A 1 113 ? -11.813 1.474   -6.825  1.00 21.06 ? 113 ARG A CG  1 
ATOM   907  C CD  . ARG A 1 113 ? -12.534 0.237   -7.336  1.00 31.33 ? 113 ARG A CD  1 
ATOM   908  N NE  . ARG A 1 113 ? -11.646 -0.869  -7.589  1.00 32.96 ? 113 ARG A NE  1 
ATOM   909  C CZ  . ARG A 1 113 ? -12.001 -2.120  -7.742  1.00 39.44 ? 113 ARG A CZ  1 
ATOM   910  N NH1 . ARG A 1 113 ? -13.302 -2.454  -7.689  1.00 48.10 ? 113 ARG A NH1 1 
ATOM   911  N NH2 . ARG A 1 113 ? -11.082 -3.046  -7.957  1.00 49.31 ? 113 ARG A NH2 1 
ATOM   912  N N   . ASN A 1 114 ? -13.307 3.762   -3.272  1.00 15.91 ? 114 ASN A N   1 
ATOM   913  C CA  . ASN A 1 114 ? -14.303 4.326   -2.389  1.00 17.99 ? 114 ASN A CA  1 
ATOM   914  C C   . ASN A 1 114 ? -13.943 5.695   -1.827  1.00 15.89 ? 114 ASN A C   1 
ATOM   915  O O   . ASN A 1 114 ? -14.819 6.535   -1.675  1.00 20.21 ? 114 ASN A O   1 
ATOM   916  C CB  . ASN A 1 114 ? -14.584 3.415   -1.181  1.00 22.77 ? 114 ASN A CB  1 
ATOM   917  C CG  . ASN A 1 114 ? -14.984 2.012   -1.510  1.00 26.98 ? 114 ASN A CG  1 
ATOM   918  O OD1 . ASN A 1 114 ? -15.240 1.588   -2.591  1.00 28.93 ? 114 ASN A OD1 1 
ATOM   919  N ND2 . ASN A 1 114 ? -14.949 1.199   -0.418  1.00 33.78 ? 114 ASN A ND2 1 
ATOM   920  N N   . ARG A 1 115 ? -12.654 5.891   -1.451  1.00 16.64 ? 115 ARG A N   1 
ATOM   921  C CA  . ARG A 1 115 ? -12.267 7.067   -0.709  1.00 17.38 ? 115 ARG A CA  1 
ATOM   922  C C   . ARG A 1 115 ? -11.466 8.116   -1.458  1.00 17.46 ? 115 ARG A C   1 
ATOM   923  O O   . ARG A 1 115 ? -11.279 9.234   -0.926  1.00 20.36 ? 115 ARG A O   1 
ATOM   924  C CB  . ARG A 1 115 ? -11.407 6.587   0.485   1.00 18.38 ? 115 ARG A CB  1 
ATOM   925  C CG  . ARG A 1 115 ? -12.103 5.636   1.413   1.00 24.94 ? 115 ARG A CG  1 
ATOM   926  C CD  . ARG A 1 115 ? -12.917 6.416   2.451   1.00 30.28 ? 115 ARG A CD  1 
ATOM   927  N NE  . ARG A 1 115 ? -13.497 5.409   3.384   1.00 32.22 ? 115 ARG A NE  1 
ATOM   928  C CZ  . ARG A 1 115 ? -14.254 5.820   4.396   1.00 32.89 ? 115 ARG A CZ  1 
ATOM   929  N NH1 . ARG A 1 115 ? -14.325 7.133   4.593   1.00 35.05 ? 115 ARG A NH1 1 
ATOM   930  N NH2 . ARG A 1 115 ? -14.874 4.951   5.140   1.00 36.35 ? 115 ARG A NH2 1 
ATOM   931  N N   . CYS A 1 116 ? -10.891 7.768   -2.590  1.00 15.08 ? 116 CYS A N   1 
ATOM   932  C CA  . CYS A 1 116 ? -9.924  8.587   -3.259  1.00 14.67 ? 116 CYS A CA  1 
ATOM   933  C C   . CYS A 1 116 ? -10.277 8.953   -4.691  1.00 16.40 ? 116 CYS A C   1 
ATOM   934  O O   . CYS A 1 116 ? -10.004 10.078  -5.134  1.00 18.54 ? 116 CYS A O   1 
ATOM   935  C CB  . CYS A 1 116 ? -8.544  7.923   -3.256  1.00 14.17 ? 116 CYS A CB  1 
ATOM   936  S SG  . CYS A 1 116 ? -7.958  7.369   -1.614  1.00 14.27 ? 116 CYS A SG  1 
ATOM   937  N N   . GLN A 1 117 ? -10.778 7.989   -5.452  1.00 16.23 ? 117 GLN A N   1 
ATOM   938  C CA  . GLN A 1 117 ? -11.056 8.208   -6.871  1.00 18.20 ? 117 GLN A CA  1 
ATOM   939  C C   . GLN A 1 117 ? -12.047 9.340   -7.077  1.00 20.42 ? 117 GLN A C   1 
ATOM   940  O O   . GLN A 1 117 ? -13.070 9.391   -6.393  1.00 20.59 ? 117 GLN A O   1 
ATOM   941  C CB  . GLN A 1 117 ? -11.637 6.925   -7.473  1.00 19.87 ? 117 GLN A CB  1 
ATOM   942  C CG  . GLN A 1 117 ? -11.969 7.012   -8.941  1.00 23.21 ? 117 GLN A CG  1 
ATOM   943  C CD  . GLN A 1 117 ? -12.283 5.652   -9.555  1.00 24.24 ? 117 GLN A CD  1 
ATOM   944  O OE1 . GLN A 1 117 ? -12.711 4.744   -8.889  1.00 33.47 ? 117 GLN A OE1 1 
ATOM   945  N NE2 . GLN A 1 117 ? -12.058 5.541   -10.857 1.00 37.16 ? 117 GLN A NE2 1 
ATOM   946  N N   . ASN A 1 118 ? -11.794 10.187  -8.072  1.00 23.71 ? 118 ASN A N   1 
ATOM   947  C CA  . ASN A 1 118 ? -12.736 11.237  -8.394  1.00 28.55 ? 118 ASN A CA  1 
ATOM   948  C C   . ASN A 1 118 ? -12.986 12.173  -7.239  1.00 27.64 ? 118 ASN A C   1 
ATOM   949  O O   . ASN A 1 118 ? -14.039 12.816  -7.172  1.00 33.21 ? 118 ASN A O   1 
ATOM   950  C CB  . ASN A 1 118 ? -14.066 10.695  -8.939  1.00 34.02 ? 118 ASN A CB  1 
ATOM   951  C CG  . ASN A 1 118 ? -13.899 9.849   -10.185 1.00 36.99 ? 118 ASN A CG  1 
ATOM   952  O OD1 . ASN A 1 118 ? -13.166 10.215  -11.092 1.00 41.09 ? 118 ASN A OD1 1 
ATOM   953  N ND2 . ASN A 1 118 ? -14.568 8.694   -10.228 1.00 45.69 ? 118 ASN A ND2 1 
ATOM   954  N N   . ARG A 1 119 ? -12.018 12.322  -6.358  1.00 26.95 ? 119 ARG A N   1 
ATOM   955  C CA  . ARG A 1 119 ? -12.108 13.258  -5.251  1.00 29.41 ? 119 ARG A CA  1 
ATOM   956  C C   . ARG A 1 119 ? -10.835 14.155  -5.246  1.00 27.46 ? 119 ARG A C   1 
ATOM   957  O O   . ARG A 1 119 ? -9.816  13.782  -5.790  1.00 28.03 ? 119 ARG A O   1 
ATOM   958  C CB  . ARG A 1 119 ? -12.077 12.522  -3.898  1.00 27.29 ? 119 ARG A CB  1 
ATOM   959  C CG  . ARG A 1 119 ? -13.325 11.778  -3.550  1.00 29.07 ? 119 ARG A CG  1 
ATOM   960  C CD  . ARG A 1 119 ? -13.295 11.309  -2.096  1.00 33.27 ? 119 ARG A CD  1 
ATOM   961  N NE  . ARG A 1 119 ? -14.255 10.202  -1.945  1.00 34.40 ? 119 ARG A NE  1 
ATOM   962  C CZ  . ARG A 1 119 ? -15.162 10.183  -0.974  1.00 33.71 ? 119 ARG A CZ  1 
ATOM   963  N NH1 . ARG A 1 119 ? -15.437 11.250  -0.281  1.00 39.46 ? 119 ARG A NH1 1 
ATOM   964  N NH2 . ARG A 1 119 ? -15.820 9.059   -0.791  1.00 32.31 ? 119 ARG A NH2 1 
ATOM   965  N N   . ASP A 1 120 ? -10.973 15.259  -4.545  1.00 30.41 ? 120 ASP A N   1 
ATOM   966  C CA  . ASP A 1 120 ? -9.821  16.177  -4.390  1.00 27.35 ? 120 ASP A CA  1 
ATOM   967  C C   . ASP A 1 120 ? -8.924  15.535  -3.325  1.00 25.50 ? 120 ASP A C   1 
ATOM   968  O O   . ASP A 1 120 ? -9.391  15.387  -2.197  1.00 30.21 ? 120 ASP A O   1 
ATOM   969  C CB  . ASP A 1 120 ? -10.452 17.476  -3.770  1.00 31.42 ? 120 ASP A CB  1 
ATOM   970  C CG  . ASP A 1 120 ? -9.435  18.597  -3.771  1.00 38.14 ? 120 ASP A CG  1 
ATOM   971  O OD1 . ASP A 1 120 ? -8.225  18.258  -3.940  1.00 41.12 ? 120 ASP A OD1 1 
ATOM   972  O OD2 . ASP A 1 120 ? -9.797  19.733  -3.478  1.00 34.42 ? 120 ASP A OD2 1 
ATOM   973  N N   . VAL A 1 121 ? -7.725  15.102  -3.709  1.00 22.52 ? 121 VAL A N   1 
ATOM   974  C CA  . VAL A 1 121 ? -6.836  14.439  -2.777  1.00 21.13 ? 121 VAL A CA  1 
ATOM   975  C C   . VAL A 1 121 ? -5.619  15.262  -2.423  1.00 22.32 ? 121 VAL A C   1 
ATOM   976  O O   . VAL A 1 121 ? -4.709  14.804  -1.747  1.00 18.74 ? 121 VAL A O   1 
ATOM   977  C CB  . VAL A 1 121 ? -6.426  13.035  -3.240  1.00 22.58 ? 121 VAL A CB  1 
ATOM   978  C CG1 . VAL A 1 121 ? -7.617  12.093  -3.276  1.00 30.69 ? 121 VAL A CG1 1 
ATOM   979  C CG2 . VAL A 1 121 ? -5.669  13.061  -4.545  1.00 25.84 ? 121 VAL A CG2 1 
ATOM   980  N N   . ARG A 1 122 ? -5.560  16.513  -2.899  1.00 27.46 ? 122 ARG A N   1 
ATOM   981  C CA  . ARG A 1 122 ? -4.397  17.372  -2.591  1.00 27.65 ? 122 ARG A CA  1 
ATOM   982  C C   . ARG A 1 122 ? -4.182  17.552  -1.107  1.00 24.97 ? 122 ARG A C   1 
ATOM   983  O O   . ARG A 1 122 ? -3.048  17.814  -0.661  1.00 25.46 ? 122 ARG A O   1 
ATOM   984  C CB  A ARG A 1 122 ? -4.518  18.692  -3.332  0.50 29.85 ? 122 ARG A CB  1 
ATOM   985  C CB  B ARG A 1 122 ? -4.770  18.778  -3.188  0.50 28.87 ? 122 ARG A CB  1 
ATOM   986  C CG  A ARG A 1 122 ? -4.957  19.858  -2.465  0.50 34.26 ? 122 ARG A CG  1 
ATOM   987  C CG  B ARG A 1 122 ? -5.092  18.652  -4.681  0.50 37.32 ? 122 ARG A CG  1 
ATOM   988  C CD  A ARG A 1 122 ? -4.373  21.182  -2.955  0.50 33.83 ? 122 ARG A CD  1 
ATOM   989  C CD  B ARG A 1 122 ? -3.805  18.182  -5.391  0.50 40.48 ? 122 ARG A CD  1 
ATOM   990  N NE  A ARG A 1 122 ? -5.209  21.741  -4.030  0.50 37.37 ? 122 ARG A NE  1 
ATOM   991  N NE  B ARG A 1 122 ? -2.659  18.426  -4.513  0.50 40.95 ? 122 ARG A NE  1 
ATOM   992  C CZ  A ARG A 1 122 ? -5.831  20.959  -4.919  0.50 37.41 ? 122 ARG A CZ  1 
ATOM   993  C CZ  B ARG A 1 122 ? -1.419  18.016  -4.744  0.50 41.42 ? 122 ARG A CZ  1 
ATOM   994  N NH1 A ARG A 1 122 ? -5.114  20.097  -5.632  0.50 44.26 ? 122 ARG A NH1 1 
ATOM   995  N NH1 B ARG A 1 122 ? -1.198  16.801  -5.219  0.50 44.41 ? 122 ARG A NH1 1 
ATOM   996  N NH2 A ARG A 1 122 ? -7.134  21.049  -5.072  0.50 43.88 ? 122 ARG A NH2 1 
ATOM   997  N NH2 B ARG A 1 122 ? -0.400  18.835  -4.489  0.50 53.39 ? 122 ARG A NH2 1 
ATOM   998  N N   . GLN A 1 123 ? -5.207  17.436  -0.272  1.00 26.01 ? 123 GLN A N   1 
ATOM   999  C CA  . GLN A 1 123 ? -5.071  17.646  1.155   1.00 28.19 ? 123 GLN A CA  1 
ATOM   1000 C C   . GLN A 1 123 ? -3.994  16.805  1.795   1.00 24.96 ? 123 GLN A C   1 
ATOM   1001 O O   . GLN A 1 123 ? -3.322  17.188  2.743   1.00 26.43 ? 123 GLN A O   1 
ATOM   1002 C CB  . GLN A 1 123 ? -6.419  17.437  1.893   1.00 33.36 ? 123 GLN A CB  1 
ATOM   1003 C CG  . GLN A 1 123 ? -6.831  15.981  2.027   1.00 45.52 ? 123 GLN A CG  1 
ATOM   1004 C CD  . GLN A 1 123 ? -8.246  15.780  2.519   1.00 48.33 ? 123 GLN A CD  1 
ATOM   1005 O OE1 . GLN A 1 123 ? -9.104  15.186  1.841   1.00 50.12 ? 123 GLN A OE1 1 
ATOM   1006 N NE2 . GLN A 1 123 ? -8.507  16.184  3.761   1.00 61.45 ? 123 GLN A NE2 1 
ATOM   1007 N N   . TYR A 1 124 ? -3.829  15.586  1.279   1.00 21.23 ? 124 TYR A N   1 
ATOM   1008 C CA  . TYR A 1 124 ? -2.919  14.641  1.856   1.00 20.57 ? 124 TYR A CA  1 
ATOM   1009 C C   . TYR A 1 124 ? -1.464  15.015  1.801   1.00 17.27 ? 124 TYR A C   1 
ATOM   1010 O O   . TYR A 1 124 ? -0.651  14.586  2.625   1.00 19.70 ? 124 TYR A O   1 
ATOM   1011 C CB  . TYR A 1 124 ? -3.156  13.208  1.357   1.00 20.32 ? 124 TYR A CB  1 
ATOM   1012 C CG  . TYR A 1 124 ? -4.568  12.739  1.587   1.00 17.15 ? 124 TYR A CG  1 
ATOM   1013 C CD1 . TYR A 1 124 ? -4.997  12.353  2.849   1.00 23.75 ? 124 TYR A CD1 1 
ATOM   1014 C CD2 . TYR A 1 124 ? -5.484  12.692  0.574   1.00 19.77 ? 124 TYR A CD2 1 
ATOM   1015 C CE1 . TYR A 1 124 ? -6.283  11.919  3.053   1.00 24.75 ? 124 TYR A CE1 1 
ATOM   1016 C CE2 . TYR A 1 124 ? -6.789  12.281  0.777   1.00 21.05 ? 124 TYR A CE2 1 
ATOM   1017 C CZ  . TYR A 1 124 ? -7.193  11.918  2.029   1.00 20.92 ? 124 TYR A CZ  1 
ATOM   1018 O OH  . TYR A 1 124 ? -8.481  11.493  2.257   1.00 25.52 ? 124 TYR A OH  1 
ATOM   1019 N N   . VAL A 1 125 ? -1.069  15.870  0.850   1.00 19.87 ? 125 VAL A N   1 
ATOM   1020 C CA  . VAL A 1 125 ? 0.336   16.260  0.740   1.00 19.04 ? 125 VAL A CA  1 
ATOM   1021 C C   . VAL A 1 125 ? 0.583   17.712  1.023   1.00 21.10 ? 125 VAL A C   1 
ATOM   1022 O O   . VAL A 1 125 ? 1.708   18.197  0.972   1.00 21.37 ? 125 VAL A O   1 
ATOM   1023 C CB  . VAL A 1 125 ? 0.926   15.919  -0.634  1.00 21.60 ? 125 VAL A CB  1 
ATOM   1024 C CG1 . VAL A 1 125 ? 0.955   14.410  -0.842  1.00 23.75 ? 125 VAL A CG1 1 
ATOM   1025 C CG2 . VAL A 1 125 ? 0.118   16.616  -1.738  1.00 24.99 ? 125 VAL A CG2 1 
ATOM   1026 N N   . GLN A 1 126 ? -0.475  18.481  1.275   1.00 23.38 ? 126 GLN A N   1 
ATOM   1027 C CA  . GLN A 1 126 ? -0.245  19.912  1.473   1.00 29.06 ? 126 GLN A CA  1 
ATOM   1028 C C   . GLN A 1 126 ? 0.633   20.227  2.650   1.00 27.13 ? 126 GLN A C   1 
ATOM   1029 O O   . GLN A 1 126 ? 0.479   19.659  3.745   1.00 27.14 ? 126 GLN A O   1 
ATOM   1030 C CB  A GLN A 1 126 ? -1.606  20.614  1.589   0.50 31.28 ? 126 GLN A CB  1 
ATOM   1031 C CB  B GLN A 1 126 ? -1.553  20.673  1.469   0.50 31.69 ? 126 GLN A CB  1 
ATOM   1032 C CG  A GLN A 1 126 ? -2.339  20.322  2.891   0.50 33.72 ? 126 GLN A CG  1 
ATOM   1033 C CG  B GLN A 1 126 ? -2.630  20.072  0.603   0.50 37.39 ? 126 GLN A CG  1 
ATOM   1034 C CD  A GLN A 1 126 ? -3.100  21.548  3.386   0.50 47.22 ? 126 GLN A CD  1 
ATOM   1035 C CD  B GLN A 1 126 ? -2.505  20.372  -0.868  0.50 38.76 ? 126 GLN A CD  1 
ATOM   1036 O OE1 A GLN A 1 126 ? -4.329  21.558  3.387   0.50 45.69 ? 126 GLN A OE1 1 
ATOM   1037 O OE1 B GLN A 1 126 ? -1.426  20.417  -1.445  0.50 38.51 ? 126 GLN A OE1 1 
ATOM   1038 N NE2 A GLN A 1 126 ? -2.364  22.572  3.787   0.50 49.55 ? 126 GLN A NE2 1 
ATOM   1039 N NE2 B GLN A 1 126 ? -3.663  20.552  -1.518  0.50 43.64 ? 126 GLN A NE2 1 
ATOM   1040 N N   . GLY A 1 127 ? 1.589   21.120  2.477   1.00 25.06 ? 127 GLY A N   1 
ATOM   1041 C CA  . GLY A 1 127 ? 2.494   21.546  3.508   1.00 25.33 ? 127 GLY A CA  1 
ATOM   1042 C C   . GLY A 1 127 ? 3.649   20.630  3.796   1.00 23.89 ? 127 GLY A C   1 
ATOM   1043 O O   . GLY A 1 127 ? 4.454   20.838  4.725   1.00 25.63 ? 127 GLY A O   1 
ATOM   1044 N N   . CYS A 1 128 ? 3.799   19.542  3.037   1.00 20.90 ? 128 CYS A N   1 
ATOM   1045 C CA  . CYS A 1 128 ? 4.812   18.572  3.300   1.00 20.37 ? 128 CYS A CA  1 
ATOM   1046 C C   . CYS A 1 128 ? 6.148   18.791  2.619   1.00 21.95 ? 128 CYS A C   1 
ATOM   1047 O O   . CYS A 1 128 ? 7.094   18.052  2.968   1.00 24.45 ? 128 CYS A O   1 
ATOM   1048 C CB  . CYS A 1 128 ? 4.328   17.148  2.973   1.00 18.95 ? 128 CYS A CB  1 
ATOM   1049 S SG  . CYS A 1 128 ? 2.872   16.638  3.882   1.00 17.57 ? 128 CYS A SG  1 
ATOM   1050 N N   . GLY A 1 129 ? 6.277   19.729  1.699   1.00 27.29 ? 129 GLY A N   1 
ATOM   1051 C CA  . GLY A 1 129 ? 7.538   19.984  1.023   1.00 29.29 ? 129 GLY A CA  1 
ATOM   1052 C C   . GLY A 1 129 ? 7.837   19.034  -0.111  1.00 28.62 ? 129 GLY A C   1 
ATOM   1053 O O   . GLY A 1 129 ? 8.998   18.783  -0.435  1.00 38.50 ? 129 GLY A O   1 
ATOM   1054 N N   . VAL A 1 130 ? 6.800   18.425  -0.698  1.00 24.90 ? 130 VAL A N   1 
ATOM   1055 C CA  . VAL A 1 130 ? 6.964   17.465  -1.755  1.00 25.27 ? 130 VAL A CA  1 
ATOM   1056 C C   . VAL A 1 130 ? 6.397   17.896  -3.087  1.00 33.46 ? 130 VAL A C   1 
ATOM   1057 O O   . VAL A 1 130 ? 6.464   17.126  -4.033  1.00 31.44 ? 130 VAL A O   1 
ATOM   1058 C CB  . VAL A 1 130 ? 6.331   16.104  -1.405  1.00 25.35 ? 130 VAL A CB  1 
ATOM   1059 C CG1 . VAL A 1 130 ? 7.017   15.455  -0.236  1.00 27.59 ? 130 VAL A CG1 1 
ATOM   1060 C CG2 . VAL A 1 130 ? 4.822   16.283  -1.167  1.00 26.59 ? 130 VAL A CG2 1 
ATOM   1061 O OXT . VAL A 1 130 ? 5.917   18.923  -2.995  1.00 47.97 ? 130 VAL A OXT 1 
HETATM 1062 N N   . NO3 B 2 .   ? 3.901   15.761  9.724   1.00 25.18 ? 131 NO3 A N   1 
HETATM 1063 O O1  . NO3 B 2 .   ? 4.121   16.539  10.693  1.00 31.08 ? 131 NO3 A O1  1 
HETATM 1064 O O2  . NO3 B 2 .   ? 4.807   15.019  9.327   1.00 23.36 ? 131 NO3 A O2  1 
HETATM 1065 O O3  . NO3 B 2 .   ? 2.787   15.732  9.212   1.00 25.74 ? 131 NO3 A O3  1 
HETATM 1066 N N   . NO3 C 2 .   ? 11.341  12.297  6.837   0.60 36.19 ? 132 NO3 A N   1 
HETATM 1067 O O1  . NO3 C 2 .   ? 11.566  12.860  5.749   0.60 36.44 ? 132 NO3 A O1  1 
HETATM 1068 O O2  . NO3 C 2 .   ? 10.776  12.911  7.757   0.60 31.73 ? 132 NO3 A O2  1 
HETATM 1069 O O3  . NO3 C 2 .   ? 11.686  11.119  6.990   0.60 36.61 ? 132 NO3 A O3  1 
HETATM 1070 N N   . NO3 D 2 .   ? 6.049   -7.534  -13.159 1.00 46.79 ? 133 NO3 A N   1 
HETATM 1071 O O1  . NO3 D 2 .   ? 5.436   -6.477  -13.368 1.00 48.18 ? 133 NO3 A O1  1 
HETATM 1072 O O2  . NO3 D 2 .   ? 5.561   -8.622  -13.511 1.00 50.67 ? 133 NO3 A O2  1 
HETATM 1073 O O3  . NO3 D 2 .   ? 7.136   -7.531  -12.548 1.00 40.59 ? 133 NO3 A O3  1 
HETATM 1074 N N   . NO3 E 2 .   ? -5.444  12.730  -9.969  1.00 22.42 ? 134 NO3 A N   1 
HETATM 1075 O O1  . NO3 E 2 .   ? -4.218  12.632  -10.077 1.00 25.10 ? 134 NO3 A O1  1 
HETATM 1076 O O2  . NO3 E 2 .   ? -6.075  13.578  -10.568 1.00 28.80 ? 134 NO3 A O2  1 
HETATM 1077 O O3  . NO3 E 2 .   ? -6.085  11.913  -9.274  1.00 22.28 ? 134 NO3 A O3  1 
HETATM 1078 N N   . NO3 F 2 .   ? 4.085   -13.370 -10.808 0.50 52.31 ? 135 NO3 A N   1 
HETATM 1079 O O1  . NO3 F 2 .   ? 3.670   -12.233 -11.057 0.50 51.15 ? 135 NO3 A O1  1 
HETATM 1080 O O2  . NO3 F 2 .   ? 3.292   -14.267 -10.487 0.50 52.89 ? 135 NO3 A O2  1 
HETATM 1081 O O3  . NO3 F 2 .   ? 5.290   -13.625 -10.947 0.50 52.21 ? 135 NO3 A O3  1 
HETATM 1082 N N   . NO3 G 2 .   ? 11.354  3.376   -9.552  1.00 49.44 ? 136 NO3 A N   1 
HETATM 1083 O O1  . NO3 G 2 .   ? 11.137  4.304   -8.772  1.00 47.55 ? 136 NO3 A O1  1 
HETATM 1084 O O2  . NO3 G 2 .   ? 11.783  3.597   -10.701 1.00 50.26 ? 136 NO3 A O2  1 
HETATM 1085 O O3  . NO3 G 2 .   ? 11.160  2.204   -9.201  1.00 51.03 ? 136 NO3 A O3  1 
HETATM 1086 N N   . NO3 H 2 .   ? 12.647  -2.445  10.661  1.00 42.82 ? 137 NO3 A N   1 
HETATM 1087 O O1  . NO3 H 2 .   ? 11.629  -2.662  11.328  1.00 40.73 ? 137 NO3 A O1  1 
HETATM 1088 O O2  . NO3 H 2 .   ? 12.527  -2.176  9.472   1.00 37.24 ? 137 NO3 A O2  1 
HETATM 1089 O O3  . NO3 H 2 .   ? 13.777  -2.460  11.196  1.00 53.35 ? 137 NO3 A O3  1 
HETATM 1090 O O   . HOH I 3 .   ? 6.659   -15.969 4.613   1.00 14.16 ? 138 HOH A O   1 
HETATM 1091 O O   . HOH I 3 .   ? 1.937   -2.873  3.005   1.00 14.02 ? 139 HOH A O   1 
HETATM 1092 O O   . HOH I 3 .   ? 8.535   -3.043  4.100   1.00 15.10 ? 140 HOH A O   1 
HETATM 1093 O O   . HOH I 3 .   ? 3.960   -2.128  5.302   1.00 17.00 ? 141 HOH A O   1 
HETATM 1094 O O   . HOH I 3 .   ? 0.377   -16.487 1.206   0.99 16.74 ? 142 HOH A O   1 
HETATM 1095 O O   . HOH I 3 .   ? -7.854  10.786  -6.869  1.00 18.70 ? 143 HOH A O   1 
HETATM 1096 O O   . HOH I 3 .   ? 9.111   10.012  -6.277  1.00 19.52 ? 144 HOH A O   1 
HETATM 1097 O O   . HOH I 3 .   ? -3.644  -15.505 5.871   1.00 17.46 ? 145 HOH A O   1 
HETATM 1098 O O   . HOH I 3 .   ? 6.348   -2.196  11.971  1.00 22.63 ? 146 HOH A O   1 
HETATM 1099 O O   . HOH I 3 .   ? 6.585   -2.063  6.038   1.00 18.64 ? 147 HOH A O   1 
HETATM 1100 O O   . HOH I 3 .   ? -8.911  -2.012  -0.123  1.00 24.56 ? 148 HOH A O   1 
HETATM 1101 O O   . HOH I 3 .   ? 11.808  -2.865  3.843   0.93 23.17 ? 149 HOH A O   1 
HETATM 1102 O O   . HOH I 3 .   ? 0.949   14.701  -5.515  1.00 26.54 ? 150 HOH A O   1 
HETATM 1103 O O   . HOH I 3 .   ? -3.174  -3.648  -10.262 1.00 21.39 ? 151 HOH A O   1 
HETATM 1104 O O   . HOH I 3 .   ? 11.103  -11.647 2.270   1.00 32.57 ? 152 HOH A O   1 
HETATM 1105 O O   . HOH I 3 .   ? 0.127   -19.336 1.437   1.00 21.63 ? 153 HOH A O   1 
HETATM 1106 O O   . HOH I 3 .   ? 2.943   0.494   14.309  0.89 22.30 ? 154 HOH A O   1 
HETATM 1107 O O   . HOH I 3 .   ? 8.758   -3.590  -7.914  0.99 24.21 ? 155 HOH A O   1 
HETATM 1108 O O   . HOH I 3 .   ? 8.423   -7.958  10.324  1.00 23.31 ? 156 HOH A O   1 
HETATM 1109 O O   . HOH I 3 .   ? -3.683  -6.255  -1.959  0.90 24.28 ? 157 HOH A O   1 
HETATM 1110 O O   . HOH I 3 .   ? 7.517   15.873  9.862   1.00 25.50 ? 158 HOH A O   1 
HETATM 1111 O O   . HOH I 3 .   ? -2.770  14.453  -7.036  1.00 29.90 ? 159 HOH A O   1 
HETATM 1112 O O   . HOH I 3 .   ? 11.891  0.074   -2.471  0.92 24.96 ? 160 HOH A O   1 
HETATM 1113 O O   . HOH I 3 .   ? 0.741   -14.985 -2.275  0.99 26.56 ? 161 HOH A O   1 
HETATM 1114 O O   . HOH I 3 .   ? 11.072  3.517   5.410   1.00 33.03 ? 162 HOH A O   1 
HETATM 1115 O O   . HOH I 3 .   ? -7.638  -4.384  5.023   1.00 31.94 ? 163 HOH A O   1 
HETATM 1116 O O   . HOH I 3 .   ? -5.407  -18.333 6.348   1.00 29.17 ? 164 HOH A O   1 
HETATM 1117 O O   . HOH I 3 .   ? -0.933  2.692   -12.992 1.00 30.50 ? 165 HOH A O   1 
HETATM 1118 O O   . HOH I 3 .   ? -3.864  12.543  6.808   1.00 27.07 ? 166 HOH A O   1 
HETATM 1119 O O   . HOH I 3 .   ? -9.251  10.359  -9.227  0.89 22.89 ? 167 HOH A O   1 
HETATM 1120 O O   . HOH I 3 .   ? -0.798  -13.609 9.881   1.00 26.40 ? 168 HOH A O   1 
HETATM 1121 O O   . HOH I 3 .   ? -3.826  -13.810 9.684   0.96 27.56 ? 169 HOH A O   1 
HETATM 1122 O O   . HOH I 3 .   ? -0.116  9.641   11.989  0.79 25.18 ? 170 HOH A O   1 
HETATM 1123 O O   . HOH I 3 .   ? 11.256  0.320   -5.143  0.96 30.81 ? 171 HOH A O   1 
HETATM 1124 O O   . HOH I 3 .   ? -7.950  -12.127 -1.461  1.00 32.32 ? 172 HOH A O   1 
HETATM 1125 O O   . HOH I 3 .   ? 11.476  7.516   6.732   0.96 40.30 ? 173 HOH A O   1 
HETATM 1126 O O   . HOH I 3 .   ? -4.496  -6.000  -9.845  1.00 34.60 ? 174 HOH A O   1 
HETATM 1127 O O   . HOH I 3 .   ? 8.544   0.808   16.164  0.87 27.11 ? 175 HOH A O   1 
HETATM 1128 O O   . HOH I 3 .   ? 9.967   -0.408  -11.361 0.96 50.52 ? 176 HOH A O   1 
HETATM 1129 O O   . HOH I 3 .   ? 10.843  4.171   8.709   1.00 34.96 ? 177 HOH A O   1 
HETATM 1130 O O   . HOH I 3 .   ? 5.250   4.674   15.984  1.00 41.31 ? 178 HOH A O   1 
HETATM 1131 O O   . HOH I 3 .   ? -10.099 11.367  0.069   1.00 36.67 ? 179 HOH A O   1 
HETATM 1132 O O   . HOH I 3 .   ? -8.196  13.571  -7.823  0.82 35.11 ? 180 HOH A O   1 
HETATM 1133 O O   . HOH I 3 .   ? 0.162   13.007  10.834  0.96 44.39 ? 181 HOH A O   1 
HETATM 1134 O O   . HOH I 3 .   ? 3.675   19.513  -0.301  1.00 35.11 ? 182 HOH A O   1 
HETATM 1135 O O   . HOH I 3 .   ? 5.257   -5.054  13.056  1.00 62.41 ? 183 HOH A O   1 
HETATM 1136 O O   . HOH I 3 .   ? -5.117  -5.750  -13.370 0.94 40.36 ? 184 HOH A O   1 
HETATM 1137 O O   . HOH I 3 .   ? 0.052   -11.328 12.038  1.00 43.92 ? 185 HOH A O   1 
HETATM 1138 O O   . HOH I 3 .   ? -8.609  -4.140  -1.828  1.00 53.66 ? 186 HOH A O   1 
HETATM 1139 O O   . HOH I 3 .   ? -1.152  -11.621 -8.266  0.96 35.55 ? 187 HOH A O   1 
HETATM 1140 O O   . HOH I 3 .   ? -8.147  -9.056  11.513  1.00 49.77 ? 188 HOH A O   1 
HETATM 1141 O O   . HOH I 3 .   ? 10.617  3.111   13.846  1.00 56.37 ? 189 HOH A O   1 
HETATM 1142 O O   . HOH I 3 .   ? -2.323  -8.766  -18.050 1.00 40.41 ? 190 HOH A O   1 
HETATM 1143 O O   . HOH I 3 .   ? 4.497   15.895  -5.922  0.70 43.56 ? 191 HOH A O   1 
HETATM 1144 O O   . HOH I 3 .   ? 3.640   7.833   15.692  0.87 48.65 ? 192 HOH A O   1 
HETATM 1145 O O   . HOH I 3 .   ? 12.576  -0.216  13.549  0.88 39.92 ? 193 HOH A O   1 
HETATM 1146 O O   . HOH I 3 .   ? -2.348  7.759   11.895  0.94 38.97 ? 194 HOH A O   1 
HETATM 1147 O O   . HOH I 3 .   ? 3.353   1.385   16.659  0.99 52.52 ? 195 HOH A O   1 
HETATM 1148 O O   . HOH I 3 .   ? -13.696 9.577   3.507   1.00 48.60 ? 196 HOH A O   1 
HETATM 1149 O O   . HOH I 3 .   ? -2.504  -22.806 3.013   1.00 53.94 ? 197 HOH A O   1 
HETATM 1150 O O   . HOH I 3 .   ? 8.497   13.397  11.528  1.00 58.69 ? 198 HOH A O   1 
HETATM 1151 O O   . HOH I 3 .   ? -5.329  -18.055 -6.460  0.80 54.46 ? 199 HOH A O   1 
HETATM 1152 O O   . HOH I 3 .   ? -5.016  15.422  5.874   1.00 61.09 ? 200 HOH A O   1 
HETATM 1153 O O   . HOH I 3 .   ? 4.524   -15.793 -8.771  1.00 49.29 ? 201 HOH A O   1 
HETATM 1154 O O   . HOH I 3 .   ? 11.035  -1.681  -7.380  1.00 57.44 ? 202 HOH A O   1 
HETATM 1155 O O   . HOH I 3 .   ? -8.858  16.771  -10.352 1.00 48.79 ? 203 HOH A O   1 
HETATM 1156 O O   . HOH I 3 .   ? 11.380  20.025  -0.312  1.00 55.05 ? 204 HOH A O   1 
HETATM 1157 O O   . HOH I 3 .   ? -9.954  -10.209 0.453   1.00 47.28 ? 205 HOH A O   1 
HETATM 1158 O O   . HOH I 3 .   ? -9.777  13.052  -10.281 0.82 40.78 ? 206 HOH A O   1 
HETATM 1159 O O   . HOH I 3 .   ? 2.173   -20.493 0.336   0.85 56.52 ? 207 HOH A O   1 
HETATM 1160 O O   . HOH I 3 .   ? 6.552   8.547   13.200  0.71 29.23 ? 208 HOH A O   1 
HETATM 1161 O O   . HOH I 3 .   ? 10.356  -10.314 8.990   0.50 39.96 ? 209 HOH A O   1 
HETATM 1162 O O   . HOH I 3 .   ? -15.686 -0.648  -8.451  1.00 47.39 ? 210 HOH A O   1 
HETATM 1163 O O   . HOH I 3 .   ? -13.200 2.301   2.643   1.00 49.68 ? 211 HOH A O   1 
HETATM 1164 O O   . HOH I 3 .   ? 9.725   6.812   -9.980  1.00 59.26 ? 212 HOH A O   1 
HETATM 1165 O O   . HOH I 3 .   ? -0.083  -10.230 -12.196 0.95 49.35 ? 213 HOH A O   1 
HETATM 1166 O O   . HOH I 3 .   ? -3.879  0.770   11.756  0.86 34.90 ? 214 HOH A O   1 
HETATM 1167 O O   . HOH I 3 .   ? 4.875   -21.399 1.947   0.91 45.96 ? 215 HOH A O   1 
HETATM 1168 O O   . HOH I 3 .   ? 5.497   -4.880  15.772  0.78 63.60 ? 216 HOH A O   1 
HETATM 1169 O O   . HOH I 3 .   ? -8.174  17.466  -0.825  1.00 48.81 ? 217 HOH A O   1 
HETATM 1170 O O   . HOH I 3 .   ? 11.170  5.907   12.694  1.00 60.11 ? 218 HOH A O   1 
HETATM 1171 O O   . HOH I 3 .   ? -1.081  -21.954 -0.826  0.95 46.46 ? 219 HOH A O   1 
HETATM 1172 O O   . HOH I 3 .   ? 11.199  21.697  -2.422  1.00 65.86 ? 220 HOH A O   1 
HETATM 1173 O O   . HOH I 3 .   ? -0.998  21.433  6.932   0.97 56.60 ? 221 HOH A O   1 
HETATM 1174 O O   . HOH I 3 .   ? -5.291  -7.377  -5.441  1.00 51.46 ? 222 HOH A O   1 
HETATM 1175 O O   . HOH I 3 .   ? -8.075  -3.502  2.634   1.00 53.70 ? 223 HOH A O   1 
HETATM 1176 O O   . HOH I 3 .   ? 11.655  13.219  -0.214  0.73 36.39 ? 224 HOH A O   1 
HETATM 1177 O O   . HOH I 3 .   ? -16.562 8.407   6.706   1.00 54.33 ? 225 HOH A O   1 
HETATM 1178 O O   . HOH I 3 .   ? 7.935   6.635   14.850  1.00 58.98 ? 226 HOH A O   1 
HETATM 1179 O O   . HOH I 3 .   ? -11.726 15.782  -9.696  1.00 53.96 ? 227 HOH A O   1 
HETATM 1180 O O   . HOH I 3 .   ? 1.397   -9.481  17.049  1.00 62.67 ? 228 HOH A O   1 
HETATM 1181 O O   . HOH I 3 .   ? 11.686  16.518  0.496   1.00 53.75 ? 229 HOH A O   1 
HETATM 1182 O O   . HOH I 3 .   ? 11.450  -6.316  -2.274  1.00 55.31 ? 230 HOH A O   1 
HETATM 1183 O O   . HOH I 3 .   ? -6.723  16.415  -6.181  0.72 59.13 ? 231 HOH A O   1 
HETATM 1184 O O   . HOH I 3 .   ? -13.477 -11.117 8.361   1.00 54.10 ? 232 HOH A O   1 
HETATM 1185 O O   . HOH I 3 .   ? 10.756  -9.985  -6.838  0.85 60.39 ? 233 HOH A O   1 
HETATM 1186 O O   . HOH I 3 .   ? 7.236   5.021   -13.646 1.00 61.49 ? 234 HOH A O   1 
HETATM 1187 O O   . HOH I 3 .   ? 11.417  -9.828  -4.069  0.85 45.15 ? 235 HOH A O   1 
HETATM 1188 O O   . HOH I 3 .   ? -15.161 5.661   -7.326  0.88 58.06 ? 236 HOH A O   1 
HETATM 1189 O O   . HOH I 3 .   ? -3.124  3.612   13.456  0.93 64.80 ? 237 HOH A O   1 
HETATM 1190 O O   . HOH I 3 .   ? 9.921   4.618   16.059  1.00 61.26 ? 238 HOH A O   1 
HETATM 1191 O O   . HOH I 3 .   ? 1.973   22.408  -0.015  0.99 62.16 ? 239 HOH A O   1 
HETATM 1192 O O   . HOH I 3 .   ? -12.492 10.171  1.367   0.82 63.11 ? 240 HOH A O   1 
HETATM 1193 O O   . HOH I 3 .   ? -3.867  -10.182 -8.842  0.77 59.20 ? 241 HOH A O   1 
HETATM 1194 O O   . HOH I 3 .   ? -8.677  -2.425  12.446  0.81 60.36 ? 242 HOH A O   1 
HETATM 1195 O O   . HOH I 3 .   ? -10.150 -9.150  -8.027  0.81 59.53 ? 243 HOH A O   1 
HETATM 1196 O O   . HOH I 3 .   ? 9.171   10.997  -9.042  0.76 61.20 ? 244 HOH A O   1 
HETATM 1197 O O   . HOH I 3 .   ? -10.425 -2.342  1.956   1.00 55.88 ? 245 HOH A O   1 
HETATM 1198 O O   . HOH I 3 .   ? 1.193   -23.236 1.905   0.60 62.14 ? 246 HOH A O   1 
HETATM 1199 O O   . HOH I 3 .   ? 6.679   22.036  -2.156  0.72 63.34 ? 247 HOH A O   1 
HETATM 1200 O O   . HOH I 3 .   ? 9.948   1.676   -14.363 0.75 53.57 ? 248 HOH A O   1 
HETATM 1201 O O   . HOH I 3 .   ? -12.278 -8.694  8.149   0.81 60.45 ? 249 HOH A O   1 
HETATM 1202 O O   . HOH I 3 .   ? -4.974  -9.960  10.423  0.66 64.05 ? 250 HOH A O   1 
HETATM 1203 O O   . HOH I 3 .   ? -4.442  -4.622  -3.861  0.63 36.45 ? 251 HOH A O   1 
HETATM 1204 O O   . HOH I 3 .   ? -15.837 -7.808  3.741   0.73 63.73 ? 252 HOH A O   1 
HETATM 1205 O O   . HOH I 3 .   ? -9.965  -8.994  -12.922 0.73 62.89 ? 253 HOH A O   1 
HETATM 1206 O O   . HOH I 3 .   ? -15.752 0.132   1.953   0.79 60.77 ? 254 HOH A O   1 
HETATM 1207 O O   . HOH I 3 .   ? -16.953 -14.304 6.747   0.88 64.18 ? 255 HOH A O   1 
HETATM 1208 O O   . HOH I 3 .   ? 6.453   -16.919 -5.954  0.97 58.92 ? 256 HOH A O   1 
HETATM 1209 O O   . HOH I 3 .   ? 10.790  6.095   -15.078 0.72 64.57 ? 257 HOH A O   1 
HETATM 1210 O O   . HOH I 3 .   ? 13.485  19.015  -1.142  0.66 53.04 ? 258 HOH A O   1 
HETATM 1211 O O   . HOH I 3 .   ? 7.317   -17.967 -10.118 0.61 54.10 ? 259 HOH A O   1 
HETATM 1212 O O   . HOH I 3 .   ? 8.124   8.471   -10.935 0.71 42.92 ? 260 HOH A O   1 
HETATM 1213 O O   . HOH I 3 .   ? 10.201  -4.058  -13.098 0.59 66.12 ? 261 HOH A O   1 
HETATM 1214 O O   . HOH I 3 .   ? 2.466   -6.172  -15.704 0.60 58.39 ? 262 HOH A O   1 
HETATM 1215 O O   . HOH I 3 .   ? 0.079   23.288  5.727   0.55 47.64 ? 263 HOH A O   1 
HETATM 1216 O O   . HOH I 3 .   ? 14.391  -3.304  5.764   0.97 58.54 ? 264 HOH A O   1 
HETATM 1217 O O   . HOH I 3 .   ? -12.181 11.798  3.184   0.66 62.81 ? 265 HOH A O   1 
HETATM 1218 O O   . HOH I 3 .   ? -6.602  -7.728  16.021  0.73 62.39 ? 266 HOH A O   1 
HETATM 1219 O O   . HOH I 3 .   ? -10.828 8.072   -12.346 0.71 64.92 ? 267 HOH A O   1 
HETATM 1220 O O   . HOH I 3 .   ? 15.976  -5.748  -5.133  0.58 59.98 ? 268 HOH A O   1 
HETATM 1221 O O   . HOH I 3 .   ? -6.462  -5.493  -2.630  0.54 56.99 ? 269 HOH A O   1 
HETATM 1222 O O   . HOH I 3 .   ? -11.268 -1.233  9.751   0.50 59.82 ? 270 HOH A O   1 
HETATM 1223 O O   . HOH I 3 .   ? -11.264 3.511   -14.107 0.51 57.21 ? 271 HOH A O   1 
HETATM 1224 O O   . HOH I 3 .   ? -7.707  -13.044 13.055  0.48 58.50 ? 272 HOH A O   1 
HETATM 1225 O O   . HOH I 3 .   ? -12.645 -7.146  12.499  0.52 66.84 ? 273 HOH A O   1 
HETATM 1226 O O   A HOH I 3 .   ? 6.360   -16.411 -12.306 0.63 29.59 ? 274 HOH A O   1 
HETATM 1227 O O   B HOH I 3 .   ? 7.217   -14.987 -12.072 0.37 34.54 ? 274 HOH A O   1 
HETATM 1228 O O   A HOH I 3 .   ? 8.058   -6.894  -5.233  0.51 28.23 ? 275 HOH A O   1 
HETATM 1229 O O   B HOH I 3 .   ? 8.705   -7.277  -4.162  0.49 30.56 ? 275 HOH A O   1 
HETATM 1230 O O   A HOH I 3 .   ? 4.755   23.074  6.301   0.65 25.61 ? 276 HOH A O   1 
HETATM 1231 O O   B HOH I 3 .   ? 4.191   23.492  5.248   0.35 27.07 ? 276 HOH A O   1 
HETATM 1232 O O   A HOH I 3 .   ? -13.744 -11.966 4.332   0.67 38.25 ? 277 HOH A O   1 
HETATM 1233 O O   B HOH I 3 .   ? -13.331 -12.560 3.087   0.33 33.22 ? 277 HOH A O   1 
HETATM 1234 O O   A HOH I 3 .   ? -6.064  -8.117  -3.084  0.57 43.56 ? 278 HOH A O   1 
HETATM 1235 O O   B HOH I 3 .   ? -7.592  -8.182  -2.110  0.44 57.17 ? 278 HOH A O   1 
HETATM 1236 O O   A HOH I 3 .   ? -6.057  -5.591  0.196   0.60 25.48 ? 279 HOH A O   1 
HETATM 1237 O O   B HOH I 3 .   ? -6.331  -4.061  0.837   0.40 25.87 ? 279 HOH A O   1 
HETATM 1238 O O   A HOH I 3 .   ? -1.370  -5.898  -21.412 0.49 45.70 ? 280 HOH A O   1 
HETATM 1239 O O   B HOH I 3 .   ? -1.151  -4.710  -19.957 0.51 44.06 ? 280 HOH A O   1 
HETATM 1240 O O   A HOH I 3 .   ? -4.421  10.108  9.681   0.49 28.62 ? 281 HOH A O   1 
HETATM 1241 O O   B HOH I 3 .   ? -4.491  8.720   9.769   0.51 28.08 ? 281 HOH A O   1 
HETATM 1242 O O   A HOH I 3 .   ? -5.546  -1.422  11.472  0.45 49.40 ? 282 HOH A O   1 
HETATM 1243 O O   B HOH I 3 .   ? -6.018  -1.100  9.021   0.55 43.63 ? 282 HOH A O   1 
HETATM 1244 O O   A HOH I 3 .   ? -9.904  0.247   4.454   0.55 37.22 ? 283 HOH A O   1 
HETATM 1245 O O   B HOH I 3 .   ? -8.455  -1.035  6.182   0.45 39.39 ? 283 HOH A O   1 
HETATM 1246 O O   A HOH I 3 .   ? -8.373  -8.165  0.681   0.47 35.60 ? 284 HOH A O   1 
HETATM 1247 O O   B HOH I 3 .   ? -9.017  -7.243  1.443   0.53 34.18 ? 284 HOH A O   1 
HETATM 1248 O O   A HOH I 3 .   ? 7.352   -9.647  -9.646  0.40 34.25 ? 285 HOH A O   1 
HETATM 1249 O O   B HOH I 3 .   ? 5.140   -11.488 -10.570 0.60 28.47 ? 285 HOH A O   1 
HETATM 1250 O O   A HOH I 3 .   ? 8.172   -7.649  -8.542  0.44 38.83 ? 286 HOH A O   1 
HETATM 1251 O O   B HOH I 3 .   ? 8.354   -9.959  -7.872  0.56 35.35 ? 286 HOH A O   1 
HETATM 1252 O O   A HOH I 3 .   ? -1.735  8.948   14.037  0.50 55.30 ? 287 HOH A O   1 
HETATM 1253 O O   B HOH I 3 .   ? -0.246  8.883   16.704  0.50 59.09 ? 287 HOH A O   1 
# 
